data_2XQ9
#
_entry.id   2XQ9
#
_cell.length_a   183.314
_cell.length_b   128.310
_cell.length_c   164.374
_cell.angle_alpha   90.00
_cell.angle_beta   104.04
_cell.angle_gamma   90.00
#
_symmetry.space_group_name_H-M   'C 1 2 1'
#
loop_
_entity.id
_entity.type
_entity.pdbx_description
1 polymer 'GLR4197 PROTEIN'
2 non-polymer ARSENIC
#
_entity_poly.entity_id   1
_entity_poly.type   'polypeptide(L)'
_entity_poly.pdbx_seq_one_letter_code
;GQDMVSPPPPIADEPLTVNTGIYLIECYSLDDKAETFKVNAFLSLSWKDRRLAFDPVRSGVRVKTYEPEAIWIPEIRFVN
VENARDADVVDISVSPDGTVQYLERFSARVLSPLDFRRYPFDSQTLHIYLIVRSVDTRNIVLAVDLEKVGKNDDVFLTGW
DIESFTAVVKPANFALEDRLESKLDYQLRISRQYFSYIPNIILPMLFILFISWTAFWSTSYDANVTLVVSTLIAHIAFNI
LVETNLPKTPYMTYTGAIIFMIYLFYFVAVIEVTVQHYLKVESQPARAASITRASRIAFPVVFLLANIILAFLFFGF
;
_entity_poly.pdbx_strand_id   A,B,C,D,E
#
loop_
_chem_comp.id
_chem_comp.type
_chem_comp.name
_chem_comp.formula
ARS non-polymer ARSENIC As
#
# COMPACT_ATOMS: atom_id res chain seq x y z
N PRO A 8 -9.22 -9.32 -42.09
CA PRO A 8 -8.79 -9.66 -43.45
C PRO A 8 -7.35 -10.21 -43.54
N PRO A 9 -7.11 -11.48 -43.15
CA PRO A 9 -5.75 -12.04 -43.09
C PRO A 9 -5.09 -12.28 -44.45
N PRO A 10 -3.75 -12.24 -44.51
CA PRO A 10 -2.99 -12.37 -45.75
C PRO A 10 -2.98 -13.81 -46.24
N ILE A 11 -3.59 -14.02 -47.41
CA ILE A 11 -3.71 -15.36 -47.99
C ILE A 11 -2.34 -15.94 -48.34
N ALA A 12 -1.69 -16.53 -47.35
CA ALA A 12 -0.39 -17.17 -47.56
C ALA A 12 -0.57 -18.40 -48.45
N ASP A 13 0.48 -19.20 -48.63
CA ASP A 13 0.34 -20.49 -49.31
C ASP A 13 0.63 -21.63 -48.34
N GLU A 14 1.18 -21.26 -47.20
CA GLU A 14 1.42 -22.18 -46.09
C GLU A 14 1.37 -21.42 -44.77
N PRO A 15 1.85 -22.06 -43.68
CA PRO A 15 1.93 -21.29 -42.43
C PRO A 15 2.65 -19.97 -42.63
N LEU A 16 1.94 -18.89 -42.33
CA LEU A 16 2.47 -17.54 -42.37
C LEU A 16 3.40 -17.29 -41.21
N THR A 17 4.67 -17.12 -41.53
CA THR A 17 5.65 -16.78 -40.51
C THR A 17 5.53 -15.31 -40.14
N VAL A 18 5.49 -15.02 -38.84
CA VAL A 18 5.50 -13.64 -38.39
C VAL A 18 6.76 -13.41 -37.58
N ASN A 19 7.51 -12.36 -37.93
CA ASN A 19 8.85 -12.17 -37.39
C ASN A 19 8.98 -11.17 -36.24
N THR A 20 9.12 -11.72 -35.03
CA THR A 20 9.12 -10.96 -33.79
C THR A 20 10.49 -10.45 -33.38
N GLY A 21 10.52 -9.61 -32.33
CA GLY A 21 11.74 -9.04 -31.79
C GLY A 21 11.50 -7.97 -30.75
N ILE A 22 12.06 -8.17 -29.56
CA ILE A 22 11.87 -7.22 -28.45
C ILE A 22 13.14 -6.42 -28.18
N TYR A 23 12.99 -5.09 -28.04
CA TYR A 23 14.10 -4.26 -27.62
C TYR A 23 13.84 -3.59 -26.24
N LEU A 24 14.33 -4.22 -25.17
CA LEU A 24 14.17 -3.65 -23.83
C LEU A 24 14.67 -2.22 -23.83
N ILE A 25 13.85 -1.32 -23.32
CA ILE A 25 14.25 0.08 -23.26
C ILE A 25 14.41 0.45 -21.81
N GLU A 26 13.40 0.09 -21.04
CA GLU A 26 13.40 0.29 -19.61
C GLU A 26 13.12 -1.05 -18.92
N CYS A 27 13.69 -1.24 -17.75
CA CYS A 27 13.51 -2.49 -17.00
C CYS A 27 13.57 -2.21 -15.50
N TYR A 28 12.54 -2.62 -14.77
CA TYR A 28 12.39 -2.12 -13.42
C TYR A 28 11.41 -2.89 -12.53
N SER A 29 11.25 -2.40 -11.29
CA SER A 29 10.32 -2.96 -10.30
C SER A 29 10.26 -4.47 -10.29
N LEU A 30 11.43 -5.10 -10.26
CA LEU A 30 11.48 -6.53 -9.94
C LEU A 30 11.07 -6.69 -8.48
N ASP A 31 10.07 -7.53 -8.29
CA ASP A 31 9.37 -7.67 -7.01
C ASP A 31 9.49 -9.07 -6.50
N ASP A 32 10.49 -9.33 -5.66
CA ASP A 32 10.77 -10.68 -5.17
C ASP A 32 9.53 -11.31 -4.51
N LYS A 33 8.73 -10.48 -3.82
CA LYS A 33 7.55 -10.98 -3.12
C LYS A 33 6.50 -11.48 -4.09
N ALA A 34 6.19 -10.66 -5.10
CA ALA A 34 5.12 -10.95 -6.06
C ALA A 34 5.59 -11.82 -7.22
N GLU A 35 6.90 -11.89 -7.39
CA GLU A 35 7.52 -12.58 -8.51
C GLU A 35 7.09 -11.94 -9.85
N THR A 36 7.36 -10.65 -10.00
CA THR A 36 7.00 -9.94 -11.19
C THR A 36 8.06 -8.91 -11.52
N PHE A 37 7.97 -8.36 -12.72
CA PHE A 37 8.78 -7.21 -13.04
C PHE A 37 8.13 -6.40 -14.13
N LYS A 38 8.46 -5.12 -14.14
CA LYS A 38 7.93 -4.21 -15.10
C LYS A 38 8.92 -4.16 -16.26
N VAL A 39 8.41 -4.04 -17.49
CA VAL A 39 9.31 -3.86 -18.62
C VAL A 39 8.71 -2.92 -19.65
N ASN A 40 9.58 -2.20 -20.35
CA ASN A 40 9.13 -1.25 -21.35
C ASN A 40 10.08 -1.41 -22.53
N ALA A 41 9.59 -2.03 -23.58
CA ALA A 41 10.45 -2.30 -24.72
C ALA A 41 9.75 -2.09 -26.05
N PHE A 42 10.49 -2.34 -27.12
CA PHE A 42 9.95 -2.29 -28.48
C PHE A 42 9.47 -3.67 -28.78
N LEU A 43 8.33 -3.76 -29.46
CA LEU A 43 7.94 -5.01 -30.11
C LEU A 43 7.97 -4.80 -31.62
N SER A 44 8.63 -5.72 -32.33
CA SER A 44 8.75 -5.61 -33.77
C SER A 44 8.18 -6.87 -34.44
N LEU A 45 7.45 -6.67 -35.52
CA LEU A 45 6.81 -7.79 -36.23
C LEU A 45 6.94 -7.63 -37.74
N SER A 46 7.10 -8.76 -38.44
CA SER A 46 7.17 -8.76 -39.91
C SER A 46 6.44 -9.94 -40.56
N TRP A 47 5.78 -9.68 -41.68
CA TRP A 47 5.13 -10.76 -42.40
C TRP A 47 4.87 -10.34 -43.84
N LYS A 48 4.82 -11.31 -44.74
CA LYS A 48 4.46 -11.00 -46.12
C LYS A 48 2.95 -11.11 -46.34
N ASP A 49 2.36 -9.96 -46.66
CA ASP A 49 0.96 -9.85 -47.02
C ASP A 49 0.90 -9.46 -48.49
N ARG A 50 1.10 -10.44 -49.37
CA ARG A 50 1.18 -10.22 -50.83
C ARG A 50 0.19 -9.20 -51.39
N ARG A 51 -0.98 -9.09 -50.77
CA ARG A 51 -1.99 -8.10 -51.17
C ARG A 51 -1.45 -6.67 -51.13
N LEU A 52 -0.71 -6.33 -50.07
CA LEU A 52 -0.16 -4.99 -49.86
C LEU A 52 0.92 -4.60 -50.88
N ALA A 53 1.33 -5.59 -51.68
CA ALA A 53 2.34 -5.38 -52.72
C ALA A 53 1.99 -4.23 -53.70
N PHE A 54 3.01 -3.52 -54.16
CA PHE A 54 2.76 -2.33 -54.97
C PHE A 54 3.98 -2.01 -55.81
N ASP A 55 3.74 -1.99 -57.11
CA ASP A 55 4.57 -1.32 -58.10
C ASP A 55 5.15 -0.10 -57.40
N PRO A 56 6.48 -0.05 -57.25
CA PRO A 56 7.10 1.12 -56.61
C PRO A 56 7.09 2.20 -57.68
N VAL A 57 7.53 1.85 -58.88
CA VAL A 57 7.63 2.80 -59.99
C VAL A 57 6.30 3.52 -60.33
N ARG A 58 5.21 2.76 -60.45
CA ARG A 58 3.89 3.33 -60.72
C ARG A 58 3.33 4.10 -59.51
N SER A 59 3.82 3.78 -58.31
CA SER A 59 3.37 4.46 -57.10
C SER A 59 4.46 5.36 -56.52
N GLY A 60 4.29 5.76 -55.26
CA GLY A 60 5.20 6.68 -54.61
C GLY A 60 6.68 6.39 -54.39
N VAL A 61 6.99 5.49 -53.46
CA VAL A 61 8.38 5.25 -53.12
C VAL A 61 8.66 3.82 -52.67
N ARG A 62 9.79 3.64 -51.99
CA ARG A 62 10.21 2.32 -51.53
C ARG A 62 9.07 1.64 -50.80
N VAL A 63 8.62 2.28 -49.72
CA VAL A 63 7.57 1.75 -48.87
C VAL A 63 6.48 2.77 -48.63
N LYS A 64 5.27 2.26 -48.40
CA LYS A 64 4.15 3.08 -47.98
C LYS A 64 3.80 2.77 -46.52
N THR A 65 3.38 3.78 -45.78
CA THR A 65 3.01 3.57 -44.39
C THR A 65 1.49 3.59 -44.19
N TYR A 66 1.00 2.66 -43.37
CA TYR A 66 -0.42 2.55 -43.06
C TYR A 66 -0.72 2.74 -41.58
N GLU A 67 -1.98 3.13 -41.31
CA GLU A 67 -2.50 3.09 -39.96
C GLU A 67 -2.89 1.63 -39.71
N PRO A 68 -2.89 1.21 -38.42
CA PRO A 68 -3.22 -0.15 -38.00
C PRO A 68 -4.57 -0.67 -38.51
N GLU A 69 -5.55 0.22 -38.60
CA GLU A 69 -6.89 -0.18 -39.05
C GLU A 69 -6.85 -0.70 -40.48
N ALA A 70 -6.09 -0.02 -41.35
CA ALA A 70 -6.01 -0.38 -42.77
C ALA A 70 -5.51 -1.81 -43.04
N ILE A 71 -4.38 -2.15 -42.43
CA ILE A 71 -3.74 -3.44 -42.65
C ILE A 71 -4.32 -4.49 -41.74
N TRP A 72 -4.36 -5.73 -42.23
CA TRP A 72 -4.53 -6.86 -41.34
C TRP A 72 -3.26 -7.03 -40.52
N ILE A 73 -3.42 -7.09 -39.19
CA ILE A 73 -2.26 -7.24 -38.32
C ILE A 73 -2.49 -8.32 -37.28
N PRO A 74 -1.49 -9.20 -37.10
CA PRO A 74 -1.66 -10.41 -36.28
C PRO A 74 -1.61 -10.11 -34.79
N GLU A 75 -2.62 -10.56 -34.05
CA GLU A 75 -2.69 -10.37 -32.60
C GLU A 75 -1.60 -11.15 -31.89
N ILE A 76 -0.60 -10.43 -31.42
CA ILE A 76 0.43 -11.03 -30.60
C ILE A 76 0.12 -10.66 -29.17
N ARG A 77 -0.41 -11.60 -28.39
CA ARG A 77 -0.69 -11.37 -26.98
C ARG A 77 0.55 -11.84 -26.24
N PHE A 78 0.83 -11.30 -25.06
CA PHE A 78 1.88 -11.85 -24.17
C PHE A 78 1.19 -12.85 -23.29
N VAL A 79 1.94 -13.82 -22.79
CA VAL A 79 1.29 -14.85 -21.99
C VAL A 79 1.29 -14.54 -20.51
N ASN A 80 2.48 -14.35 -19.95
CA ASN A 80 2.61 -14.13 -18.51
C ASN A 80 2.58 -12.66 -18.16
N VAL A 81 1.38 -12.12 -18.12
CA VAL A 81 1.21 -10.68 -17.94
C VAL A 81 0.08 -10.61 -16.93
N GLU A 82 0.04 -9.53 -16.15
CA GLU A 82 -1.08 -9.28 -15.24
C GLU A 82 -2.33 -8.89 -16.06
N ASN A 83 -2.31 -7.68 -16.61
CA ASN A 83 -3.35 -7.25 -17.52
C ASN A 83 -2.77 -7.40 -18.91
N ALA A 84 -3.54 -7.05 -19.95
CA ALA A 84 -2.96 -6.97 -21.28
C ALA A 84 -1.97 -5.80 -21.25
N ARG A 85 -0.94 -5.86 -22.09
CA ARG A 85 0.07 -4.78 -22.08
C ARG A 85 -0.38 -3.46 -22.69
N ASP A 86 0.18 -2.36 -22.19
CA ASP A 86 -0.06 -1.03 -22.78
C ASP A 86 0.94 -0.77 -23.91
N ALA A 87 0.46 -0.76 -25.15
CA ALA A 87 1.32 -0.55 -26.33
C ALA A 87 0.87 0.58 -27.25
N ASP A 88 1.81 1.46 -27.62
CA ASP A 88 1.58 2.51 -28.60
C ASP A 88 2.33 2.12 -29.87
N VAL A 89 1.62 2.12 -31.00
CA VAL A 89 2.20 1.76 -32.31
C VAL A 89 3.15 2.81 -32.86
N VAL A 90 4.42 2.46 -33.02
CA VAL A 90 5.41 3.44 -33.42
C VAL A 90 5.47 3.67 -34.94
N ASP A 91 5.21 2.62 -35.72
CA ASP A 91 5.31 2.74 -37.18
C ASP A 91 4.92 1.46 -37.94
N ILE A 92 4.37 1.63 -39.14
CA ILE A 92 4.09 0.52 -40.03
C ILE A 92 4.60 0.85 -41.45
N SER A 93 5.25 -0.13 -42.09
CA SER A 93 5.96 0.13 -43.36
C SER A 93 5.90 -1.03 -44.34
N VAL A 94 4.84 -1.09 -45.14
CA VAL A 94 4.73 -2.12 -46.16
C VAL A 94 5.74 -1.95 -47.29
N SER A 95 6.53 -3.00 -47.51
CA SER A 95 7.50 -3.03 -48.61
C SER A 95 6.74 -3.34 -49.89
N PRO A 96 7.43 -3.36 -51.03
CA PRO A 96 6.67 -3.47 -52.28
C PRO A 96 6.21 -4.90 -52.60
N ASP A 97 6.89 -5.89 -52.05
CA ASP A 97 6.50 -7.28 -52.27
C ASP A 97 5.33 -7.65 -51.36
N GLY A 98 4.97 -6.74 -50.48
CA GLY A 98 3.93 -7.00 -49.51
C GLY A 98 4.53 -7.40 -48.17
N THR A 99 5.74 -6.93 -47.91
CA THR A 99 6.41 -7.17 -46.63
C THR A 99 6.14 -6.02 -45.62
N VAL A 100 5.61 -6.37 -44.46
CA VAL A 100 5.19 -5.34 -43.52
C VAL A 100 6.14 -5.20 -42.34
N GLN A 101 6.50 -3.95 -42.02
CA GLN A 101 7.32 -3.62 -40.86
C GLN A 101 6.49 -2.98 -39.74
N TYR A 102 6.17 -3.77 -38.72
CA TYR A 102 5.41 -3.26 -37.58
C TYR A 102 6.37 -3.02 -36.42
N LEU A 103 6.17 -1.90 -35.72
CA LEU A 103 6.94 -1.59 -34.53
C LEU A 103 6.11 -0.86 -33.47
N GLU A 104 5.89 -1.54 -32.34
CA GLU A 104 5.22 -0.91 -31.20
C GLU A 104 6.17 -0.68 -30.02
N ARG A 105 5.70 0.06 -29.01
CA ARG A 105 6.49 0.25 -27.81
C ARG A 105 5.63 -0.01 -26.60
N PHE A 106 5.57 -1.28 -26.23
CA PHE A 106 4.74 -1.74 -25.14
C PHE A 106 5.40 -1.55 -23.79
N SER A 107 4.59 -1.74 -22.76
CA SER A 107 4.97 -1.48 -21.40
C SER A 107 4.09 -2.41 -20.61
N ALA A 108 4.66 -3.55 -20.21
CA ALA A 108 3.88 -4.58 -19.52
C ALA A 108 4.46 -4.97 -18.16
N ARG A 109 3.59 -5.45 -17.29
CA ARG A 109 4.05 -6.03 -16.01
C ARG A 109 4.07 -7.54 -16.08
N VAL A 110 5.27 -8.10 -16.02
CA VAL A 110 5.48 -9.50 -16.36
C VAL A 110 5.52 -10.40 -15.14
N LEU A 111 4.92 -11.58 -15.27
CA LEU A 111 4.82 -12.48 -14.14
C LEU A 111 5.69 -13.72 -14.38
N SER A 112 6.98 -13.58 -14.07
CA SER A 112 7.93 -14.71 -14.10
C SER A 112 8.33 -15.08 -12.68
N PRO A 113 8.47 -16.38 -12.41
CA PRO A 113 8.79 -16.93 -11.10
C PRO A 113 10.30 -16.95 -10.85
N LEU A 114 10.69 -17.14 -9.58
CA LEU A 114 12.09 -17.05 -9.18
C LEU A 114 12.49 -18.19 -8.23
N ASP A 115 13.80 -18.51 -8.20
CA ASP A 115 14.33 -19.60 -7.38
C ASP A 115 15.14 -19.07 -6.21
N PHE A 116 14.46 -18.86 -5.08
CA PHE A 116 15.08 -18.27 -3.90
C PHE A 116 15.97 -19.25 -3.14
N ARG A 117 16.26 -20.38 -3.76
CA ARG A 117 17.06 -21.43 -3.15
C ARG A 117 18.38 -20.89 -2.59
N ARG A 118 19.08 -20.07 -3.38
CA ARG A 118 20.34 -19.48 -2.93
C ARG A 118 20.14 -18.03 -2.47
N TYR A 119 18.89 -17.72 -2.13
CA TYR A 119 18.40 -16.35 -1.97
C TYR A 119 19.40 -15.22 -2.18
N PRO A 120 20.20 -14.91 -1.15
CA PRO A 120 20.93 -13.64 -1.36
C PRO A 120 21.91 -13.78 -2.53
N PHE A 121 22.32 -15.00 -2.81
CA PHE A 121 23.31 -15.25 -3.85
C PHE A 121 22.69 -15.95 -5.05
N ASP A 122 21.42 -15.66 -5.29
CA ASP A 122 20.65 -16.32 -6.34
C ASP A 122 20.82 -15.66 -7.71
N SER A 123 20.73 -16.48 -8.75
CA SER A 123 20.60 -15.93 -10.10
C SER A 123 19.28 -16.32 -10.77
N GLN A 124 18.58 -15.34 -11.28
CA GLN A 124 17.27 -15.56 -11.83
C GLN A 124 17.26 -15.44 -13.35
N THR A 125 16.29 -16.13 -13.95
CA THR A 125 16.02 -15.96 -15.37
C THR A 125 14.53 -15.61 -15.66
N LEU A 126 14.32 -14.41 -16.19
CA LEU A 126 12.96 -13.89 -16.39
C LEU A 126 12.47 -14.22 -17.78
N HIS A 127 11.15 -14.26 -17.96
CA HIS A 127 10.57 -14.65 -19.25
C HIS A 127 9.50 -13.72 -19.82
N ILE A 128 9.41 -13.71 -21.14
CA ILE A 128 8.35 -13.00 -21.82
C ILE A 128 7.90 -13.94 -22.93
N TYR A 129 6.60 -14.04 -23.19
CA TYR A 129 6.15 -15.12 -24.06
C TYR A 129 5.58 -14.90 -25.47
N LEU A 130 4.66 -13.97 -25.65
CA LEU A 130 4.12 -13.85 -27.01
C LEU A 130 3.53 -15.08 -27.69
N ILE A 131 2.31 -15.48 -27.34
CA ILE A 131 1.61 -16.40 -28.21
C ILE A 131 1.10 -15.71 -29.46
N VAL A 132 0.65 -16.52 -30.41
CA VAL A 132 -0.14 -16.02 -31.52
C VAL A 132 -1.12 -17.10 -31.95
N ARG A 133 -2.40 -16.72 -32.00
CA ARG A 133 -3.46 -17.68 -32.22
C ARG A 133 -3.77 -17.78 -33.71
N SER A 134 -3.70 -18.99 -34.27
CA SER A 134 -3.93 -19.16 -35.71
C SER A 134 -5.40 -19.05 -36.10
N VAL A 135 -5.66 -19.03 -37.41
CA VAL A 135 -7.02 -18.96 -37.94
C VAL A 135 -7.48 -19.85 -39.10
N ASP A 136 -7.10 -19.47 -40.32
CA ASP A 136 -7.44 -20.25 -41.51
C ASP A 136 -6.12 -20.35 -42.32
N THR A 137 -5.16 -19.46 -42.02
CA THR A 137 -3.73 -19.72 -42.27
C THR A 137 -3.15 -20.02 -40.87
N ARG A 138 -2.23 -20.96 -40.78
CA ARG A 138 -1.53 -21.16 -39.52
C ARG A 138 -0.57 -20.01 -39.33
N ASN A 139 -0.44 -19.52 -38.09
CA ASN A 139 0.56 -18.52 -37.75
C ASN A 139 1.67 -19.08 -36.90
N ILE A 140 2.88 -19.00 -37.43
CA ILE A 140 4.05 -19.40 -36.70
C ILE A 140 4.82 -18.12 -36.43
N VAL A 141 5.13 -17.88 -35.16
CA VAL A 141 6.02 -16.77 -34.81
C VAL A 141 7.46 -17.25 -35.07
N LEU A 142 8.39 -16.30 -35.17
CA LEU A 142 9.84 -16.61 -35.12
C LEU A 142 10.68 -15.34 -34.91
N ALA A 143 11.86 -15.48 -34.32
CA ALA A 143 12.67 -14.32 -33.90
C ALA A 143 13.53 -13.73 -35.03
N VAL A 144 13.58 -12.40 -35.14
CA VAL A 144 14.56 -11.72 -36.00
C VAL A 144 15.60 -11.01 -35.15
N ASP A 145 16.77 -11.63 -35.04
CA ASP A 145 17.77 -11.25 -34.03
C ASP A 145 18.39 -9.87 -34.21
N LEU A 146 17.96 -9.15 -35.24
CA LEU A 146 18.42 -7.79 -35.42
C LEU A 146 17.54 -6.79 -34.65
N GLU A 147 16.32 -7.22 -34.32
CA GLU A 147 15.45 -6.42 -33.47
C GLU A 147 15.26 -7.08 -32.10
N LYS A 148 16.14 -8.03 -31.79
CA LYS A 148 16.12 -8.76 -30.52
C LYS A 148 17.37 -8.51 -29.70
N VAL A 149 18.35 -7.84 -30.30
CA VAL A 149 19.48 -7.32 -29.53
C VAL A 149 18.87 -6.29 -28.58
N GLY A 150 17.55 -6.39 -28.48
CA GLY A 150 16.72 -5.58 -27.62
C GLY A 150 17.40 -5.68 -26.29
N LYS A 151 18.04 -4.60 -25.93
CA LYS A 151 18.50 -4.39 -24.58
C LYS A 151 19.31 -3.14 -24.84
N ASN A 152 18.86 -2.04 -24.26
CA ASN A 152 19.67 -0.84 -24.30
C ASN A 152 20.84 -0.99 -23.31
N ASP A 153 21.84 -0.13 -23.46
CA ASP A 153 23.01 -0.20 -22.60
C ASP A 153 22.79 0.55 -21.29
N ASP A 154 21.54 0.76 -20.94
CA ASP A 154 21.20 1.51 -19.74
C ASP A 154 20.07 0.83 -18.99
N VAL A 155 19.74 -0.38 -19.41
CA VAL A 155 18.71 -1.11 -18.68
C VAL A 155 19.20 -1.11 -17.23
N PHE A 156 18.27 -0.90 -16.31
CA PHE A 156 18.61 -0.63 -14.94
C PHE A 156 18.41 -1.89 -14.10
N LEU A 157 17.18 -2.11 -13.65
CA LEU A 157 16.85 -3.17 -12.69
C LEU A 157 17.63 -3.21 -11.38
N THR A 158 17.30 -2.27 -10.49
CA THR A 158 17.98 -2.07 -9.23
C THR A 158 18.20 -3.37 -8.49
N GLY A 159 19.40 -3.51 -7.94
CA GLY A 159 19.74 -4.62 -7.08
C GLY A 159 19.94 -5.88 -7.88
N TRP A 160 20.10 -5.71 -9.19
CA TRP A 160 20.40 -6.84 -10.07
C TRP A 160 21.39 -6.47 -11.14
N ASP A 161 22.35 -7.37 -11.37
CA ASP A 161 23.23 -7.28 -12.52
C ASP A 161 22.56 -8.05 -13.64
N ILE A 162 22.48 -7.41 -14.81
CA ILE A 162 21.78 -7.98 -15.95
C ILE A 162 22.76 -8.65 -16.88
N GLU A 163 22.69 -9.98 -16.92
CA GLU A 163 23.65 -10.79 -17.65
C GLU A 163 23.42 -10.81 -19.17
N SER A 164 22.19 -11.06 -19.61
CA SER A 164 21.92 -11.24 -21.05
C SER A 164 20.45 -11.38 -21.46
N PHE A 165 20.01 -10.59 -22.44
CA PHE A 165 18.68 -10.75 -23.03
C PHE A 165 18.83 -11.43 -24.39
N THR A 166 18.16 -12.56 -24.55
CA THR A 166 18.16 -13.33 -25.81
C THR A 166 16.82 -14.07 -25.99
N ALA A 167 16.70 -14.86 -27.05
CA ALA A 167 15.43 -15.57 -27.30
C ALA A 167 15.59 -16.96 -27.91
N VAL A 168 14.68 -17.88 -27.55
CA VAL A 168 14.73 -19.24 -28.11
C VAL A 168 14.10 -19.26 -29.47
N VAL A 169 14.95 -19.43 -30.47
CA VAL A 169 14.57 -19.28 -31.87
C VAL A 169 13.42 -20.21 -32.32
N LYS A 170 13.38 -21.43 -31.80
CA LYS A 170 12.31 -22.38 -32.15
C LYS A 170 11.05 -22.11 -31.32
N PRO A 171 9.96 -21.70 -31.98
CA PRO A 171 8.71 -21.55 -31.25
C PRO A 171 8.12 -22.87 -30.79
N ALA A 172 7.35 -22.81 -29.71
CA ALA A 172 6.57 -23.95 -29.27
C ALA A 172 5.16 -23.87 -29.87
N ASN A 173 4.88 -24.71 -30.84
CA ASN A 173 3.54 -24.70 -31.44
C ASN A 173 2.57 -25.64 -30.73
N PHE A 174 1.79 -25.08 -29.80
CA PHE A 174 0.72 -25.78 -29.11
C PHE A 174 -0.46 -25.90 -30.03
N ALA A 175 -1.41 -26.74 -29.64
CA ALA A 175 -2.77 -26.65 -30.14
C ALA A 175 -3.65 -26.35 -28.94
N LEU A 176 -4.40 -25.27 -29.02
CA LEU A 176 -5.23 -24.85 -27.90
C LEU A 176 -6.64 -24.75 -28.46
N GLU A 177 -7.59 -25.38 -27.76
CA GLU A 177 -9.00 -25.37 -28.17
C GLU A 177 -9.24 -25.34 -29.67
N ASP A 178 -8.49 -26.14 -30.43
CA ASP A 178 -8.66 -26.20 -31.88
C ASP A 178 -8.23 -25.02 -32.80
N ARG A 179 -6.98 -24.57 -32.65
CA ARG A 179 -6.36 -23.61 -33.55
C ARG A 179 -5.00 -23.63 -32.87
N LEU A 180 -3.94 -23.81 -33.65
CA LEU A 180 -2.68 -24.14 -33.03
C LEU A 180 -2.27 -22.72 -32.63
N GLU A 181 -1.57 -22.61 -31.52
CA GLU A 181 -0.94 -21.35 -31.21
C GLU A 181 0.57 -21.52 -31.34
N SER A 182 1.27 -20.40 -31.50
CA SER A 182 2.72 -20.43 -31.60
C SER A 182 3.27 -19.55 -30.52
N LYS A 183 4.16 -20.10 -29.70
CA LYS A 183 4.68 -19.38 -28.53
C LYS A 183 6.20 -19.25 -28.62
N LEU A 184 6.71 -18.08 -28.26
CA LEU A 184 8.16 -17.82 -28.31
C LEU A 184 8.72 -17.48 -26.92
N ASP A 185 9.97 -17.85 -26.67
CA ASP A 185 10.52 -17.65 -25.34
C ASP A 185 11.64 -16.61 -25.27
N TYR A 186 11.30 -15.40 -24.86
CA TYR A 186 12.32 -14.38 -24.63
C TYR A 186 12.84 -14.44 -23.19
N GLN A 187 14.17 -14.45 -23.07
CA GLN A 187 14.84 -14.71 -21.80
C GLN A 187 15.74 -13.59 -21.29
N LEU A 188 15.50 -13.20 -20.05
CA LEU A 188 16.33 -12.21 -19.37
C LEU A 188 17.04 -12.86 -18.17
N ARG A 189 18.37 -12.93 -18.19
CA ARG A 189 19.13 -13.56 -17.11
C ARG A 189 19.76 -12.51 -16.19
N ILE A 190 19.61 -12.70 -14.88
CA ILE A 190 20.05 -11.71 -13.92
C ILE A 190 20.71 -12.34 -12.70
N SER A 191 21.78 -11.73 -12.23
CA SER A 191 22.40 -12.11 -10.96
C SER A 191 22.01 -11.10 -9.90
N ARG A 192 21.69 -11.56 -8.69
CA ARG A 192 21.37 -10.60 -7.64
C ARG A 192 22.63 -9.88 -7.17
N GLN A 193 22.45 -8.62 -6.78
CA GLN A 193 23.51 -7.85 -6.16
C GLN A 193 23.43 -8.09 -4.67
N TYR A 194 24.25 -9.04 -4.23
CA TYR A 194 24.19 -9.58 -2.87
C TYR A 194 25.00 -8.75 -1.86
N PHE A 195 25.90 -7.93 -2.37
CA PHE A 195 26.73 -7.09 -1.53
C PHE A 195 25.99 -6.53 -0.31
N SER A 196 24.94 -5.75 -0.56
CA SER A 196 24.29 -5.00 0.52
C SER A 196 23.76 -5.90 1.63
N TYR A 197 23.49 -7.16 1.32
CA TYR A 197 22.96 -8.07 2.32
C TYR A 197 24.00 -8.40 3.39
N ILE A 198 25.25 -8.05 3.13
CA ILE A 198 26.31 -8.34 4.08
C ILE A 198 26.37 -7.36 5.26
N PRO A 199 26.61 -6.08 4.98
CA PRO A 199 26.68 -5.08 6.06
C PRO A 199 25.35 -4.93 6.79
N ASN A 200 24.27 -5.34 6.12
CA ASN A 200 22.92 -5.00 6.58
C ASN A 200 22.18 -6.18 7.21
N ILE A 201 22.55 -7.39 6.81
CA ILE A 201 21.92 -8.58 7.37
C ILE A 201 22.92 -9.58 7.95
N ILE A 202 23.77 -10.15 7.09
CA ILE A 202 24.66 -11.23 7.50
C ILE A 202 25.57 -10.84 8.65
N LEU A 203 26.40 -9.82 8.45
CA LEU A 203 27.29 -9.38 9.52
C LEU A 203 26.49 -9.00 10.76
N PRO A 204 25.57 -8.02 10.65
CA PRO A 204 24.91 -7.61 11.90
C PRO A 204 24.40 -8.83 12.62
N MET A 205 23.96 -9.79 11.84
CA MET A 205 23.38 -11.00 12.39
C MET A 205 24.42 -11.85 13.13
N LEU A 206 25.60 -12.03 12.53
CA LEU A 206 26.68 -12.81 13.17
C LEU A 206 27.17 -12.19 14.47
N PHE A 207 27.38 -10.88 14.47
CA PHE A 207 27.76 -10.16 15.68
C PHE A 207 26.87 -10.48 16.88
N ILE A 208 25.56 -10.27 16.76
CA ILE A 208 24.64 -10.56 17.86
C ILE A 208 24.79 -12.00 18.34
N LEU A 209 25.26 -12.88 17.46
CA LEU A 209 25.42 -14.27 17.78
C LEU A 209 26.62 -14.47 18.68
N PHE A 210 27.68 -13.76 18.37
CA PHE A 210 28.91 -13.87 19.13
C PHE A 210 28.78 -13.28 20.54
N ILE A 211 28.41 -12.00 20.64
CA ILE A 211 28.01 -11.43 21.91
C ILE A 211 27.19 -12.42 22.73
N SER A 212 26.23 -13.08 22.09
CA SER A 212 25.37 -14.04 22.77
C SER A 212 26.20 -14.90 23.68
N TRP A 213 27.31 -15.37 23.14
CA TRP A 213 28.01 -16.42 23.83
C TRP A 213 29.36 -16.01 24.44
N THR A 214 29.47 -14.73 24.71
CA THR A 214 30.43 -14.31 25.72
C THR A 214 29.93 -14.80 27.07
N ALA A 215 28.69 -15.30 27.12
CA ALA A 215 28.14 -15.91 28.32
C ALA A 215 28.90 -17.19 28.70
N PHE A 216 29.86 -17.54 27.85
CA PHE A 216 30.75 -18.66 28.11
C PHE A 216 32.00 -18.24 28.86
N TRP A 217 32.11 -16.96 29.17
CA TRP A 217 33.23 -16.41 29.90
C TRP A 217 32.65 -15.63 31.06
N SER A 218 31.36 -15.80 31.26
CA SER A 218 30.66 -15.18 32.35
C SER A 218 30.22 -16.30 33.23
N THR A 219 29.80 -15.95 34.43
CA THR A 219 29.42 -16.95 35.41
C THR A 219 28.15 -16.49 36.13
N SER A 220 27.73 -15.26 35.81
CA SER A 220 26.47 -14.76 36.34
C SER A 220 25.31 -15.15 35.44
N TYR A 221 24.56 -16.13 35.91
CA TYR A 221 23.31 -16.50 35.30
C TYR A 221 22.50 -15.22 34.96
N ASP A 222 22.36 -14.33 35.95
CA ASP A 222 21.53 -13.16 35.75
C ASP A 222 21.98 -12.29 34.57
N ALA A 223 23.30 -12.20 34.36
CA ALA A 223 23.84 -11.39 33.29
C ALA A 223 24.06 -12.24 32.06
N ASN A 224 23.87 -13.54 32.21
CA ASN A 224 23.98 -14.44 31.07
C ASN A 224 22.63 -14.63 30.39
N VAL A 225 21.55 -14.49 31.14
CA VAL A 225 20.24 -14.45 30.49
C VAL A 225 20.04 -13.08 29.88
N THR A 226 20.17 -12.03 30.70
CA THR A 226 20.04 -10.68 30.20
C THR A 226 20.87 -10.59 28.93
N LEU A 227 21.97 -11.32 28.90
CA LEU A 227 22.81 -11.37 27.70
C LEU A 227 22.23 -12.26 26.60
N VAL A 228 22.33 -13.57 26.76
CA VAL A 228 21.85 -14.50 25.74
C VAL A 228 20.41 -14.27 25.26
N VAL A 229 19.49 -14.00 26.18
CA VAL A 229 18.10 -13.71 25.79
C VAL A 229 17.95 -12.41 24.98
N SER A 230 18.50 -11.32 25.48
CA SER A 230 18.46 -10.08 24.72
C SER A 230 18.94 -10.27 23.26
N THR A 231 20.07 -10.96 23.08
CA THR A 231 20.59 -11.20 21.72
C THR A 231 19.63 -12.03 20.87
N LEU A 232 19.00 -13.04 21.46
CA LEU A 232 18.01 -13.82 20.74
C LEU A 232 16.90 -12.95 20.12
N ILE A 233 16.33 -12.09 20.95
CA ILE A 233 15.35 -11.14 20.45
C ILE A 233 15.84 -10.46 19.13
N ALA A 234 17.00 -9.81 19.18
CA ALA A 234 17.54 -9.12 18.00
C ALA A 234 17.59 -9.99 16.75
N HIS A 235 17.86 -11.27 16.97
CA HIS A 235 17.96 -12.19 15.86
C HIS A 235 16.60 -12.32 15.19
N ILE A 236 15.54 -12.27 16.00
CA ILE A 236 14.19 -12.26 15.45
C ILE A 236 13.92 -11.00 14.63
N ALA A 237 14.38 -9.87 15.16
CA ALA A 237 14.21 -8.64 14.43
C ALA A 237 14.80 -8.88 13.05
N PHE A 238 15.90 -9.61 12.99
CA PHE A 238 16.50 -9.91 11.70
C PHE A 238 15.75 -11.02 10.99
N ASN A 239 15.44 -12.07 11.72
CA ASN A 239 14.67 -13.14 11.12
C ASN A 239 13.47 -12.56 10.44
N ILE A 240 12.67 -11.78 11.18
CA ILE A 240 11.47 -11.15 10.63
C ILE A 240 11.75 -10.18 9.47
N LEU A 241 12.69 -9.26 9.68
CA LEU A 241 13.13 -8.38 8.61
C LEU A 241 13.30 -9.10 7.27
N VAL A 242 13.94 -10.27 7.29
CA VAL A 242 14.28 -10.97 6.05
C VAL A 242 13.04 -11.61 5.46
N GLU A 243 12.33 -12.30 6.33
CA GLU A 243 11.16 -13.09 6.03
C GLU A 243 10.05 -12.26 5.42
N THR A 244 10.29 -10.97 5.37
CA THR A 244 9.40 -10.03 4.72
C THR A 244 9.56 -9.89 3.20
N ASN A 245 10.73 -9.42 2.76
CA ASN A 245 11.02 -9.24 1.33
C ASN A 245 11.23 -10.59 0.64
N LEU A 246 10.33 -11.54 0.89
CA LEU A 246 10.56 -12.92 0.52
C LEU A 246 9.29 -13.74 0.68
N PRO A 247 8.78 -14.29 -0.43
CA PRO A 247 7.56 -15.10 -0.51
C PRO A 247 7.63 -16.41 0.29
N LYS A 248 6.47 -17.01 0.54
CA LYS A 248 6.45 -18.29 1.22
C LYS A 248 6.85 -19.41 0.24
N THR A 249 8.14 -19.50 -0.02
CA THR A 249 8.70 -20.68 -0.69
C THR A 249 8.24 -21.98 0.00
N PRO A 250 7.91 -23.00 -0.79
CA PRO A 250 7.48 -24.27 -0.22
C PRO A 250 8.73 -25.07 0.11
N TYR A 251 9.88 -24.42 -0.02
CA TYR A 251 11.17 -25.07 0.03
C TYR A 251 12.09 -24.23 0.90
N MET A 252 13.26 -24.77 1.24
CA MET A 252 14.12 -24.06 2.17
C MET A 252 15.11 -23.12 1.47
N THR A 253 15.00 -21.85 1.81
CA THR A 253 15.88 -20.83 1.26
C THR A 253 17.23 -20.83 1.98
N TYR A 254 18.34 -20.79 1.24
CA TYR A 254 19.65 -20.84 1.86
C TYR A 254 19.77 -19.91 3.06
N THR A 255 19.57 -18.62 2.82
CA THR A 255 19.63 -17.63 3.89
C THR A 255 18.74 -17.99 5.09
N GLY A 256 17.61 -18.62 4.82
CA GLY A 256 16.67 -18.91 5.89
C GLY A 256 17.10 -20.14 6.63
N ALA A 257 17.99 -20.89 5.98
CA ALA A 257 18.59 -22.08 6.57
C ALA A 257 19.46 -21.58 7.67
N ILE A 258 20.49 -20.83 7.29
CA ILE A 258 21.42 -20.33 8.27
C ILE A 258 20.74 -19.42 9.27
N ILE A 259 19.72 -18.70 8.84
CA ILE A 259 18.97 -17.86 9.77
C ILE A 259 18.21 -18.69 10.78
N PHE A 260 18.08 -19.98 10.50
CA PHE A 260 17.31 -20.84 11.37
C PHE A 260 18.25 -21.77 12.11
N MET A 261 19.32 -22.17 11.44
CA MET A 261 20.38 -22.94 12.09
C MET A 261 20.72 -22.19 13.37
N ILE A 262 20.86 -20.88 13.20
CA ILE A 262 21.19 -20.00 14.31
C ILE A 262 20.34 -20.24 15.55
N TYR A 263 19.03 -20.20 15.42
CA TYR A 263 18.16 -20.35 16.59
C TYR A 263 18.63 -21.47 17.51
N LEU A 264 19.17 -22.53 16.91
CA LEU A 264 19.62 -23.67 17.69
C LEU A 264 20.82 -23.29 18.57
N PHE A 265 21.74 -22.53 17.99
CA PHE A 265 22.92 -22.06 18.71
C PHE A 265 22.58 -21.09 19.86
N TYR A 266 21.36 -20.54 19.81
CA TYR A 266 20.85 -19.68 20.86
C TYR A 266 20.21 -20.55 21.91
N PHE A 267 19.66 -21.66 21.43
CA PHE A 267 18.94 -22.55 22.31
C PHE A 267 19.90 -23.32 23.21
N VAL A 268 20.82 -24.06 22.60
CA VAL A 268 21.80 -24.80 23.39
C VAL A 268 22.63 -23.83 24.24
N ALA A 269 23.00 -22.68 23.68
CA ALA A 269 23.62 -21.61 24.47
C ALA A 269 22.88 -21.45 25.79
N VAL A 270 21.60 -21.12 25.72
CA VAL A 270 20.77 -21.04 26.91
C VAL A 270 20.92 -22.30 27.73
N ILE A 271 20.66 -23.45 27.12
CA ILE A 271 20.81 -24.74 27.81
C ILE A 271 22.07 -24.76 28.69
N GLU A 272 23.24 -24.59 28.07
CA GLU A 272 24.49 -24.44 28.79
C GLU A 272 24.38 -23.42 29.93
N VAL A 273 24.14 -22.13 29.64
CA VAL A 273 24.17 -21.16 30.76
C VAL A 273 23.28 -21.70 31.88
N THR A 274 22.15 -22.28 31.49
CA THR A 274 21.21 -22.86 32.44
C THR A 274 21.84 -24.03 33.21
N VAL A 275 22.59 -24.85 32.50
CA VAL A 275 23.29 -26.00 33.09
C VAL A 275 24.51 -25.60 33.90
N GLN A 276 25.43 -24.84 33.30
CA GLN A 276 26.54 -24.26 34.02
C GLN A 276 26.03 -23.49 35.25
N HIS A 277 24.71 -23.47 35.44
CA HIS A 277 24.15 -22.91 36.65
C HIS A 277 23.55 -23.95 37.58
N TYR A 278 22.79 -24.92 37.07
CA TYR A 278 22.29 -25.98 37.95
C TYR A 278 23.46 -26.79 38.50
N LEU A 279 24.53 -26.90 37.70
CA LEU A 279 25.75 -27.57 38.18
C LEU A 279 26.45 -26.72 39.20
N LYS A 280 26.79 -25.50 38.82
CA LYS A 280 27.48 -24.57 39.71
C LYS A 280 26.75 -24.40 41.05
N VAL A 281 25.47 -24.73 41.13
CA VAL A 281 24.75 -24.61 42.40
C VAL A 281 24.55 -25.95 43.05
N GLU A 282 24.62 -27.02 42.25
CA GLU A 282 24.64 -28.38 42.82
C GLU A 282 26.06 -28.70 43.35
N SER A 283 26.73 -27.67 43.85
CA SER A 283 28.10 -27.77 44.34
C SER A 283 28.95 -28.75 43.54
N GLN A 284 29.05 -28.51 42.25
CA GLN A 284 29.85 -29.35 41.37
C GLN A 284 30.44 -28.46 40.27
N PRO A 285 31.10 -27.36 40.68
CA PRO A 285 31.70 -26.43 39.70
C PRO A 285 32.84 -27.12 38.99
N ALA A 286 33.32 -28.20 39.60
CA ALA A 286 34.20 -29.13 38.93
C ALA A 286 33.76 -29.32 37.48
N ARG A 287 32.45 -29.57 37.32
CA ARG A 287 31.86 -29.86 36.03
C ARG A 287 31.49 -28.58 35.31
N ALA A 288 30.69 -27.76 35.97
CA ALA A 288 30.19 -26.52 35.39
C ALA A 288 31.24 -25.72 34.61
N ALA A 289 32.36 -25.41 35.27
CA ALA A 289 33.42 -24.64 34.62
C ALA A 289 34.29 -25.55 33.75
N SER A 290 33.84 -26.79 33.59
CA SER A 290 34.40 -27.66 32.57
C SER A 290 33.56 -27.51 31.32
N ILE A 291 32.24 -27.51 31.50
CA ILE A 291 31.29 -27.28 30.42
C ILE A 291 31.54 -25.90 29.80
N THR A 292 31.20 -24.83 30.51
CA THR A 292 31.49 -23.46 30.06
C THR A 292 32.87 -23.40 29.41
N ARG A 293 33.84 -24.09 30.01
CA ARG A 293 35.19 -24.18 29.46
C ARG A 293 35.19 -24.66 28.00
N ALA A 294 34.37 -25.67 27.72
CA ALA A 294 34.34 -26.32 26.42
C ALA A 294 33.34 -25.64 25.50
N SER A 295 32.16 -25.30 26.03
CA SER A 295 31.16 -24.54 25.30
C SER A 295 31.85 -23.46 24.48
N ARG A 296 32.78 -22.75 25.13
CA ARG A 296 33.47 -21.63 24.49
C ARG A 296 34.37 -22.04 23.32
N ILE A 297 34.36 -23.33 23.01
CA ILE A 297 35.10 -23.85 21.87
C ILE A 297 34.16 -24.57 20.90
N ALA A 298 33.29 -25.41 21.46
CA ALA A 298 32.41 -26.24 20.65
C ALA A 298 31.51 -25.40 19.74
N PHE A 299 30.85 -24.41 20.33
CA PHE A 299 29.90 -23.62 19.58
C PHE A 299 30.50 -22.98 18.31
N PRO A 300 31.57 -22.20 18.47
CA PRO A 300 32.17 -21.55 17.28
C PRO A 300 32.55 -22.59 16.23
N VAL A 301 33.10 -23.70 16.67
CA VAL A 301 33.43 -24.75 15.73
C VAL A 301 32.21 -25.35 15.06
N VAL A 302 31.37 -26.04 15.85
CA VAL A 302 30.17 -26.66 15.30
C VAL A 302 29.36 -25.72 14.39
N PHE A 303 29.44 -24.43 14.67
CA PHE A 303 28.83 -23.41 13.81
C PHE A 303 29.55 -23.30 12.48
N LEU A 304 30.76 -22.76 12.52
CA LEU A 304 31.62 -22.69 11.33
C LEU A 304 31.66 -24.03 10.59
N LEU A 305 31.45 -25.11 11.32
CA LEU A 305 31.42 -26.41 10.71
C LEU A 305 30.11 -26.54 9.95
N ALA A 306 29.01 -26.37 10.68
CA ALA A 306 27.66 -26.50 10.12
C ALA A 306 27.48 -25.59 8.93
N ASN A 307 28.11 -24.42 8.97
CA ASN A 307 28.01 -23.47 7.86
C ASN A 307 28.74 -23.92 6.60
N ILE A 308 29.89 -24.54 6.76
CA ILE A 308 30.54 -25.17 5.63
C ILE A 308 29.62 -26.27 5.14
N ILE A 309 29.13 -27.09 6.06
CA ILE A 309 28.17 -28.13 5.72
C ILE A 309 27.01 -27.50 4.97
N LEU A 310 26.42 -26.47 5.55
CA LEU A 310 25.26 -25.82 4.95
C LEU A 310 25.63 -25.17 3.63
N ALA A 311 26.49 -24.16 3.69
CA ALA A 311 26.99 -23.50 2.48
C ALA A 311 27.25 -24.51 1.38
N PHE A 312 28.02 -25.54 1.68
CA PHE A 312 28.29 -26.56 0.68
C PHE A 312 26.98 -27.19 0.20
N LEU A 313 26.19 -27.70 1.14
CA LEU A 313 24.91 -28.35 0.85
C LEU A 313 24.07 -27.59 -0.18
N PHE A 314 24.19 -26.26 -0.20
CA PHE A 314 23.39 -25.39 -1.07
C PHE A 314 24.07 -25.06 -2.40
N PHE A 315 25.13 -24.24 -2.32
CA PHE A 315 25.89 -23.84 -3.50
C PHE A 315 26.79 -24.95 -4.08
N GLY A 316 27.36 -25.79 -3.21
CA GLY A 316 28.28 -26.82 -3.65
C GLY A 316 27.62 -28.01 -4.31
N PHE A 317 26.29 -27.99 -4.39
CA PHE A 317 25.51 -29.07 -5.00
C PHE A 317 24.59 -28.56 -6.13
N PRO B 8 0.46 10.98 -42.57
CA PRO B 8 0.81 11.94 -43.63
C PRO B 8 1.91 12.95 -43.23
N PRO B 9 3.21 12.52 -43.20
CA PRO B 9 4.31 13.37 -42.70
C PRO B 9 4.67 14.55 -43.62
N PRO B 10 5.20 15.62 -43.02
CA PRO B 10 5.52 16.84 -43.77
C PRO B 10 6.77 16.64 -44.62
N ILE B 11 6.57 16.73 -45.93
CA ILE B 11 7.66 16.52 -46.89
C ILE B 11 8.74 17.59 -46.76
N ALA B 12 9.66 17.37 -45.82
CA ALA B 12 10.77 18.30 -45.62
C ALA B 12 11.70 18.23 -46.83
N ASP B 13 12.87 18.88 -46.74
CA ASP B 13 13.89 18.75 -47.80
C ASP B 13 15.13 18.08 -47.22
N GLU B 14 15.16 18.02 -45.91
CA GLU B 14 16.19 17.31 -45.17
C GLU B 14 15.63 16.81 -43.85
N PRO B 15 16.51 16.39 -42.91
CA PRO B 15 15.99 16.04 -41.60
C PRO B 15 15.09 17.14 -41.07
N LEU B 16 13.85 16.75 -40.76
CA LEU B 16 12.88 17.62 -40.13
C LEU B 16 13.18 17.79 -38.64
N THR B 17 13.53 19.01 -38.27
CA THR B 17 13.77 19.31 -36.88
C THR B 17 12.42 19.49 -36.18
N VAL B 18 12.29 18.85 -35.02
CA VAL B 18 11.12 19.06 -34.17
C VAL B 18 11.56 19.68 -32.85
N ASN B 19 10.92 20.78 -32.48
CA ASN B 19 11.40 21.60 -31.37
C ASN B 19 10.67 21.42 -30.04
N THR B 20 11.33 20.69 -29.14
CA THR B 20 10.77 20.26 -27.86
C THR B 20 10.94 21.27 -26.74
N GLY B 21 10.31 20.98 -25.59
CA GLY B 21 10.41 21.81 -24.41
C GLY B 21 9.44 21.42 -23.31
N ILE B 22 9.97 21.12 -22.12
CA ILE B 22 9.17 20.71 -20.97
C ILE B 22 9.05 21.76 -19.86
N TYR B 23 7.84 21.98 -19.36
CA TYR B 23 7.61 22.95 -18.29
C TYR B 23 7.00 22.28 -17.10
N LEU B 24 7.86 21.84 -16.18
CA LEU B 24 7.43 21.16 -14.94
C LEU B 24 6.41 22.01 -14.21
N ILE B 25 5.26 21.42 -13.91
CA ILE B 25 4.18 22.15 -13.26
C ILE B 25 4.05 21.61 -11.87
N GLU B 26 4.03 20.30 -11.78
CA GLU B 26 4.01 19.61 -10.50
C GLU B 26 5.13 18.59 -10.48
N CYS B 27 5.69 18.33 -9.31
CA CYS B 27 6.80 17.38 -9.18
C CYS B 27 6.68 16.71 -7.81
N TYR B 28 6.65 15.40 -7.79
CA TYR B 28 6.27 14.72 -6.56
C TYR B 28 6.63 13.23 -6.48
N SER B 29 6.27 12.60 -5.36
CA SER B 29 6.48 11.18 -5.12
C SER B 29 7.82 10.64 -5.63
N LEU B 30 8.90 11.31 -5.24
CA LEU B 30 10.23 10.73 -5.42
C LEU B 30 10.32 9.55 -4.47
N ASP B 31 10.69 8.40 -5.02
CA ASP B 31 10.61 7.14 -4.31
C ASP B 31 12.00 6.52 -4.29
N ASP B 32 12.71 6.74 -3.21
CA ASP B 32 14.09 6.27 -3.12
C ASP B 32 14.16 4.75 -3.35
N LYS B 33 13.18 4.04 -2.82
CA LYS B 33 13.18 2.57 -2.94
C LYS B 33 13.08 2.14 -4.40
N ALA B 34 12.13 2.73 -5.12
CA ALA B 34 11.80 2.33 -6.49
C ALA B 34 12.65 3.06 -7.51
N GLU B 35 13.31 4.11 -7.06
CA GLU B 35 14.09 4.98 -7.94
C GLU B 35 13.21 5.53 -9.04
N THR B 36 12.15 6.24 -8.64
CA THR B 36 11.22 6.82 -9.59
C THR B 36 10.73 8.15 -9.06
N PHE B 37 10.05 8.90 -9.92
CA PHE B 37 9.36 10.07 -9.47
C PHE B 37 8.25 10.42 -10.42
N LYS B 38 7.25 11.10 -9.86
CA LYS B 38 6.08 11.51 -10.60
C LYS B 38 6.35 12.93 -11.11
N VAL B 39 5.90 13.25 -12.32
CA VAL B 39 6.02 14.60 -12.83
C VAL B 39 4.78 14.97 -13.62
N ASN B 40 4.45 16.25 -13.57
CA ASN B 40 3.32 16.77 -14.33
C ASN B 40 3.71 18.10 -14.96
N ALA B 41 3.95 18.09 -16.28
CA ALA B 41 4.48 19.27 -16.96
C ALA B 41 3.82 19.50 -18.29
N PHE B 42 4.28 20.54 -18.96
CA PHE B 42 3.86 20.83 -20.33
C PHE B 42 4.86 20.17 -21.26
N LEU B 43 4.38 19.63 -22.36
CA LEU B 43 5.27 19.27 -23.47
C LEU B 43 4.98 20.20 -24.64
N SER B 44 6.01 20.78 -25.23
CA SER B 44 5.81 21.68 -26.34
C SER B 44 6.62 21.18 -27.52
N LEU B 45 6.03 21.27 -28.73
CA LEU B 45 6.67 20.79 -29.96
C LEU B 45 6.45 21.72 -31.12
N SER B 46 7.45 21.87 -31.99
CA SER B 46 7.32 22.73 -33.20
C SER B 46 8.01 22.15 -34.43
N TRP B 47 7.40 22.36 -35.59
CA TRP B 47 7.99 21.88 -36.83
C TRP B 47 7.35 22.56 -38.03
N LYS B 48 8.10 22.69 -39.10
CA LYS B 48 7.52 23.26 -40.31
C LYS B 48 6.94 22.16 -41.19
N ASP B 49 5.62 22.24 -41.37
CA ASP B 49 4.88 21.38 -42.26
C ASP B 49 4.37 22.24 -43.40
N ARG B 50 5.23 22.54 -44.37
CA ARG B 50 4.93 23.50 -45.45
C ARG B 50 3.53 23.36 -46.04
N ARG B 51 2.97 22.16 -45.98
CA ARG B 51 1.61 21.91 -46.48
C ARG B 51 0.58 22.78 -45.76
N LEU B 52 0.69 22.88 -44.46
CA LEU B 52 -0.25 23.62 -43.61
C LEU B 52 -0.22 25.13 -43.87
N ALA B 53 0.76 25.57 -44.66
CA ALA B 53 0.91 26.99 -45.01
C ALA B 53 -0.37 27.61 -45.64
N PHE B 54 -0.60 28.88 -45.34
CA PHE B 54 -1.85 29.50 -45.74
C PHE B 54 -1.69 31.00 -45.80
N ASP B 55 -1.95 31.53 -47.00
CA ASP B 55 -2.28 32.92 -47.23
C ASP B 55 -3.04 33.38 -46.00
N PRO B 56 -2.50 34.36 -45.27
CA PRO B 56 -3.21 34.87 -44.09
C PRO B 56 -4.29 35.79 -44.66
N VAL B 57 -3.92 36.64 -45.55
CA VAL B 57 -4.82 37.64 -46.13
C VAL B 57 -6.07 37.00 -46.76
N ARG B 58 -5.86 35.97 -47.58
CA ARG B 58 -6.97 35.27 -48.22
C ARG B 58 -7.79 34.43 -47.22
N SER B 59 -7.19 34.08 -46.15
CA SER B 59 -7.88 33.30 -45.12
C SER B 59 -8.13 34.13 -43.87
N GLY B 60 -8.44 33.45 -42.77
CA GLY B 60 -8.81 34.10 -41.52
C GLY B 60 -7.87 35.04 -40.76
N VAL B 61 -6.84 34.50 -40.14
CA VAL B 61 -5.99 35.32 -39.30
C VAL B 61 -4.54 34.83 -39.24
N ARG B 62 -3.82 35.30 -38.22
CA ARG B 62 -2.41 34.95 -38.06
C ARG B 62 -2.22 33.44 -38.18
N VAL B 63 -2.91 32.71 -37.27
CA VAL B 63 -2.81 31.26 -37.18
C VAL B 63 -4.17 30.62 -37.10
N LYS B 64 -4.24 29.39 -37.60
CA LYS B 64 -5.43 28.56 -37.54
C LYS B 64 -5.13 27.42 -36.59
N THR B 65 -6.14 26.99 -35.83
CA THR B 65 -5.98 25.88 -34.91
C THR B 65 -6.64 24.60 -35.40
N TYR B 66 -5.96 23.48 -35.21
CA TYR B 66 -6.46 22.20 -35.66
C TYR B 66 -6.62 21.23 -34.50
N GLU B 67 -7.46 20.23 -34.69
CA GLU B 67 -7.49 19.08 -33.80
C GLU B 67 -6.32 18.18 -34.23
N PRO B 68 -5.83 17.35 -33.31
CA PRO B 68 -4.71 16.42 -33.54
C PRO B 68 -4.89 15.47 -34.73
N GLU B 69 -6.13 15.05 -34.96
CA GLU B 69 -6.41 14.13 -36.05
C GLU B 69 -6.06 14.78 -37.40
N ALA B 70 -6.40 16.06 -37.55
CA ALA B 70 -6.21 16.77 -38.82
C ALA B 70 -4.74 16.84 -39.28
N ILE B 71 -3.87 17.27 -38.38
CA ILE B 71 -2.46 17.47 -38.70
C ILE B 71 -1.67 16.20 -38.53
N TRP B 72 -0.63 16.05 -39.33
CA TRP B 72 0.38 15.06 -39.02
C TRP B 72 1.15 15.54 -37.81
N ILE B 73 1.30 14.68 -36.82
CA ILE B 73 2.02 15.07 -35.61
C ILE B 73 3.00 13.97 -35.20
N PRO B 74 4.25 14.36 -34.90
CA PRO B 74 5.33 13.41 -34.63
C PRO B 74 5.24 12.74 -33.26
N GLU B 75 5.29 11.41 -33.27
CA GLU B 75 5.22 10.67 -32.02
C GLU B 75 6.47 10.89 -31.18
N ILE B 76 6.30 11.63 -30.08
CA ILE B 76 7.38 11.78 -29.13
C ILE B 76 7.06 10.90 -27.95
N ARG B 77 7.75 9.77 -27.86
CA ARG B 77 7.55 8.87 -26.74
C ARG B 77 8.60 9.28 -25.71
N PHE B 78 8.34 9.01 -24.42
CA PHE B 78 9.38 9.20 -23.41
C PHE B 78 10.07 7.88 -23.32
N VAL B 79 11.31 7.87 -22.86
CA VAL B 79 12.03 6.61 -22.77
C VAL B 79 11.91 5.93 -21.42
N ASN B 80 12.29 6.57 -20.34
CA ASN B 80 12.29 5.97 -19.01
C ASN B 80 10.99 6.24 -18.27
N VAL B 81 9.98 5.45 -18.60
CA VAL B 81 8.65 5.68 -18.07
C VAL B 81 8.20 4.28 -17.72
N GLU B 82 7.28 4.18 -16.75
CA GLU B 82 6.67 2.90 -16.40
C GLU B 82 5.69 2.49 -17.52
N ASN B 83 4.56 3.19 -17.60
CA ASN B 83 3.63 3.01 -18.70
C ASN B 83 3.87 4.17 -19.65
N ALA B 84 3.14 4.25 -20.77
CA ALA B 84 3.18 5.44 -21.58
C ALA B 84 2.57 6.56 -20.74
N ARG B 85 2.97 7.80 -21.00
CA ARG B 85 2.47 8.94 -20.21
C ARG B 85 1.03 9.39 -20.51
N ASP B 86 0.35 9.91 -19.48
CA ASP B 86 -1.01 10.42 -19.64
C ASP B 86 -0.96 11.89 -20.02
N ALA B 87 -1.28 12.19 -21.28
CA ALA B 87 -1.19 13.56 -21.81
C ALA B 87 -2.50 14.06 -22.41
N ASP B 88 -2.89 15.28 -22.02
CA ASP B 88 -4.03 15.98 -22.62
C ASP B 88 -3.52 17.13 -23.49
N VAL B 89 -4.00 17.21 -24.73
CA VAL B 89 -3.53 18.20 -25.70
C VAL B 89 -4.11 19.54 -25.39
N VAL B 90 -3.26 20.50 -25.06
CA VAL B 90 -3.73 21.83 -24.67
C VAL B 90 -4.09 22.78 -25.86
N ASP B 91 -3.37 22.67 -26.98
CA ASP B 91 -3.55 23.56 -28.13
C ASP B 91 -2.65 23.21 -29.32
N ILE B 92 -3.16 23.48 -30.52
CA ILE B 92 -2.38 23.41 -31.76
C ILE B 92 -2.56 24.69 -32.60
N SER B 93 -1.47 25.22 -33.15
CA SER B 93 -1.50 26.52 -33.79
C SER B 93 -0.57 26.61 -35.01
N VAL B 94 -1.08 26.21 -36.18
CA VAL B 94 -0.31 26.35 -37.41
C VAL B 94 -0.14 27.81 -37.84
N SER B 95 1.11 28.21 -38.03
CA SER B 95 1.47 29.52 -38.54
C SER B 95 1.28 29.52 -40.04
N PRO B 96 1.49 30.68 -40.68
CA PRO B 96 1.12 30.70 -42.09
C PRO B 96 2.17 30.05 -42.98
N ASP B 97 3.41 29.98 -42.53
CA ASP B 97 4.46 29.37 -43.35
C ASP B 97 4.39 27.86 -43.23
N GLY B 98 3.50 27.39 -42.36
CA GLY B 98 3.38 25.97 -42.10
C GLY B 98 4.13 25.57 -40.85
N THR B 99 4.27 26.51 -39.93
CA THR B 99 4.91 26.25 -38.64
C THR B 99 3.88 25.88 -37.57
N VAL B 100 4.05 24.71 -36.95
CA VAL B 100 3.05 24.22 -36.02
C VAL B 100 3.45 24.35 -34.54
N GLN B 101 2.53 24.87 -33.72
CA GLN B 101 2.72 25.02 -32.27
C GLN B 101 1.89 23.99 -31.52
N TYR B 102 2.53 22.93 -31.07
CA TYR B 102 1.83 21.91 -30.31
C TYR B 102 2.15 22.08 -28.82
N LEU B 103 1.13 21.94 -27.97
CA LEU B 103 1.34 21.97 -26.51
C LEU B 103 0.45 21.00 -25.77
N GLU B 104 1.04 19.98 -25.15
CA GLU B 104 0.28 19.06 -24.30
C GLU B 104 0.60 19.29 -22.83
N ARG B 105 -0.16 18.62 -21.97
CA ARG B 105 0.15 18.64 -20.54
C ARG B 105 0.16 17.23 -19.96
N PHE B 106 1.32 16.60 -20.07
CA PHE B 106 1.48 15.21 -19.70
C PHE B 106 1.73 15.04 -18.21
N SER B 107 1.59 13.81 -17.75
CA SER B 107 1.70 13.47 -16.35
C SER B 107 2.25 12.06 -16.39
N ALA B 108 3.55 11.94 -16.14
CA ALA B 108 4.22 10.62 -16.24
C ALA B 108 4.93 10.19 -14.96
N ARG B 109 5.10 8.89 -14.79
CA ARG B 109 5.95 8.39 -13.73
C ARG B 109 7.28 7.95 -14.29
N VAL B 110 8.32 8.64 -13.84
CA VAL B 110 9.63 8.55 -14.47
C VAL B 110 10.60 7.65 -13.72
N LEU B 111 11.38 6.89 -14.48
CA LEU B 111 12.26 5.90 -13.89
C LEU B 111 13.70 6.34 -14.11
N SER B 112 14.17 7.19 -13.20
CA SER B 112 15.58 7.57 -13.14
C SER B 112 16.25 7.01 -11.86
N PRO B 113 17.48 6.53 -12.00
CA PRO B 113 18.28 5.90 -10.93
C PRO B 113 18.95 6.94 -10.04
N LEU B 114 19.42 6.50 -8.87
CA LEU B 114 19.99 7.39 -7.87
C LEU B 114 21.30 6.83 -7.27
N ASP B 115 22.16 7.73 -6.80
CA ASP B 115 23.44 7.35 -6.20
C ASP B 115 23.46 7.51 -4.67
N PHE B 116 23.11 6.43 -3.97
CA PHE B 116 22.94 6.48 -2.52
C PHE B 116 24.26 6.47 -1.77
N ARG B 117 25.35 6.67 -2.51
CA ARG B 117 26.71 6.62 -1.98
C ARG B 117 26.87 7.50 -0.75
N ARG B 118 26.37 8.74 -0.81
CA ARG B 118 26.45 9.63 0.33
C ARG B 118 25.10 9.70 1.07
N TYR B 119 24.29 8.66 0.88
CA TYR B 119 22.85 8.65 1.21
C TYR B 119 22.25 9.90 1.86
N PRO B 120 22.42 10.06 3.18
CA PRO B 120 21.58 11.14 3.72
C PRO B 120 21.99 12.49 3.13
N PHE B 121 23.24 12.58 2.67
CA PHE B 121 23.81 13.83 2.19
C PHE B 121 24.06 13.77 0.68
N ASP B 122 23.23 12.99 0.01
CA ASP B 122 23.38 12.75 -1.43
C ASP B 122 22.71 13.81 -2.27
N SER B 123 23.28 14.04 -3.45
CA SER B 123 22.62 14.85 -4.45
C SER B 123 22.33 14.04 -5.71
N GLN B 124 21.09 14.11 -6.15
CA GLN B 124 20.66 13.33 -7.29
C GLN B 124 20.40 14.18 -8.54
N THR B 125 20.55 13.54 -9.70
CA THR B 125 20.12 14.15 -10.96
C THR B 125 19.13 13.27 -11.77
N LEU B 126 17.90 13.75 -11.90
CA LEU B 126 16.85 12.97 -12.52
C LEU B 126 16.79 13.24 -14.03
N HIS B 127 16.22 12.30 -14.78
CA HIS B 127 16.18 12.39 -16.24
C HIS B 127 14.81 12.17 -16.90
N ILE B 128 14.62 12.82 -18.03
CA ILE B 128 13.45 12.60 -18.85
C ILE B 128 13.98 12.54 -20.27
N TYR B 129 13.47 11.63 -21.10
CA TYR B 129 14.16 11.40 -22.36
C TYR B 129 13.57 11.78 -23.74
N LEU B 130 12.32 11.47 -24.02
CA LEU B 130 11.85 11.82 -25.35
C LEU B 130 12.62 11.33 -26.57
N ILE B 131 12.48 10.05 -26.95
CA ILE B 131 12.89 9.68 -28.29
C ILE B 131 11.94 10.19 -29.34
N VAL B 132 12.42 10.13 -30.62
CA VAL B 132 11.50 10.26 -31.74
C VAL B 132 11.99 9.38 -32.88
N ARG B 133 11.10 8.50 -33.35
CA ARG B 133 11.49 7.50 -34.33
C ARG B 133 11.27 8.03 -35.74
N SER B 134 12.29 7.98 -36.55
CA SER B 134 12.20 8.52 -37.91
C SER B 134 11.42 7.61 -38.86
N VAL B 135 11.15 8.13 -40.07
CA VAL B 135 10.44 7.38 -41.11
C VAL B 135 10.91 7.36 -42.55
N ASP B 136 10.63 8.43 -43.28
CA ASP B 136 11.05 8.57 -44.68
C ASP B 136 11.63 9.99 -44.80
N THR B 137 11.28 10.87 -43.85
CA THR B 137 12.12 12.03 -43.48
C THR B 137 12.77 11.63 -42.16
N ARG B 138 14.04 12.02 -42.00
CA ARG B 138 14.65 11.80 -40.71
C ARG B 138 14.08 12.83 -39.73
N ASN B 139 13.85 12.42 -38.48
CA ASN B 139 13.41 13.36 -37.47
C ASN B 139 14.50 13.57 -36.46
N ILE B 140 14.91 14.82 -36.32
CA ILE B 140 15.84 15.19 -35.27
C ILE B 140 15.07 16.04 -34.27
N VAL B 141 15.13 15.66 -32.98
CA VAL B 141 14.58 16.53 -31.96
C VAL B 141 15.58 17.66 -31.68
N LEU B 142 15.13 18.73 -31.03
CA LEU B 142 16.02 19.72 -30.42
C LEU B 142 15.27 20.65 -29.46
N ALA B 143 15.98 21.22 -28.48
CA ALA B 143 15.33 21.98 -27.40
C ALA B 143 15.08 23.47 -27.77
N VAL B 144 13.89 23.99 -27.46
CA VAL B 144 13.61 25.43 -27.51
C VAL B 144 13.51 25.99 -26.08
N ASP B 145 14.59 26.62 -25.64
CA ASP B 145 14.77 26.98 -24.25
C ASP B 145 13.79 28.01 -23.71
N LEU B 146 12.84 28.45 -24.53
CA LEU B 146 11.81 29.40 -24.08
C LEU B 146 10.61 28.62 -23.51
N GLU B 147 10.52 27.39 -23.91
CA GLU B 147 9.50 26.51 -23.35
C GLU B 147 10.15 25.40 -22.49
N LYS B 148 11.43 25.62 -22.13
CA LYS B 148 12.19 24.69 -21.31
C LYS B 148 12.60 25.30 -19.98
N VAL B 149 12.36 26.60 -19.83
CA VAL B 149 12.48 27.24 -18.52
C VAL B 149 11.39 26.58 -17.67
N GLY B 150 10.89 25.46 -18.21
CA GLY B 150 9.90 24.61 -17.62
C GLY B 150 10.43 24.39 -16.24
N LYS B 151 9.77 25.05 -15.29
CA LYS B 151 9.92 24.75 -13.90
C LYS B 151 9.13 25.92 -13.36
N ASN B 152 8.01 25.63 -12.73
CA ASN B 152 7.28 26.65 -12.02
C ASN B 152 8.03 26.99 -10.73
N ASP B 153 7.69 28.12 -10.12
CA ASP B 153 8.36 28.55 -8.91
C ASP B 153 7.72 27.92 -7.67
N ASP B 154 7.01 26.82 -7.87
CA ASP B 154 6.32 26.14 -6.78
C ASP B 154 6.51 24.65 -6.88
N VAL B 155 7.40 24.22 -7.76
CA VAL B 155 7.67 22.79 -7.85
C VAL B 155 8.04 22.40 -6.41
N PHE B 156 7.54 21.24 -6.00
CA PHE B 156 7.58 20.85 -4.60
C PHE B 156 8.71 19.85 -4.38
N LEU B 157 8.40 18.57 -4.63
CA LEU B 157 9.31 17.46 -4.32
C LEU B 157 9.81 17.35 -2.87
N THR B 158 8.92 16.91 -1.99
CA THR B 158 9.17 16.82 -0.57
C THR B 158 10.50 16.18 -0.25
N GLY B 159 11.19 16.75 0.78
CA GLY B 159 12.43 16.18 1.26
C GLY B 159 13.54 16.36 0.26
N TRP B 160 13.35 17.28 -0.69
CA TRP B 160 14.40 17.60 -1.64
C TRP B 160 14.40 19.07 -1.98
N ASP B 161 15.60 19.63 -2.03
CA ASP B 161 15.79 20.96 -2.56
C ASP B 161 16.04 20.80 -4.07
N ILE B 162 15.31 21.56 -4.88
CA ILE B 162 15.42 21.45 -6.32
C ILE B 162 16.38 22.48 -6.87
N GLU B 163 17.50 22.03 -7.40
CA GLU B 163 18.58 22.92 -7.82
C GLU B 163 18.36 23.57 -9.18
N SER B 164 17.99 22.76 -10.18
CA SER B 164 17.90 23.27 -11.55
C SER B 164 17.35 22.30 -12.59
N PHE B 165 16.33 22.73 -13.35
CA PHE B 165 15.84 21.96 -14.50
C PHE B 165 16.38 22.58 -15.79
N THR B 166 17.07 21.77 -16.58
CA THR B 166 17.65 22.21 -17.85
C THR B 166 17.69 21.03 -18.85
N ALA B 167 18.25 21.25 -20.04
CA ALA B 167 18.30 20.18 -21.06
C ALA B 167 19.55 20.21 -21.95
N VAL B 168 20.01 19.02 -22.35
CA VAL B 168 21.21 18.93 -23.19
C VAL B 168 20.82 19.18 -24.62
N VAL B 169 21.24 20.32 -25.13
CA VAL B 169 20.79 20.82 -26.41
C VAL B 169 21.07 19.88 -27.59
N LYS B 170 22.20 19.17 -27.57
CA LYS B 170 22.54 18.22 -28.64
C LYS B 170 21.87 16.87 -28.46
N PRO B 171 20.99 16.50 -29.40
CA PRO B 171 20.33 15.19 -29.30
C PRO B 171 21.30 14.07 -29.62
N ALA B 172 20.99 12.90 -29.11
CA ALA B 172 21.76 11.71 -29.38
C ALA B 172 21.01 10.97 -30.44
N ASN B 173 21.54 10.97 -31.66
CA ASN B 173 20.89 10.28 -32.76
C ASN B 173 21.36 8.84 -32.96
N PHE B 174 20.58 7.90 -32.25
CA PHE B 174 20.81 6.47 -32.38
C PHE B 174 20.31 6.00 -33.72
N ALA B 175 20.69 4.78 -34.08
CA ALA B 175 19.96 4.03 -35.09
C ALA B 175 19.43 2.79 -34.38
N LEU B 176 18.11 2.59 -34.45
CA LEU B 176 17.49 1.48 -33.74
C LEU B 176 16.73 0.70 -34.81
N GLU B 177 16.95 -0.61 -34.85
CA GLU B 177 16.29 -1.48 -35.83
C GLU B 177 15.99 -0.85 -37.18
N ASP B 178 16.96 -0.12 -37.72
CA ASP B 178 16.80 0.52 -39.04
C ASP B 178 15.84 1.72 -39.24
N ARG B 179 16.01 2.75 -38.42
CA ARG B 179 15.32 4.04 -38.58
C ARG B 179 16.01 4.72 -37.42
N LEU B 180 16.56 5.91 -37.65
CA LEU B 180 17.47 6.45 -36.67
C LEU B 180 16.41 7.02 -35.71
N GLU B 181 16.79 7.01 -34.48
CA GLU B 181 15.96 7.73 -33.53
C GLU B 181 16.74 8.94 -33.04
N SER B 182 16.03 9.91 -32.46
CA SER B 182 16.68 11.09 -31.90
C SER B 182 16.23 11.19 -30.45
N LYS B 183 17.18 11.28 -29.54
CA LYS B 183 16.90 11.28 -28.11
C LYS B 183 17.42 12.58 -27.49
N LEU B 184 16.63 13.16 -26.57
CA LEU B 184 17.04 14.40 -25.89
C LEU B 184 17.14 14.19 -24.38
N ASP B 185 18.04 14.89 -23.72
CA ASP B 185 18.24 14.66 -22.31
C ASP B 185 17.78 15.85 -21.45
N TYR B 186 16.60 15.74 -20.84
CA TYR B 186 16.16 16.75 -19.86
C TYR B 186 16.59 16.35 -18.45
N GLN B 187 17.17 17.32 -17.73
CA GLN B 187 17.83 17.05 -16.45
C GLN B 187 17.27 17.83 -15.26
N LEU B 188 16.94 17.11 -14.21
CA LEU B 188 16.50 17.70 -12.96
C LEU B 188 17.50 17.41 -11.84
N ARG B 189 18.14 18.44 -11.29
CA ARG B 189 19.14 18.25 -10.25
C ARG B 189 18.59 18.58 -8.85
N ILE B 190 18.80 17.67 -7.92
CA ILE B 190 18.22 17.81 -6.58
C ILE B 190 19.18 17.45 -5.45
N SER B 191 19.15 18.24 -4.38
CA SER B 191 19.90 17.93 -3.16
C SER B 191 18.91 17.39 -2.16
N ARG B 192 19.30 16.35 -1.42
CA ARG B 192 18.40 15.86 -0.38
C ARG B 192 18.37 16.79 0.83
N GLN B 193 17.21 16.84 1.47
CA GLN B 193 17.02 17.58 2.71
C GLN B 193 17.37 16.66 3.87
N TYR B 194 18.62 16.76 4.31
CA TYR B 194 19.22 15.80 5.22
C TYR B 194 18.94 16.15 6.67
N PHE B 195 18.48 17.37 6.91
CA PHE B 195 18.23 17.84 8.27
C PHE B 195 17.52 16.82 9.14
N SER B 196 16.32 16.43 8.74
CA SER B 196 15.50 15.57 9.59
C SER B 196 16.19 14.26 9.99
N TYR B 197 17.17 13.79 9.20
CA TYR B 197 17.82 12.52 9.51
C TYR B 197 18.70 12.66 10.76
N ILE B 198 18.91 13.89 11.21
CA ILE B 198 19.76 14.11 12.37
C ILE B 198 19.02 13.84 13.70
N PRO B 199 17.92 14.58 13.98
CA PRO B 199 17.17 14.41 15.22
C PRO B 199 16.50 13.04 15.28
N ASN B 200 16.34 12.41 14.13
CA ASN B 200 15.51 11.23 14.04
C ASN B 200 16.30 9.94 13.85
N ILE B 201 17.51 10.06 13.32
CA ILE B 201 18.36 8.88 13.10
C ILE B 201 19.76 9.01 13.68
N ILE B 202 20.53 9.98 13.17
CA ILE B 202 21.93 10.10 13.56
C ILE B 202 22.11 10.32 15.07
N LEU B 203 21.50 11.37 15.60
CA LEU B 203 21.61 11.64 17.03
C LEU B 203 21.05 10.50 17.86
N PRO B 204 19.76 10.16 17.70
CA PRO B 204 19.24 9.10 18.56
C PRO B 204 20.19 7.91 18.54
N MET B 205 20.75 7.66 17.37
CA MET B 205 21.65 6.53 17.18
C MET B 205 22.93 6.70 18.01
N LEU B 206 23.54 7.87 17.96
CA LEU B 206 24.77 8.11 18.70
C LEU B 206 24.56 7.96 20.20
N PHE B 207 23.46 8.52 20.70
CA PHE B 207 23.12 8.42 22.12
C PHE B 207 23.14 7.00 22.66
N ILE B 208 22.38 6.12 22.04
CA ILE B 208 22.36 4.71 22.45
C ILE B 208 23.77 4.10 22.45
N LEU B 209 24.65 4.64 21.62
CA LEU B 209 26.02 4.13 21.53
C LEU B 209 26.81 4.53 22.78
N PHE B 210 26.58 5.77 23.22
CA PHE B 210 27.28 6.31 24.36
C PHE B 210 26.86 5.62 25.67
N ILE B 211 25.58 5.71 25.98
CA ILE B 211 25.02 4.89 27.06
C ILE B 211 25.64 3.48 27.07
N SER B 212 25.75 2.88 25.87
CA SER B 212 26.29 1.52 25.77
C SER B 212 27.52 1.43 26.64
N TRP B 213 28.37 2.42 26.53
CA TRP B 213 29.69 2.26 27.07
C TRP B 213 29.98 3.08 28.33
N THR B 214 28.91 3.44 29.03
CA THR B 214 29.04 3.78 30.44
C THR B 214 29.42 2.49 31.21
N ALA B 215 29.31 1.35 30.54
CA ALA B 215 29.74 0.07 31.11
C ALA B 215 31.25 0.06 31.37
N PHE B 216 31.88 1.17 30.97
CA PHE B 216 33.31 1.36 31.20
C PHE B 216 33.57 2.06 32.53
N TRP B 217 32.49 2.40 33.23
CA TRP B 217 32.56 3.04 34.54
C TRP B 217 31.71 2.24 35.50
N SER B 218 31.33 1.05 35.04
CA SER B 218 30.58 0.12 35.84
C SER B 218 31.48 -1.06 35.99
N THR B 219 31.12 -1.92 36.92
CA THR B 219 31.95 -3.05 37.26
C THR B 219 31.04 -4.28 37.43
N SER B 220 29.73 -4.06 37.34
CA SER B 220 28.77 -5.16 37.38
C SER B 220 28.50 -5.70 36.00
N TYR B 221 29.08 -6.86 35.73
CA TYR B 221 28.83 -7.58 34.52
C TYR B 221 27.32 -7.62 34.31
N ASP B 222 26.59 -7.95 35.37
CA ASP B 222 25.14 -8.11 35.24
C ASP B 222 24.43 -6.85 34.72
N ALA B 223 24.87 -5.70 35.20
CA ALA B 223 24.28 -4.46 34.75
C ALA B 223 25.04 -3.89 33.55
N ASN B 224 26.13 -4.55 33.17
CA ASN B 224 26.85 -4.13 31.98
C ASN B 224 26.37 -4.86 30.75
N VAL B 225 25.85 -6.07 30.94
CA VAL B 225 25.20 -6.72 29.82
C VAL B 225 23.82 -6.09 29.67
N THR B 226 23.05 -6.05 30.77
CA THR B 226 21.72 -5.48 30.71
C THR B 226 21.83 -4.15 30.01
N LEU B 227 22.97 -3.50 30.21
CA LEU B 227 23.25 -2.22 29.57
C LEU B 227 23.68 -2.37 28.11
N VAL B 228 24.93 -2.79 27.86
CA VAL B 228 25.48 -2.91 26.51
C VAL B 228 24.58 -3.70 25.55
N VAL B 229 23.99 -4.79 26.01
CA VAL B 229 23.12 -5.59 25.15
C VAL B 229 21.81 -4.89 24.82
N SER B 230 21.13 -4.35 25.82
CA SER B 230 19.90 -3.58 25.54
C SER B 230 20.12 -2.47 24.49
N THR B 231 21.20 -1.71 24.62
CA THR B 231 21.52 -0.68 23.64
C THR B 231 21.74 -1.24 22.24
N LEU B 232 22.44 -2.37 22.14
CA LEU B 232 22.68 -3.01 20.85
C LEU B 232 21.36 -3.23 20.12
N ILE B 233 20.39 -3.80 20.84
CA ILE B 233 19.06 -4.02 20.30
C ILE B 233 18.51 -2.74 19.61
N ALA B 234 18.46 -1.63 20.36
CA ALA B 234 17.95 -0.37 19.82
C ALA B 234 18.66 0.08 18.54
N HIS B 235 19.95 -0.20 18.45
CA HIS B 235 20.70 0.15 17.25
C HIS B 235 20.14 -0.62 16.05
N ILE B 236 19.73 -1.86 16.27
CA ILE B 236 19.11 -2.64 15.21
C ILE B 236 17.78 -2.01 14.82
N ALA B 237 17.04 -1.49 15.82
CA ALA B 237 15.77 -0.83 15.51
C ALA B 237 16.04 0.30 14.55
N PHE B 238 17.18 0.93 14.73
CA PHE B 238 17.57 1.96 13.80
C PHE B 238 18.18 1.37 12.54
N ASN B 239 19.11 0.43 12.70
CA ASN B 239 19.68 -0.18 11.52
C ASN B 239 18.55 -0.55 10.57
N ILE B 240 17.56 -1.29 11.08
CA ILE B 240 16.43 -1.78 10.30
C ILE B 240 15.55 -0.66 9.78
N LEU B 241 15.22 0.28 10.64
CA LEU B 241 14.48 1.46 10.22
C LEU B 241 15.04 2.11 8.95
N VAL B 242 16.35 2.29 8.90
CA VAL B 242 16.99 2.94 7.76
C VAL B 242 16.97 2.05 6.52
N GLU B 243 17.39 0.76 6.71
CA GLU B 243 17.56 -0.23 5.68
C GLU B 243 16.27 -0.51 4.94
N THR B 244 15.21 0.12 5.42
CA THR B 244 13.92 0.08 4.77
C THR B 244 13.71 1.07 3.62
N ASN B 245 13.77 2.37 3.92
CA ASN B 245 13.59 3.42 2.91
C ASN B 245 14.81 3.52 2.00
N LEU B 246 15.29 2.38 1.51
CA LEU B 246 16.60 2.31 0.87
C LEU B 246 16.79 0.97 0.17
N PRO B 247 16.96 1.05 -1.18
CA PRO B 247 17.17 -0.13 -2.05
C PRO B 247 18.45 -0.92 -1.77
N LYS B 248 18.50 -2.13 -2.30
CA LYS B 248 19.69 -2.96 -2.15
C LYS B 248 20.74 -2.48 -3.15
N THR B 249 21.35 -1.34 -2.84
CA THR B 249 22.59 -0.94 -3.50
C THR B 249 23.61 -2.07 -3.51
N PRO B 250 24.33 -2.22 -4.63
CA PRO B 250 25.36 -3.27 -4.75
C PRO B 250 26.67 -2.72 -4.20
N TYR B 251 26.56 -1.56 -3.57
CA TYR B 251 27.72 -0.81 -3.12
C TYR B 251 27.44 -0.26 -1.73
N MET B 252 28.46 0.32 -1.09
CA MET B 252 28.30 0.69 0.30
C MET B 252 27.83 2.13 0.46
N THR B 253 26.67 2.28 1.08
CA THR B 253 26.08 3.58 1.34
C THR B 253 26.76 4.21 2.57
N TYR B 254 27.14 5.47 2.46
CA TYR B 254 27.81 6.13 3.59
C TYR B 254 27.12 5.85 4.91
N THR B 255 25.85 6.23 5.00
CA THR B 255 25.10 6.04 6.25
C THR B 255 25.15 4.60 6.74
N GLY B 256 25.21 3.66 5.82
CA GLY B 256 25.16 2.26 6.17
C GLY B 256 26.55 1.80 6.55
N ALA B 257 27.54 2.61 6.19
CA ALA B 257 28.91 2.38 6.62
C ALA B 257 28.98 2.62 8.12
N ILE B 258 28.71 3.86 8.51
CA ILE B 258 28.78 4.22 9.91
C ILE B 258 27.75 3.46 10.73
N ILE B 259 26.63 3.12 10.12
CA ILE B 259 25.62 2.32 10.81
C ILE B 259 26.13 0.92 11.07
N PHE B 260 27.18 0.55 10.37
CA PHE B 260 27.72 -0.78 10.47
C PHE B 260 29.04 -0.76 11.23
N MET B 261 29.81 0.30 11.01
CA MET B 261 31.02 0.51 11.80
C MET B 261 30.59 0.34 13.24
N ILE B 262 29.46 0.97 13.58
CA ILE B 262 28.94 0.91 14.94
C ILE B 262 28.93 -0.49 15.54
N TYR B 263 28.35 -1.45 14.83
CA TYR B 263 28.19 -2.79 15.37
C TYR B 263 29.47 -3.28 16.00
N LEU B 264 30.60 -2.88 15.41
CA LEU B 264 31.90 -3.29 15.94
C LEU B 264 32.16 -2.73 17.36
N PHE B 265 31.82 -1.45 17.51
CA PHE B 265 31.98 -0.77 18.78
C PHE B 265 31.09 -1.34 19.88
N TYR B 266 30.06 -2.08 19.48
CA TYR B 266 29.19 -2.74 20.42
C TYR B 266 29.81 -4.09 20.70
N PHE B 267 30.50 -4.62 19.70
CA PHE B 267 31.07 -5.95 19.82
C PHE B 267 32.26 -5.94 20.77
N VAL B 268 33.29 -5.16 20.44
CA VAL B 268 34.44 -5.06 21.32
C VAL B 268 34.00 -4.57 22.71
N ALA B 269 33.10 -3.59 22.76
CA ALA B 269 32.48 -3.19 24.02
C ALA B 269 32.13 -4.42 24.84
N VAL B 270 31.28 -5.27 24.29
CA VAL B 270 30.97 -6.52 24.95
C VAL B 270 32.27 -7.22 25.33
N ILE B 271 33.13 -7.46 24.34
CA ILE B 271 34.39 -8.15 24.59
C ILE B 271 35.05 -7.65 25.88
N GLU B 272 35.31 -6.35 25.92
CA GLU B 272 35.81 -5.72 27.13
C GLU B 272 34.95 -6.10 28.34
N VAL B 273 33.68 -5.72 28.40
CA VAL B 273 32.94 -5.99 29.65
C VAL B 273 33.15 -7.45 30.03
N THR B 274 33.14 -8.33 29.05
CA THR B 274 33.35 -9.76 29.24
C THR B 274 34.74 -10.07 29.80
N VAL B 275 35.73 -9.35 29.29
CA VAL B 275 37.12 -9.50 29.72
C VAL B 275 37.38 -8.85 31.09
N GLN B 276 37.04 -7.57 31.22
CA GLN B 276 37.08 -6.91 32.52
C GLN B 276 36.28 -7.71 33.55
N HIS B 277 35.72 -8.83 33.12
CA HIS B 277 35.09 -9.75 34.05
C HIS B 277 35.85 -11.04 34.26
N TYR B 278 36.33 -11.66 33.15
CA TYR B 278 37.15 -12.87 33.30
C TYR B 278 38.43 -12.51 34.05
N LEU B 279 38.92 -11.30 33.83
CA LEU B 279 40.08 -10.81 34.57
C LEU B 279 39.73 -10.55 36.01
N LYS B 280 38.72 -9.72 36.22
CA LYS B 280 38.31 -9.35 37.56
C LYS B 280 37.97 -10.57 38.42
N VAL B 281 37.75 -11.72 37.83
CA VAL B 281 37.45 -12.92 38.61
C VAL B 281 38.64 -13.85 38.64
N GLU B 282 39.53 -13.71 37.68
CA GLU B 282 40.80 -14.43 37.73
C GLU B 282 41.77 -13.73 38.70
N SER B 283 41.20 -13.14 39.76
CA SER B 283 41.94 -12.37 40.75
C SER B 283 43.10 -11.60 40.15
N GLN B 284 42.81 -10.76 39.14
CA GLN B 284 43.81 -9.92 38.52
C GLN B 284 43.16 -8.58 38.16
N PRO B 285 42.50 -7.94 39.13
CA PRO B 285 41.84 -6.66 38.89
C PRO B 285 42.90 -5.61 38.57
N ALA B 286 44.13 -5.91 38.98
CA ALA B 286 45.29 -5.15 38.53
C ALA B 286 45.11 -4.78 37.04
N ARG B 287 44.75 -5.78 36.25
CA ARG B 287 44.62 -5.63 34.81
C ARG B 287 43.23 -5.12 34.41
N ALA B 288 42.20 -5.82 34.89
CA ALA B 288 40.81 -5.51 34.55
C ALA B 288 40.50 -4.03 34.63
N ALA B 289 40.73 -3.42 35.79
CA ALA B 289 40.46 -1.99 35.96
C ALA B 289 41.57 -1.15 35.34
N SER B 290 42.47 -1.81 34.62
CA SER B 290 43.40 -1.11 33.74
C SER B 290 42.77 -1.04 32.36
N ILE B 291 42.23 -2.17 31.92
CA ILE B 291 41.49 -2.22 30.66
C ILE B 291 40.30 -1.26 30.70
N THR B 292 39.23 -1.58 31.43
CA THR B 292 38.11 -0.66 31.64
C THR B 292 38.63 0.78 31.75
N ARG B 293 39.71 0.98 32.49
CA ARG B 293 40.34 2.29 32.61
C ARG B 293 40.63 2.91 31.22
N ALA B 294 41.15 2.09 30.31
CA ALA B 294 41.55 2.54 28.97
C ALA B 294 40.41 2.52 27.98
N SER B 295 39.67 1.42 28.00
CA SER B 295 38.48 1.30 27.17
C SER B 295 37.72 2.62 27.15
N ARG B 296 37.56 3.21 28.33
CA ARG B 296 36.78 4.44 28.46
C ARG B 296 37.42 5.62 27.74
N ILE B 297 38.58 5.38 27.12
CA ILE B 297 39.26 6.41 26.32
C ILE B 297 39.40 5.96 24.87
N ALA B 298 39.80 4.71 24.68
CA ALA B 298 40.07 4.19 23.34
C ALA B 298 38.85 4.27 22.44
N PHE B 299 37.73 3.76 22.92
CA PHE B 299 36.53 3.68 22.11
C PHE B 299 36.09 5.03 21.52
N PRO B 300 35.82 6.02 22.38
CA PRO B 300 35.42 7.33 21.85
C PRO B 300 36.40 7.86 20.83
N VAL B 301 37.69 7.69 21.10
CA VAL B 301 38.70 8.11 20.15
C VAL B 301 38.62 7.34 18.84
N VAL B 302 38.95 6.08 18.91
CA VAL B 302 38.94 5.23 17.72
C VAL B 302 37.65 5.39 16.90
N PHE B 303 36.55 5.72 17.57
CA PHE B 303 35.29 6.03 16.89
C PHE B 303 35.36 7.34 16.14
N LEU B 304 35.42 8.44 16.89
CA LEU B 304 35.62 9.77 16.30
C LEU B 304 36.76 9.78 15.28
N LEU B 305 37.70 8.84 15.47
CA LEU B 305 38.82 8.73 14.55
C LEU B 305 38.35 8.08 13.28
N ALA B 306 37.78 6.88 13.42
CA ALA B 306 37.21 6.12 12.31
C ALA B 306 36.16 6.90 11.50
N ASN B 307 35.36 7.70 12.19
CA ASN B 307 34.37 8.54 11.51
C ASN B 307 34.97 9.65 10.67
N ILE B 308 36.07 10.22 11.13
CA ILE B 308 36.84 11.14 10.32
C ILE B 308 37.38 10.36 9.12
N ILE B 309 37.97 9.21 9.39
CA ILE B 309 38.43 8.33 8.33
C ILE B 309 37.31 8.02 7.37
N LEU B 310 36.19 7.57 7.92
CA LEU B 310 35.03 7.22 7.10
C LEU B 310 34.48 8.43 6.37
N ALA B 311 33.94 9.38 7.13
CA ALA B 311 33.45 10.64 6.58
C ALA B 311 34.34 11.10 5.43
N PHE B 312 35.64 11.17 5.70
CA PHE B 312 36.57 11.60 4.68
C PHE B 312 36.52 10.66 3.49
N LEU B 313 36.71 9.39 3.77
CA LEU B 313 36.71 8.36 2.74
C LEU B 313 35.57 8.50 1.72
N PHE B 314 34.43 9.03 2.16
CA PHE B 314 33.22 9.13 1.32
C PHE B 314 33.09 10.50 0.64
N PHE B 315 32.81 11.52 1.44
CA PHE B 315 32.68 12.87 0.93
C PHE B 315 34.01 13.50 0.50
N GLY B 316 35.07 13.23 1.24
CA GLY B 316 36.35 13.87 0.97
C GLY B 316 37.06 13.34 -0.26
N PHE B 317 36.45 12.35 -0.91
CA PHE B 317 37.02 11.74 -2.11
C PHE B 317 36.04 11.79 -3.29
N PRO C 8 -14.39 26.56 -31.14
CA PRO C 8 -15.17 27.74 -31.56
C PRO C 8 -15.50 28.73 -30.42
N PRO C 9 -14.53 29.56 -29.95
CA PRO C 9 -14.71 30.43 -28.77
C PRO C 9 -15.67 31.60 -28.98
N PRO C 10 -16.33 32.06 -27.90
CA PRO C 10 -17.32 33.13 -27.99
C PRO C 10 -16.65 34.48 -28.21
N ILE C 11 -16.93 35.08 -29.36
CA ILE C 11 -16.33 36.35 -29.74
C ILE C 11 -16.76 37.47 -28.80
N ALA C 12 -16.06 37.59 -27.68
CA ALA C 12 -16.33 38.64 -26.71
C ALA C 12 -15.96 40.00 -27.33
N ASP C 13 -15.98 41.07 -26.52
CA ASP C 13 -15.49 42.37 -26.99
C ASP C 13 -14.27 42.77 -26.17
N GLU C 14 -14.06 42.03 -25.06
CA GLU C 14 -12.90 42.17 -24.21
C GLU C 14 -12.57 40.84 -23.51
N PRO C 15 -11.71 40.86 -22.48
CA PRO C 15 -11.53 39.62 -21.72
C PRO C 15 -12.85 39.02 -21.29
N LEU C 16 -13.09 37.80 -21.77
CA LEU C 16 -14.26 37.01 -21.40
C LEU C 16 -14.14 36.50 -19.98
N THR C 17 -15.00 37.00 -19.10
CA THR C 17 -15.04 36.51 -17.73
C THR C 17 -15.76 35.17 -17.68
N VAL C 18 -15.17 34.22 -16.98
CA VAL C 18 -15.82 32.93 -16.74
C VAL C 18 -16.05 32.76 -15.25
N ASN C 19 -17.29 32.45 -14.87
CA ASN C 19 -17.69 32.50 -13.48
C ASN C 19 -17.77 31.16 -12.78
N THR C 20 -16.75 30.92 -11.95
CA THR C 20 -16.51 29.66 -11.26
C THR C 20 -17.22 29.54 -9.91
N GLY C 21 -17.16 28.35 -9.34
CA GLY C 21 -17.79 28.06 -8.06
C GLY C 21 -17.77 26.57 -7.69
N ILE C 22 -17.17 26.25 -6.54
CA ILE C 22 -17.06 24.87 -6.09
C ILE C 22 -17.98 24.57 -4.90
N TYR C 23 -18.68 23.44 -4.94
CA TYR C 23 -19.50 23.00 -3.82
C TYR C 23 -19.08 21.65 -3.32
N LEU C 24 -18.23 21.66 -2.28
CA LEU C 24 -17.73 20.43 -1.65
C LEU C 24 -18.90 19.56 -1.28
N ILE C 25 -18.86 18.32 -1.72
CA ILE C 25 -19.94 17.42 -1.41
C ILE C 25 -19.41 16.39 -0.45
N GLU C 26 -18.22 15.86 -0.79
CA GLU C 26 -17.52 14.87 0.01
C GLU C 26 -16.11 15.37 0.17
N CYS C 27 -15.53 15.10 1.34
CA CYS C 27 -14.17 15.52 1.64
C CYS C 27 -13.49 14.48 2.53
N TYR C 28 -12.33 13.99 2.11
CA TYR C 28 -11.80 12.78 2.73
C TYR C 28 -10.30 12.51 2.48
N SER C 29 -9.83 11.38 3.01
CA SER C 29 -8.45 10.93 2.83
C SER C 29 -7.40 12.05 2.84
N LEU C 30 -7.47 12.89 3.86
CA LEU C 30 -6.35 13.79 4.14
C LEU C 30 -5.18 12.95 4.61
N ASP C 31 -4.05 13.11 3.94
CA ASP C 31 -2.91 12.23 4.09
C ASP C 31 -1.71 13.04 4.50
N ASP C 32 -1.47 13.12 5.81
CA ASP C 32 -0.41 13.95 6.37
C ASP C 32 0.94 13.59 5.75
N LYS C 33 1.17 12.30 5.50
CA LYS C 33 2.44 11.83 4.96
C LYS C 33 2.68 12.39 3.55
N ALA C 34 1.66 12.25 2.69
CA ALA C 34 1.76 12.60 1.27
C ALA C 34 1.43 14.06 1.03
N GLU C 35 0.79 14.68 2.02
CA GLU C 35 0.33 16.05 1.91
C GLU C 35 -0.69 16.16 0.76
N THR C 36 -1.77 15.39 0.86
CA THR C 36 -2.81 15.42 -0.15
C THR C 36 -4.16 15.25 0.51
N PHE C 37 -5.20 15.47 -0.27
CA PHE C 37 -6.53 15.07 0.16
C PHE C 37 -7.43 14.87 -1.03
N LYS C 38 -8.44 14.04 -0.80
CA LYS C 38 -9.40 13.70 -1.81
C LYS C 38 -10.56 14.68 -1.67
N VAL C 39 -11.13 15.09 -2.78
CA VAL C 39 -12.34 15.92 -2.71
C VAL C 39 -13.33 15.57 -3.83
N ASN C 40 -14.60 15.75 -3.52
CA ASN C 40 -15.64 15.45 -4.48
C ASN C 40 -16.68 16.56 -4.41
N ALA C 41 -16.67 17.43 -5.40
CA ALA C 41 -17.54 18.60 -5.35
C ALA C 41 -18.19 18.93 -6.68
N PHE C 42 -18.98 19.98 -6.65
CA PHE C 42 -19.55 20.54 -7.85
C PHE C 42 -18.58 21.57 -8.41
N LEU C 43 -18.39 21.60 -9.72
CA LEU C 43 -17.79 22.75 -10.36
C LEU C 43 -18.84 23.45 -11.20
N SER C 44 -18.94 24.76 -11.04
CA SER C 44 -19.93 25.55 -11.75
C SER C 44 -19.23 26.65 -12.56
N LEU C 45 -19.68 26.85 -13.80
CA LEU C 45 -19.06 27.84 -14.69
C LEU C 45 -20.11 28.64 -15.45
N SER C 46 -19.86 29.92 -15.68
CA SER C 46 -20.78 30.79 -16.45
C SER C 46 -20.05 31.76 -17.39
N TRP C 47 -20.59 31.94 -18.58
CA TRP C 47 -20.02 32.93 -19.48
C TRP C 47 -21.04 33.36 -20.53
N LYS C 48 -20.90 34.58 -21.04
CA LYS C 48 -21.76 34.99 -22.13
C LYS C 48 -21.13 34.60 -23.47
N ASP C 49 -21.83 33.74 -24.19
CA ASP C 49 -21.48 33.38 -25.55
C ASP C 49 -22.60 33.89 -26.46
N ARG C 50 -22.56 35.19 -26.76
CA ARG C 50 -23.63 35.89 -27.51
C ARG C 50 -24.20 35.09 -28.68
N ARG C 51 -23.37 34.24 -29.29
CA ARG C 51 -23.83 33.38 -30.39
C ARG C 51 -25.00 32.48 -29.98
N LEU C 52 -24.94 31.91 -28.81
CA LEU C 52 -25.96 30.98 -28.28
C LEU C 52 -27.32 31.67 -28.00
N ALA C 53 -27.32 33.00 -28.08
CA ALA C 53 -28.52 33.80 -27.85
C ALA C 53 -29.71 33.38 -28.74
N PHE C 54 -30.92 33.47 -28.19
CA PHE C 54 -32.08 32.95 -28.90
C PHE C 54 -33.34 33.63 -28.40
N ASP C 55 -34.02 34.27 -29.34
CA ASP C 55 -35.42 34.63 -29.24
C ASP C 55 -36.08 33.54 -28.41
N PRO C 56 -36.63 33.89 -27.24
CA PRO C 56 -37.30 32.89 -26.40
C PRO C 56 -38.65 32.69 -27.07
N VAL C 57 -39.32 33.76 -27.36
CA VAL C 57 -40.65 33.73 -27.95
C VAL C 57 -40.74 32.92 -29.26
N ARG C 58 -39.83 33.16 -30.19
CA ARG C 58 -39.77 32.41 -31.45
C ARG C 58 -39.32 30.96 -31.24
N SER C 59 -38.63 30.69 -30.16
CA SER C 59 -38.16 29.34 -29.87
C SER C 59 -38.91 28.74 -28.67
N GLY C 60 -38.35 27.68 -28.11
CA GLY C 60 -38.98 26.94 -27.03
C GLY C 60 -39.32 27.56 -25.67
N VAL C 61 -38.30 27.83 -24.86
CA VAL C 61 -38.56 28.32 -23.51
C VAL C 61 -37.45 29.22 -22.97
N ARG C 62 -37.44 29.38 -21.66
CA ARG C 62 -36.46 30.25 -20.99
C ARG C 62 -35.06 29.92 -21.49
N VAL C 63 -34.65 28.67 -21.23
CA VAL C 63 -33.32 28.21 -21.60
C VAL C 63 -33.38 26.92 -22.39
N LYS C 64 -32.38 26.73 -23.25
CA LYS C 64 -32.17 25.48 -23.97
C LYS C 64 -30.94 24.77 -23.38
N THR C 65 -30.98 23.45 -23.35
CA THR C 65 -29.85 22.69 -22.85
C THR C 65 -29.06 22.00 -23.98
N TYR C 66 -27.73 22.04 -23.85
CA TYR C 66 -26.84 21.45 -24.86
C TYR C 66 -25.96 20.37 -24.28
N GLU C 67 -25.51 19.47 -25.15
CA GLU C 67 -24.43 18.56 -24.83
C GLU C 67 -23.14 19.37 -24.94
N PRO C 68 -22.09 18.96 -24.19
CA PRO C 68 -20.78 19.62 -24.17
C PRO C 68 -20.14 19.79 -25.56
N GLU C 69 -20.34 18.82 -26.44
CA GLU C 69 -19.76 18.89 -27.77
C GLU C 69 -20.28 20.10 -28.55
N ALA C 70 -21.58 20.37 -28.45
CA ALA C 70 -22.21 21.46 -29.21
C ALA C 70 -21.65 22.84 -28.88
N ILE C 71 -21.56 23.16 -27.59
CA ILE C 71 -21.12 24.48 -27.16
C ILE C 71 -19.61 24.54 -27.06
N TRP C 72 -19.05 25.72 -27.34
CA TRP C 72 -17.68 25.98 -26.91
C TRP C 72 -17.66 26.09 -25.39
N ILE C 73 -16.75 25.36 -24.76
CA ILE C 73 -16.66 25.40 -23.31
C ILE C 73 -15.21 25.53 -22.89
N PRO C 74 -14.93 26.46 -21.95
CA PRO C 74 -13.56 26.81 -21.56
C PRO C 74 -12.91 25.74 -20.69
N GLU C 75 -11.71 25.33 -21.08
CA GLU C 75 -10.95 24.34 -20.32
C GLU C 75 -10.48 24.91 -18.98
N ILE C 76 -11.12 24.48 -17.90
CA ILE C 76 -10.69 24.83 -16.56
C ILE C 76 -9.96 23.63 -16.01
N ARG C 77 -8.64 23.72 -15.96
CA ARG C 77 -7.80 22.66 -15.42
C ARG C 77 -7.57 23.02 -13.95
N PHE C 78 -7.37 22.03 -13.08
CA PHE C 78 -6.96 22.32 -11.71
C PHE C 78 -5.46 22.34 -11.75
N VAL C 79 -4.84 23.05 -10.82
CA VAL C 79 -3.39 23.09 -10.86
C VAL C 79 -2.71 22.06 -10.00
N ASN C 80 -3.06 21.99 -8.69
CA ASN C 80 -2.41 21.06 -7.77
C ASN C 80 -3.18 19.76 -7.66
N VAL C 81 -2.98 18.89 -8.64
CA VAL C 81 -3.75 17.67 -8.72
C VAL C 81 -2.70 16.65 -9.07
N GLU C 82 -2.94 15.39 -8.71
CA GLU C 82 -2.07 14.29 -9.11
C GLU C 82 -2.26 14.00 -10.61
N ASN C 83 -3.41 13.42 -10.95
CA ASN C 83 -3.78 13.24 -12.35
C ASN C 83 -4.77 14.36 -12.67
N ALA C 84 -5.27 14.44 -13.91
CA ALA C 84 -6.37 15.33 -14.20
C ALA C 84 -7.58 14.80 -13.43
N ARG C 85 -8.51 15.68 -13.07
CA ARG C 85 -9.66 15.25 -12.26
C ARG C 85 -10.74 14.45 -13.01
N ASP C 86 -11.43 13.53 -12.31
CA ASP C 86 -12.55 12.79 -12.88
C ASP C 86 -13.83 13.59 -12.69
N ALA C 87 -14.35 14.14 -13.80
CA ALA C 87 -15.57 14.98 -13.78
C ALA C 87 -16.67 14.49 -14.71
N ASP C 88 -17.91 14.39 -14.20
CA ASP C 88 -19.10 14.05 -14.98
C ASP C 88 -19.93 15.32 -15.10
N VAL C 89 -20.30 15.70 -16.32
CA VAL C 89 -21.08 16.93 -16.56
C VAL C 89 -22.54 16.79 -16.13
N VAL C 90 -22.95 17.60 -15.17
CA VAL C 90 -24.30 17.45 -14.63
C VAL C 90 -25.37 18.16 -15.45
N ASP C 91 -25.03 19.29 -16.07
CA ASP C 91 -26.01 20.07 -16.83
C ASP C 91 -25.44 21.30 -17.52
N ILE C 92 -26.01 21.66 -18.67
CA ILE C 92 -25.67 22.90 -19.37
C ILE C 92 -26.97 23.63 -19.77
N SER C 93 -27.00 24.95 -19.57
CA SER C 93 -28.24 25.71 -19.72
C SER C 93 -28.03 27.12 -20.29
N VAL C 94 -28.03 27.22 -21.62
CA VAL C 94 -27.86 28.52 -22.25
C VAL C 94 -29.08 29.39 -22.05
N SER C 95 -28.86 30.58 -21.50
CA SER C 95 -29.91 31.57 -21.34
C SER C 95 -30.16 32.24 -22.70
N PRO C 96 -31.13 33.17 -22.76
CA PRO C 96 -31.46 33.66 -24.10
C PRO C 96 -30.47 34.73 -24.61
N ASP C 97 -29.79 35.41 -23.70
CA ASP C 97 -28.81 36.42 -24.09
C ASP C 97 -27.50 35.77 -24.50
N GLY C 98 -27.43 34.45 -24.32
CA GLY C 98 -26.22 33.72 -24.63
C GLY C 98 -25.43 33.49 -23.36
N THR C 99 -26.13 33.43 -22.24
CA THR C 99 -25.50 33.13 -20.94
C THR C 99 -25.55 31.62 -20.64
N VAL C 100 -24.38 31.03 -20.41
CA VAL C 100 -24.32 29.58 -20.28
C VAL C 100 -24.12 29.14 -18.82
N GLN C 101 -24.94 28.18 -18.39
CA GLN C 101 -24.83 27.57 -17.04
C GLN C 101 -24.24 26.17 -17.12
N TYR C 102 -22.96 26.05 -16.77
CA TYR C 102 -22.28 24.77 -16.77
C TYR C 102 -22.18 24.28 -15.34
N LEU C 103 -22.43 22.98 -15.15
CA LEU C 103 -22.27 22.35 -13.83
C LEU C 103 -21.76 20.91 -13.91
N GLU C 104 -20.54 20.68 -13.42
CA GLU C 104 -19.99 19.33 -13.37
C GLU C 104 -19.88 18.86 -11.94
N ARG C 105 -19.57 17.59 -11.75
CA ARG C 105 -19.31 17.06 -10.41
C ARG C 105 -18.03 16.26 -10.42
N PHE C 106 -16.94 16.96 -10.19
CA PHE C 106 -15.61 16.39 -10.26
C PHE C 106 -15.20 15.71 -8.97
N SER C 107 -14.10 14.99 -9.05
CA SER C 107 -13.63 14.18 -7.96
C SER C 107 -12.13 14.12 -8.18
N ALA C 108 -11.41 14.98 -7.46
CA ALA C 108 -9.97 15.06 -7.65
C ALA C 108 -9.16 14.78 -6.40
N ARG C 109 -7.92 14.33 -6.59
CA ARG C 109 -6.99 14.19 -5.47
C ARG C 109 -6.01 15.35 -5.45
N VAL C 110 -6.11 16.14 -4.40
CA VAL C 110 -5.49 17.45 -4.39
C VAL C 110 -4.19 17.44 -3.63
N LEU C 111 -3.22 18.17 -4.17
CA LEU C 111 -1.89 18.21 -3.59
C LEU C 111 -1.59 19.58 -2.95
N SER C 112 -2.06 19.76 -1.70
CA SER C 112 -1.74 20.94 -0.90
C SER C 112 -0.84 20.54 0.29
N PRO C 113 0.15 21.40 0.59
CA PRO C 113 1.15 21.18 1.63
C PRO C 113 0.64 21.59 3.01
N LEU C 114 1.35 21.18 4.06
CA LEU C 114 0.89 21.40 5.42
C LEU C 114 2.05 21.83 6.33
N ASP C 115 1.71 22.50 7.43
CA ASP C 115 2.70 23.05 8.37
C ASP C 115 2.67 22.29 9.70
N PHE C 116 3.51 21.24 9.78
CA PHE C 116 3.54 20.37 10.95
C PHE C 116 4.25 20.99 12.17
N ARG C 117 4.49 22.30 12.09
CA ARG C 117 5.21 23.01 13.11
C ARG C 117 4.59 22.76 14.49
N ARG C 118 3.27 22.87 14.60
CA ARG C 118 2.59 22.62 15.87
C ARG C 118 1.98 21.21 15.92
N TYR C 119 2.54 20.33 15.08
CA TYR C 119 1.92 19.06 14.72
C TYR C 119 0.60 18.69 15.37
N PRO C 120 0.63 18.16 16.60
CA PRO C 120 -0.65 17.61 17.03
C PRO C 120 -1.70 18.71 17.18
N PHE C 121 -1.23 19.94 17.38
CA PHE C 121 -2.14 21.06 17.62
C PHE C 121 -2.12 22.04 16.45
N ASP C 122 -1.87 21.50 15.26
CA ASP C 122 -1.70 22.31 14.06
C ASP C 122 -3.03 22.64 13.36
N SER C 123 -3.07 23.79 12.73
CA SER C 123 -4.19 24.07 11.84
C SER C 123 -3.72 24.28 10.41
N GLN C 124 -4.40 23.61 9.50
CA GLN C 124 -4.00 23.63 8.11
C GLN C 124 -4.98 24.38 7.21
N THR C 125 -4.43 24.88 6.11
CA THR C 125 -5.27 25.45 5.07
C THR C 125 -5.01 24.80 3.70
N LEU C 126 -6.03 24.13 3.19
CA LEU C 126 -5.91 23.41 1.92
C LEU C 126 -6.30 24.26 0.72
N HIS C 127 -5.79 23.91 -0.46
CA HIS C 127 -6.02 24.73 -1.66
C HIS C 127 -6.52 23.97 -2.90
N ILE C 128 -7.28 24.68 -3.72
CA ILE C 128 -7.70 24.16 -5.00
C ILE C 128 -7.52 25.32 -5.96
N TYR C 129 -7.03 25.07 -7.17
CA TYR C 129 -6.62 26.20 -8.00
C TYR C 129 -7.36 26.63 -9.29
N LEU C 130 -7.68 25.72 -10.18
CA LEU C 130 -8.33 26.20 -11.39
C LEU C 130 -7.64 27.29 -12.22
N ILE C 131 -6.63 26.93 -13.02
CA ILE C 131 -6.22 27.86 -14.06
C ILE C 131 -7.20 27.88 -15.20
N VAL C 132 -7.01 28.84 -16.11
CA VAL C 132 -7.64 28.82 -17.39
C VAL C 132 -6.73 29.50 -18.38
N ARG C 133 -6.42 28.80 -19.47
CA ARG C 133 -5.46 29.28 -20.44
C ARG C 133 -6.15 30.06 -21.55
N SER C 134 -5.74 31.29 -21.77
CA SER C 134 -6.38 32.16 -22.78
C SER C 134 -6.02 31.76 -24.21
N VAL C 135 -6.71 32.39 -25.17
CA VAL C 135 -6.47 32.15 -26.59
C VAL C 135 -6.36 33.29 -27.60
N ASP C 136 -7.50 33.85 -27.99
CA ASP C 136 -7.55 34.97 -28.92
C ASP C 136 -8.55 35.98 -28.31
N THR C 137 -9.39 35.50 -27.38
CA THR C 137 -10.00 36.34 -26.33
C THR C 137 -9.22 35.99 -25.06
N ARG C 138 -8.92 36.94 -24.22
CA ARG C 138 -8.35 36.63 -22.92
C ARG C 138 -9.46 36.00 -22.07
N ASN C 139 -9.09 34.97 -21.30
CA ASN C 139 -9.99 34.42 -20.28
C ASN C 139 -9.59 34.75 -18.86
N ILE C 140 -10.49 35.42 -18.15
CA ILE C 140 -10.30 35.75 -16.76
C ILE C 140 -11.35 34.90 -16.05
N VAL C 141 -10.91 34.14 -15.05
CA VAL C 141 -11.84 33.46 -14.15
C VAL C 141 -12.29 34.43 -13.07
N LEU C 142 -13.38 34.12 -12.38
CA LEU C 142 -13.79 34.84 -11.17
C LEU C 142 -14.88 34.07 -10.42
N ALA C 143 -15.00 34.29 -9.12
CA ALA C 143 -15.88 33.45 -8.28
C ALA C 143 -17.31 33.98 -8.23
N VAL C 144 -18.30 33.08 -8.30
CA VAL C 144 -19.70 33.43 -8.02
C VAL C 144 -20.13 32.80 -6.71
N ASP C 145 -20.18 33.61 -5.66
CA ASP C 145 -20.28 33.14 -4.29
C ASP C 145 -21.61 32.46 -3.94
N LEU C 146 -22.50 32.33 -4.90
CA LEU C 146 -23.75 31.60 -4.68
C LEU C 146 -23.57 30.10 -4.99
N GLU C 147 -22.55 29.81 -5.81
CA GLU C 147 -22.18 28.42 -6.07
C GLU C 147 -20.84 28.06 -5.42
N LYS C 148 -20.40 28.91 -4.49
CA LYS C 148 -19.15 28.72 -3.74
C LYS C 148 -19.38 28.53 -2.26
N VAL C 149 -20.63 28.73 -1.82
CA VAL C 149 -21.03 28.31 -0.47
C VAL C 149 -20.87 26.80 -0.47
N GLY C 150 -20.17 26.34 -1.50
CA GLY C 150 -19.82 24.94 -1.73
C GLY C 150 -19.27 24.53 -0.40
N LYS C 151 -20.06 23.74 0.30
CA LYS C 151 -19.60 22.98 1.43
C LYS C 151 -20.95 22.49 1.90
N ASN C 152 -21.15 21.20 1.84
CA ASN C 152 -22.34 20.62 2.43
C ASN C 152 -22.17 20.60 3.95
N ASP C 153 -23.26 20.41 4.66
CA ASP C 153 -23.23 20.39 6.12
C ASP C 153 -22.86 19.02 6.66
N ASP C 154 -22.24 18.21 5.82
CA ASP C 154 -21.87 16.85 6.21
C ASP C 154 -20.48 16.53 5.73
N VAL C 155 -19.75 17.54 5.25
CA VAL C 155 -18.38 17.30 4.85
C VAL C 155 -17.74 16.66 6.09
N PHE C 156 -16.92 15.64 5.84
CA PHE C 156 -16.43 14.79 6.89
C PHE C 156 -15.00 15.18 7.27
N LEU C 157 -14.04 14.65 6.52
CA LEU C 157 -12.62 14.78 6.83
C LEU C 157 -12.15 14.34 8.23
N THR C 158 -12.11 13.02 8.41
CA THR C 158 -11.78 12.41 9.69
C THR C 158 -10.56 13.03 10.34
N GLY C 159 -10.73 13.26 11.67
CA GLY C 159 -9.62 13.72 12.48
C GLY C 159 -9.32 15.18 12.22
N TRP C 160 -10.29 15.86 11.62
CA TRP C 160 -10.15 17.28 11.42
C TRP C 160 -11.49 17.97 11.63
N ASP C 161 -11.46 19.10 12.30
CA ASP C 161 -12.59 20.01 12.34
C ASP C 161 -12.47 20.97 11.16
N ILE C 162 -13.55 21.09 10.39
CA ILE C 162 -13.53 21.93 9.20
C ILE C 162 -14.04 23.31 9.52
N GLU C 163 -13.16 24.30 9.46
CA GLU C 163 -13.49 25.67 9.85
C GLU C 163 -14.29 26.45 8.79
N SER C 164 -13.85 26.44 7.53
CA SER C 164 -14.45 27.29 6.52
C SER C 164 -13.92 27.08 5.08
N PHE C 165 -14.85 26.89 4.12
CA PHE C 165 -14.50 26.87 2.70
C PHE C 165 -14.92 28.20 2.09
N THR C 166 -13.96 28.89 1.46
CA THR C 166 -14.18 30.18 0.80
C THR C 166 -13.22 30.33 -0.41
N ALA C 167 -13.27 31.47 -1.10
CA ALA C 167 -12.34 31.67 -2.22
C ALA C 167 -11.83 33.11 -2.37
N VAL C 168 -10.62 33.26 -2.92
CA VAL C 168 -10.07 34.59 -3.14
C VAL C 168 -10.61 35.19 -4.44
N VAL C 169 -11.46 36.18 -4.29
CA VAL C 169 -12.22 36.68 -5.40
C VAL C 169 -11.33 37.19 -6.53
N LYS C 170 -10.18 37.78 -6.22
CA LYS C 170 -9.29 38.32 -7.26
C LYS C 170 -8.41 37.20 -7.85
N PRO C 171 -8.62 36.87 -9.14
CA PRO C 171 -7.73 35.91 -9.77
C PRO C 171 -6.30 36.43 -9.91
N ALA C 172 -5.35 35.49 -9.92
CA ALA C 172 -3.98 35.85 -10.28
C ALA C 172 -3.78 35.62 -11.77
N ASN C 173 -3.64 36.70 -12.56
CA ASN C 173 -3.43 36.53 -13.99
C ASN C 173 -1.95 36.50 -14.36
N PHE C 174 -1.44 35.27 -14.49
CA PHE C 174 -0.08 35.02 -14.96
C PHE C 174 -0.02 35.20 -16.44
N ALA C 175 1.19 35.26 -16.96
CA ALA C 175 1.44 34.99 -18.37
C ALA C 175 2.34 33.76 -18.42
N LEU C 176 1.90 32.74 -19.12
CA LEU C 176 2.66 31.49 -19.17
C LEU C 176 2.89 31.22 -20.65
N GLU C 177 4.15 30.96 -21.01
CA GLU C 177 4.53 30.67 -22.40
C GLU C 177 3.71 31.41 -23.46
N ASP C 178 3.47 32.70 -23.25
CA ASP C 178 2.71 33.50 -24.21
C ASP C 178 1.19 33.31 -24.43
N ARG C 179 0.43 33.33 -23.34
CA ARG C 179 -1.03 33.35 -23.37
C ARG C 179 -1.22 33.48 -21.88
N LEU C 180 -2.04 34.44 -21.44
CA LEU C 180 -2.00 34.79 -20.03
C LEU C 180 -2.91 33.66 -19.52
N GLU C 181 -2.57 33.21 -18.31
CA GLU C 181 -3.49 32.33 -17.63
C GLU C 181 -4.14 33.04 -16.47
N SER C 182 -5.29 32.55 -16.03
CA SER C 182 -6.00 33.16 -14.92
C SER C 182 -6.18 32.08 -13.89
N LYS C 183 -5.73 32.35 -12.67
CA LYS C 183 -5.76 31.36 -11.58
C LYS C 183 -6.56 31.86 -10.38
N LEU C 184 -7.36 30.95 -9.79
CA LEU C 184 -8.24 31.32 -8.68
C LEU C 184 -7.87 30.50 -7.46
N ASP C 185 -8.03 31.08 -6.27
CA ASP C 185 -7.61 30.37 -5.06
C ASP C 185 -8.76 29.96 -4.14
N TYR C 186 -9.17 28.69 -4.21
CA TYR C 186 -10.19 28.18 -3.28
C TYR C 186 -9.55 27.60 -2.03
N GLN C 187 -10.05 28.02 -0.88
CA GLN C 187 -9.39 27.72 0.41
C GLN C 187 -10.25 26.91 1.37
N LEU C 188 -9.65 25.85 1.91
CA LEU C 188 -10.30 25.06 2.94
C LEU C 188 -9.47 25.10 4.23
N ARG C 189 -10.03 25.66 5.30
CA ARG C 189 -9.29 25.79 6.56
C ARG C 189 -9.72 24.73 7.59
N ILE C 190 -8.73 24.07 8.18
CA ILE C 190 -9.02 22.95 9.07
C ILE C 190 -8.15 22.94 10.31
N SER C 191 -8.77 22.60 11.45
CA SER C 191 -8.05 22.40 12.70
C SER C 191 -7.95 20.92 12.93
N ARG C 192 -6.78 20.44 13.37
CA ARG C 192 -6.65 19.03 13.71
C ARG C 192 -7.40 18.70 15.00
N GLN C 193 -7.92 17.48 15.04
CA GLN C 193 -8.55 16.94 16.23
C GLN C 193 -7.49 16.24 17.02
N TYR C 194 -6.95 16.98 17.99
CA TYR C 194 -5.74 16.61 18.70
C TYR C 194 -6.03 15.73 19.92
N PHE C 195 -7.30 15.71 20.33
CA PHE C 195 -7.73 14.91 21.48
C PHE C 195 -7.08 13.52 21.57
N SER C 196 -7.32 12.69 20.55
CA SER C 196 -6.86 11.32 20.61
C SER C 196 -5.37 11.19 20.84
N TYR C 197 -4.59 12.21 20.48
CA TYR C 197 -3.14 12.12 20.61
C TYR C 197 -2.72 12.13 22.07
N ILE C 198 -3.66 12.46 22.95
CA ILE C 198 -3.39 12.53 24.38
C ILE C 198 -3.36 11.17 25.10
N PRO C 199 -4.49 10.46 25.08
CA PRO C 199 -4.56 9.13 25.70
C PRO C 199 -3.66 8.14 24.99
N ASN C 200 -3.28 8.45 23.75
CA ASN C 200 -2.63 7.46 22.91
C ASN C 200 -1.16 7.70 22.66
N ILE C 201 -0.76 8.97 22.77
CA ILE C 201 0.66 9.31 22.63
C ILE C 201 1.24 10.08 23.82
N ILE C 202 0.72 11.28 24.06
CA ILE C 202 1.29 12.16 25.06
C ILE C 202 1.32 11.55 26.46
N LEU C 203 0.15 11.20 26.99
CA LEU C 203 0.12 10.59 28.33
C LEU C 203 0.94 9.30 28.37
N PRO C 204 0.61 8.30 27.54
CA PRO C 204 1.38 7.06 27.68
C PRO C 204 2.87 7.38 27.70
N MET C 205 3.25 8.39 26.92
CA MET C 205 4.64 8.76 26.80
C MET C 205 5.19 9.33 28.10
N LEU C 206 4.44 10.24 28.73
CA LEU C 206 4.84 10.85 30.01
C LEU C 206 4.99 9.85 31.14
N PHE C 207 4.02 8.95 31.26
CA PHE C 207 4.10 7.86 32.23
C PHE C 207 5.44 7.10 32.21
N ILE C 208 5.78 6.53 31.05
CA ILE C 208 7.06 5.82 30.93
C ILE C 208 8.25 6.67 31.37
N LEU C 209 8.11 7.98 31.28
CA LEU C 209 9.17 8.90 31.65
C LEU C 209 9.29 8.98 33.17
N PHE C 210 8.15 9.02 33.84
CA PHE C 210 8.12 9.09 35.29
C PHE C 210 8.64 7.81 35.95
N ILE C 211 8.01 6.69 35.65
CA ILE C 211 8.54 5.40 36.04
C ILE C 211 10.06 5.37 35.87
N SER C 212 10.56 5.91 34.75
CA SER C 212 12.00 5.90 34.46
C SER C 212 12.74 6.32 35.70
N TRP C 213 12.23 7.37 36.30
CA TRP C 213 13.02 8.02 37.31
C TRP C 213 12.51 7.86 38.74
N THR C 214 11.76 6.80 38.96
CA THR C 214 11.66 6.24 40.29
C THR C 214 13.05 5.71 40.70
N ALA C 215 13.95 5.59 39.72
CA ALA C 215 15.33 5.15 39.97
C ALA C 215 16.07 6.14 40.88
N PHE C 216 15.36 7.22 41.20
CA PHE C 216 15.86 8.24 42.09
C PHE C 216 15.47 7.95 43.52
N TRP C 217 14.73 6.87 43.73
CA TRP C 217 14.31 6.43 45.06
C TRP C 217 14.74 4.97 45.22
N SER C 218 15.54 4.52 44.26
CA SER C 218 16.10 3.19 44.30
C SER C 218 17.57 3.38 44.46
N THR C 219 18.25 2.30 44.81
CA THR C 219 19.66 2.36 45.11
C THR C 219 20.33 1.17 44.46
N SER C 220 19.52 0.30 43.85
CA SER C 220 20.05 -0.83 43.12
C SER C 220 20.28 -0.45 41.67
N TYR C 221 21.54 -0.23 41.34
CA TYR C 221 21.98 -0.07 39.97
C TYR C 221 21.32 -1.15 39.07
N ASP C 222 21.38 -2.41 39.48
CA ASP C 222 20.83 -3.50 38.67
C ASP C 222 19.34 -3.29 38.35
N ALA C 223 18.59 -2.76 39.31
CA ALA C 223 17.16 -2.56 39.12
C ALA C 223 16.89 -1.16 38.65
N ASN C 224 17.94 -0.35 38.60
CA ASN C 224 17.79 0.99 38.07
C ASN C 224 18.12 1.04 36.58
N VAL C 225 18.96 0.13 36.10
CA VAL C 225 19.13 0.02 34.65
C VAL C 225 17.94 -0.76 34.08
N THR C 226 17.67 -1.95 34.63
CA THR C 226 16.52 -2.73 34.21
C THR C 226 15.32 -1.78 34.16
N LEU C 227 15.30 -0.81 35.06
CA LEU C 227 14.25 0.19 35.07
C LEU C 227 14.43 1.26 33.99
N VAL C 228 15.35 2.20 34.20
CA VAL C 228 15.58 3.31 33.26
C VAL C 228 15.80 2.89 31.79
N VAL C 229 16.56 1.83 31.55
CA VAL C 229 16.77 1.38 30.18
C VAL C 229 15.50 0.80 29.57
N SER C 230 14.80 -0.10 30.28
CA SER C 230 13.54 -0.63 29.78
C SER C 230 12.58 0.50 29.35
N THR C 231 12.43 1.53 30.17
CA THR C 231 11.56 2.65 29.83
C THR C 231 12.03 3.40 28.58
N LEU C 232 13.34 3.58 28.44
CA LEU C 232 13.88 4.23 27.24
C LEU C 232 13.43 3.54 25.94
N ILE C 233 13.59 2.23 25.89
CA ILE C 233 13.09 1.45 24.78
C ILE C 233 11.66 1.89 24.43
N ALA C 234 10.74 1.83 25.39
CA ALA C 234 9.32 2.13 25.13
C ALA C 234 9.14 3.49 24.52
N HIS C 235 10.00 4.40 24.91
CA HIS C 235 9.91 5.74 24.37
C HIS C 235 10.21 5.73 22.87
N ILE C 236 11.14 4.90 22.45
CA ILE C 236 11.41 4.73 21.03
C ILE C 236 10.19 4.14 20.32
N ALA C 237 9.51 3.21 20.97
CA ALA C 237 8.36 2.60 20.36
C ALA C 237 7.42 3.74 20.07
N PHE C 238 7.39 4.72 20.96
CA PHE C 238 6.55 5.88 20.72
C PHE C 238 7.19 6.86 19.74
N ASN C 239 8.48 7.11 19.91
CA ASN C 239 9.17 7.99 18.98
C ASN C 239 8.91 7.51 17.57
N ILE C 240 9.19 6.23 17.32
CA ILE C 240 9.01 5.64 15.99
C ILE C 240 7.54 5.69 15.52
N LEU C 241 6.63 5.24 16.38
CA LEU C 241 5.19 5.31 16.12
C LEU C 241 4.77 6.65 15.54
N VAL C 242 5.25 7.72 16.13
CA VAL C 242 4.87 9.07 15.71
C VAL C 242 5.53 9.43 14.37
N GLU C 243 6.84 9.17 14.33
CA GLU C 243 7.71 9.51 13.21
C GLU C 243 7.28 8.83 11.92
N THR C 244 6.27 7.99 12.05
CA THR C 244 5.66 7.33 10.92
C THR C 244 4.59 8.14 10.17
N ASN C 245 3.49 8.47 10.86
CA ASN C 245 2.40 9.25 10.27
C ASN C 245 2.79 10.72 10.10
N LEU C 246 3.97 10.96 9.55
CA LEU C 246 4.58 12.27 9.57
C LEU C 246 5.79 12.34 8.65
N PRO C 247 5.73 13.21 7.61
CA PRO C 247 6.75 13.41 6.58
C PRO C 247 8.07 13.95 7.11
N LYS C 248 9.12 13.86 6.30
CA LYS C 248 10.40 14.41 6.70
C LYS C 248 10.38 15.93 6.49
N THR C 249 9.71 16.64 7.40
CA THR C 249 9.88 18.07 7.56
C THR C 249 11.36 18.45 7.64
N PRO C 250 11.75 19.53 6.97
CA PRO C 250 13.13 20.01 7.01
C PRO C 250 13.30 20.89 8.24
N TYR C 251 12.28 20.88 9.10
CA TYR C 251 12.16 21.79 10.22
C TYR C 251 11.69 21.02 11.44
N MET C 252 11.74 21.65 12.62
CA MET C 252 11.43 20.90 13.82
C MET C 252 9.95 20.97 14.21
N THR C 253 9.35 19.80 14.28
CA THR C 253 7.94 19.67 14.65
C THR C 253 7.78 19.73 16.18
N TYR C 254 6.82 20.52 16.64
CA TYR C 254 6.63 20.68 18.09
C TYR C 254 6.66 19.34 18.80
N THR C 255 5.76 18.46 18.43
CA THR C 255 5.71 17.15 19.07
C THR C 255 7.05 16.43 19.02
N GLY C 256 7.79 16.62 17.94
CA GLY C 256 9.06 15.94 17.77
C GLY C 256 10.14 16.60 18.60
N ALA C 257 9.86 17.84 19.02
CA ALA C 257 10.74 18.56 19.92
C ALA C 257 10.67 17.87 21.24
N ILE C 258 9.48 17.88 21.83
CA ILE C 258 9.33 17.32 23.17
C ILE C 258 9.61 15.84 23.15
N ILE C 259 9.34 15.18 22.02
CA ILE C 259 9.66 13.75 21.90
C ILE C 259 11.16 13.51 21.88
N PHE C 260 11.92 14.57 21.69
CA PHE C 260 13.35 14.45 21.58
C PHE C 260 13.99 15.06 22.82
N MET C 261 13.39 16.13 23.33
CA MET C 261 13.83 16.72 24.59
C MET C 261 13.91 15.56 25.57
N ILE C 262 12.88 14.72 25.53
CA ILE C 262 12.80 13.55 26.40
C ILE C 262 14.09 12.73 26.42
N TYR C 263 14.59 12.35 25.26
CA TYR C 263 15.77 11.47 25.22
C TYR C 263 16.85 11.93 26.18
N LEU C 264 16.99 13.25 26.33
CA LEU C 264 18.00 13.80 27.23
C LEU C 264 17.71 13.43 28.68
N PHE C 265 16.44 13.56 29.08
CA PHE C 265 16.02 13.22 30.44
C PHE C 265 16.20 11.74 30.76
N TYR C 266 16.33 10.93 29.72
CA TYR C 266 16.62 9.50 29.86
C TYR C 266 18.12 9.34 29.95
N PHE C 267 18.83 10.23 29.27
CA PHE C 267 20.27 10.16 29.22
C PHE C 267 20.89 10.55 30.56
N VAL C 268 20.64 11.78 30.99
CA VAL C 268 21.15 12.23 32.27
C VAL C 268 20.63 11.32 33.40
N ALA C 269 19.37 10.92 33.31
CA ALA C 269 18.84 9.91 34.23
C ALA C 269 19.84 8.78 34.36
N VAL C 270 20.14 8.12 33.25
CA VAL C 270 21.18 7.10 33.25
C VAL C 270 22.46 7.62 33.93
N ILE C 271 23.00 8.72 33.40
CA ILE C 271 24.20 9.32 33.99
C ILE C 271 24.15 9.28 35.52
N GLU C 272 23.13 9.93 36.10
CA GLU C 272 22.91 9.87 37.54
C GLU C 272 22.95 8.44 38.04
N VAL C 273 22.02 7.56 37.63
CA VAL C 273 22.03 6.24 38.26
C VAL C 273 23.46 5.70 38.22
N THR C 274 24.14 5.90 37.11
CA THR C 274 25.51 5.45 36.90
C THR C 274 26.47 6.11 37.89
N VAL C 275 26.25 7.40 38.14
CA VAL C 275 27.07 8.16 39.08
C VAL C 275 26.74 7.84 40.53
N GLN C 276 25.48 7.96 40.91
CA GLN C 276 25.02 7.51 42.22
C GLN C 276 25.45 6.07 42.47
N HIS C 277 26.14 5.47 41.50
CA HIS C 277 26.73 4.17 41.71
C HIS C 277 28.25 4.20 41.80
N TYR C 278 28.93 4.93 40.87
CA TYR C 278 30.38 5.06 41.01
C TYR C 278 30.73 5.76 42.32
N LEU C 279 29.87 6.70 42.74
CA LEU C 279 30.04 7.35 44.04
C LEU C 279 29.77 6.39 45.18
N LYS C 280 28.59 5.80 45.16
CA LYS C 280 28.18 4.88 46.21
C LYS C 280 29.19 3.75 46.39
N VAL C 281 30.04 3.47 45.42
CA VAL C 281 31.03 2.40 45.55
C VAL C 281 32.41 2.96 45.81
N GLU C 282 32.62 4.22 45.45
CA GLU C 282 33.85 4.92 45.84
C GLU C 282 33.75 5.37 47.32
N SER C 283 33.07 4.57 48.11
CA SER C 283 32.82 4.86 49.52
C SER C 283 32.62 6.34 49.79
N GLN C 284 31.65 6.94 49.10
CA GLN C 284 31.31 8.35 49.29
C GLN C 284 29.81 8.51 49.11
N PRO C 285 29.01 7.70 49.84
CA PRO C 285 27.55 7.77 49.73
C PRO C 285 27.10 9.11 50.29
N ALA C 286 27.96 9.74 51.09
CA ALA C 286 27.79 11.12 51.48
C ALA C 286 27.26 11.92 50.28
N ARG C 287 27.90 11.71 49.13
CA ARG C 287 27.59 12.46 47.93
C ARG C 287 26.47 11.78 47.15
N ALA C 288 26.65 10.50 46.86
CA ALA C 288 25.70 9.75 46.05
C ALA C 288 24.24 9.99 46.46
N ALA C 289 23.92 9.77 47.73
CA ALA C 289 22.55 9.95 48.21
C ALA C 289 22.27 11.42 48.45
N SER C 290 23.20 12.26 48.05
CA SER C 290 22.94 13.69 47.96
C SER C 290 22.47 13.97 46.54
N ILE C 291 23.17 13.40 45.57
CA ILE C 291 22.76 13.49 44.16
C ILE C 291 21.36 12.91 43.93
N THR C 292 21.22 11.58 44.00
CA THR C 292 19.91 10.96 43.96
C THR C 292 18.89 11.79 44.75
N ARG C 293 19.28 12.27 45.91
CA ARG C 293 18.42 13.13 46.72
C ARG C 293 17.87 14.31 45.91
N ALA C 294 18.74 14.92 45.10
CA ALA C 294 18.40 16.13 44.34
C ALA C 294 17.83 15.80 42.97
N SER C 295 18.45 14.83 42.30
CA SER C 295 17.96 14.32 41.03
C SER C 295 16.44 14.23 41.09
N ARG C 296 15.94 13.67 42.20
CA ARG C 296 14.51 13.44 42.35
C ARG C 296 13.69 14.73 42.44
N ILE C 297 14.37 15.86 42.34
CA ILE C 297 13.70 17.16 42.29
C ILE C 297 14.01 17.86 40.99
N ALA C 298 15.30 17.85 40.61
CA ALA C 298 15.78 18.61 39.45
C ALA C 298 15.07 18.20 38.19
N PHE C 299 15.06 16.91 37.92
CA PHE C 299 14.49 16.41 36.69
C PHE C 299 13.05 16.86 36.43
N PRO C 300 12.12 16.56 37.36
CA PRO C 300 10.73 16.98 37.16
C PRO C 300 10.62 18.48 36.91
N VAL C 301 11.38 19.26 37.66
CA VAL C 301 11.38 20.69 37.45
C VAL C 301 11.92 21.04 36.06
N VAL C 302 13.23 20.85 35.87
CA VAL C 302 13.86 21.18 34.59
C VAL C 302 13.06 20.71 33.38
N PHE C 303 12.31 19.62 33.55
CA PHE C 303 11.40 19.13 32.53
C PHE C 303 10.21 20.05 32.35
N LEU C 304 9.34 20.07 33.35
CA LEU C 304 8.21 21.00 33.37
C LEU C 304 8.63 22.44 33.03
N LEU C 305 9.88 22.72 33.31
CA LEU C 305 10.40 24.01 32.98
C LEU C 305 10.63 24.09 31.49
N ALA C 306 11.44 23.16 30.99
CA ALA C 306 11.78 23.08 29.57
C ALA C 306 10.54 23.01 28.70
N ASN C 307 9.51 22.33 29.19
CA ASN C 307 8.26 22.23 28.46
C ASN C 307 7.48 23.54 28.36
N ILE C 308 7.49 24.30 29.43
CA ILE C 308 6.96 25.65 29.35
C ILE C 308 7.81 26.39 28.33
N ILE C 309 9.13 26.29 28.48
CA ILE C 309 10.05 26.92 27.54
C ILE C 309 9.71 26.49 26.13
N LEU C 310 9.60 25.18 25.94
CA LEU C 310 9.32 24.63 24.63
C LEU C 310 7.93 25.03 24.14
N ALA C 311 6.91 24.54 24.84
CA ALA C 311 5.52 24.91 24.56
C ALA C 311 5.42 26.38 24.16
N PHE C 312 5.96 27.26 25.00
CA PHE C 312 5.94 28.68 24.70
C PHE C 312 6.65 28.93 23.36
N LEU C 313 7.90 28.49 23.28
CA LEU C 313 8.72 28.67 22.08
C LEU C 313 7.98 28.40 20.77
N PHE C 314 7.02 27.48 20.81
CA PHE C 314 6.27 27.05 19.62
C PHE C 314 4.95 27.78 19.42
N PHE C 315 3.99 27.52 20.31
CA PHE C 315 2.69 28.17 20.25
C PHE C 315 2.69 29.65 20.67
N GLY C 316 3.48 29.99 21.69
CA GLY C 316 3.52 31.34 22.23
C GLY C 316 4.23 32.35 21.34
N PHE C 317 4.76 31.90 20.21
CA PHE C 317 5.46 32.76 19.26
C PHE C 317 4.85 32.67 17.86
N PRO D 8 -33.34 15.55 -23.63
CA PRO D 8 -34.76 15.54 -23.99
C PRO D 8 -35.68 14.95 -22.91
N PRO D 9 -35.94 15.69 -21.82
CA PRO D 9 -36.72 15.17 -20.67
C PRO D 9 -38.21 14.96 -20.95
N PRO D 10 -38.85 14.03 -20.24
CA PRO D 10 -40.25 13.65 -20.44
C PRO D 10 -41.19 14.72 -19.90
N ILE D 11 -41.94 15.34 -20.81
CA ILE D 11 -42.86 16.41 -20.45
C ILE D 11 -43.97 15.92 -19.53
N ALA D 12 -43.68 15.89 -18.23
CA ALA D 12 -44.66 15.48 -17.23
C ALA D 12 -45.77 16.54 -17.16
N ASP D 13 -46.66 16.42 -16.17
CA ASP D 13 -47.66 17.47 -15.93
C ASP D 13 -47.42 18.09 -14.56
N GLU D 14 -46.61 17.39 -13.78
CA GLU D 14 -46.16 17.87 -12.47
C GLU D 14 -44.79 17.29 -12.17
N PRO D 15 -44.33 17.40 -10.91
CA PRO D 15 -43.07 16.73 -10.56
C PRO D 15 -43.08 15.28 -11.02
N LEU D 16 -42.09 14.96 -11.85
CA LEU D 16 -41.86 13.61 -12.34
C LEU D 16 -41.24 12.75 -11.26
N THR D 17 -41.99 11.76 -10.81
CA THR D 17 -41.48 10.83 -9.84
C THR D 17 -40.57 9.81 -10.54
N VAL D 18 -39.39 9.59 -9.98
CA VAL D 18 -38.48 8.55 -10.47
C VAL D 18 -38.31 7.52 -9.39
N ASN D 19 -38.53 6.25 -9.73
CA ASN D 19 -38.62 5.20 -8.73
C ASN D 19 -37.38 4.31 -8.58
N THR D 20 -36.66 4.58 -7.50
CA THR D 20 -35.36 3.98 -7.20
C THR D 20 -35.44 2.64 -6.46
N GLY D 21 -34.29 1.98 -6.33
CA GLY D 21 -34.19 0.72 -5.61
C GLY D 21 -32.83 0.07 -5.76
N ILE D 22 -32.17 -0.20 -4.62
CA ILE D 22 -30.84 -0.83 -4.63
C ILE D 22 -30.85 -2.28 -4.16
N TYR D 23 -30.15 -3.16 -4.88
CA TYR D 23 -30.04 -4.55 -4.47
C TYR D 23 -28.58 -4.91 -4.29
N LEU D 24 -28.11 -4.80 -3.04
CA LEU D 24 -26.74 -5.16 -2.66
C LEU D 24 -26.42 -6.54 -3.14
N ILE D 25 -25.34 -6.65 -3.90
CA ILE D 25 -24.94 -7.94 -4.43
C ILE D 25 -23.71 -8.40 -3.66
N GLU D 26 -22.74 -7.50 -3.61
CA GLU D 26 -21.52 -7.71 -2.90
C GLU D 26 -21.35 -6.56 -1.92
N CYS D 27 -20.74 -6.84 -0.78
CA CYS D 27 -20.50 -5.81 0.25
C CYS D 27 -19.20 -6.12 0.97
N TYR D 28 -18.29 -5.17 1.02
CA TYR D 28 -16.93 -5.48 1.40
C TYR D 28 -16.06 -4.29 1.79
N SER D 29 -14.81 -4.58 2.13
CA SER D 29 -13.81 -3.58 2.49
C SER D 29 -14.34 -2.43 3.35
N LEU D 30 -15.05 -2.78 4.42
CA LEU D 30 -15.33 -1.76 5.43
C LEU D 30 -14.04 -1.40 6.14
N ASP D 31 -13.78 -0.10 6.14
CA ASP D 31 -12.48 0.42 6.53
C ASP D 31 -12.65 1.36 7.71
N ASP D 32 -12.43 0.83 8.91
CA ASP D 32 -12.71 1.59 10.12
C ASP D 32 -11.87 2.86 10.11
N LYS D 33 -10.65 2.77 9.60
CA LYS D 33 -9.73 3.91 9.60
C LYS D 33 -10.26 5.04 8.72
N ALA D 34 -10.66 4.68 7.50
CA ALA D 34 -11.06 5.64 6.47
C ALA D 34 -12.54 5.98 6.55
N GLU D 35 -13.27 5.17 7.32
CA GLU D 35 -14.70 5.30 7.43
C GLU D 35 -15.36 5.19 6.03
N THR D 36 -15.12 4.08 5.35
CA THR D 36 -15.67 3.83 4.05
C THR D 36 -16.02 2.36 3.90
N PHE D 37 -16.75 2.06 2.85
CA PHE D 37 -16.95 0.67 2.47
C PHE D 37 -17.26 0.57 0.98
N LYS D 38 -16.93 -0.59 0.45
CA LYS D 38 -17.10 -0.86 -0.95
C LYS D 38 -18.48 -1.54 -1.06
N VAL D 39 -19.20 -1.25 -2.15
CA VAL D 39 -20.46 -1.94 -2.40
C VAL D 39 -20.66 -2.19 -3.87
N ASN D 40 -21.34 -3.29 -4.17
CA ASN D 40 -21.63 -3.65 -5.54
C ASN D 40 -23.06 -4.14 -5.60
N ALA D 41 -23.93 -3.29 -6.14
CA ALA D 41 -25.36 -3.59 -6.15
C ALA D 41 -26.02 -3.23 -7.44
N PHE D 42 -27.32 -3.54 -7.52
CA PHE D 42 -28.18 -3.13 -8.64
C PHE D 42 -28.73 -1.77 -8.33
N LEU D 43 -28.79 -0.91 -9.33
CA LEU D 43 -29.62 0.29 -9.22
C LEU D 43 -30.79 0.15 -10.18
N SER D 44 -31.98 0.40 -9.68
CA SER D 44 -33.18 0.28 -10.48
C SER D 44 -33.93 1.61 -10.48
N LEU D 45 -34.42 2.03 -11.66
CA LEU D 45 -35.13 3.30 -11.79
C LEU D 45 -36.35 3.16 -12.68
N SER D 46 -37.43 3.90 -12.37
CA SER D 46 -38.66 3.91 -13.19
C SER D 46 -39.30 5.29 -13.32
N TRP D 47 -39.83 5.59 -14.49
CA TRP D 47 -40.52 6.85 -14.68
C TRP D 47 -41.43 6.77 -15.90
N LYS D 48 -42.51 7.55 -15.90
CA LYS D 48 -43.34 7.61 -17.08
C LYS D 48 -42.86 8.72 -18.02
N ASP D 49 -42.41 8.28 -19.19
CA ASP D 49 -42.06 9.15 -20.28
C ASP D 49 -43.09 8.98 -21.42
N ARG D 50 -44.26 9.61 -21.27
CA ARG D 50 -45.40 9.39 -22.15
C ARG D 50 -45.02 9.33 -23.63
N ARG D 51 -43.91 9.98 -24.00
CA ARG D 51 -43.44 10.00 -25.39
C ARG D 51 -43.13 8.59 -25.89
N LEU D 52 -42.53 7.84 -25.05
CA LEU D 52 -42.09 6.47 -25.37
C LEU D 52 -43.26 5.49 -25.56
N ALA D 53 -44.47 5.96 -25.22
CA ALA D 53 -45.69 5.16 -25.35
C ALA D 53 -45.91 4.60 -26.78
N PHE D 54 -46.47 3.39 -26.85
CA PHE D 54 -46.56 2.73 -28.13
C PHE D 54 -47.67 1.69 -28.10
N ASP D 55 -48.62 1.89 -29.00
CA ASP D 55 -49.54 0.87 -29.47
C ASP D 55 -48.77 -0.44 -29.42
N PRO D 56 -49.23 -1.39 -28.59
CA PRO D 56 -48.55 -2.70 -28.52
C PRO D 56 -49.01 -3.44 -29.77
N VAL D 57 -50.25 -3.44 -30.01
CA VAL D 57 -50.85 -4.16 -31.12
C VAL D 57 -50.25 -3.76 -32.48
N ARG D 58 -50.15 -2.46 -32.73
CA ARG D 58 -49.57 -1.97 -33.98
C ARG D 58 -48.05 -2.20 -34.03
N SER D 59 -47.48 -2.36 -32.93
CA SER D 59 -46.04 -2.59 -32.88
C SER D 59 -45.72 -4.02 -32.42
N GLY D 60 -44.48 -4.24 -32.02
CA GLY D 60 -44.00 -5.55 -31.63
C GLY D 60 -44.59 -6.35 -30.48
N VAL D 61 -44.31 -5.93 -29.26
CA VAL D 61 -44.75 -6.71 -28.10
C VAL D 61 -45.02 -5.88 -26.86
N ARG D 62 -45.05 -6.54 -25.71
CA ARG D 62 -45.35 -5.88 -24.45
C ARG D 62 -44.50 -4.62 -24.31
N VAL D 63 -43.17 -4.82 -24.30
CA VAL D 63 -42.19 -3.77 -24.12
C VAL D 63 -41.07 -3.79 -25.15
N LYS D 64 -40.54 -2.62 -25.44
CA LYS D 64 -39.44 -2.47 -26.38
C LYS D 64 -38.24 -2.04 -25.58
N THR D 65 -37.06 -2.50 -25.96
CA THR D 65 -35.83 -2.15 -25.22
C THR D 65 -34.96 -1.18 -25.99
N TYR D 66 -34.43 -0.20 -25.29
CA TYR D 66 -33.61 0.84 -25.89
C TYR D 66 -32.20 0.83 -25.32
N GLU D 67 -31.27 1.39 -26.09
CA GLU D 67 -29.95 1.75 -25.56
C GLU D 67 -30.09 3.09 -24.83
N PRO D 68 -29.20 3.35 -23.87
CA PRO D 68 -29.25 4.56 -23.03
C PRO D 68 -29.23 5.88 -23.82
N GLU D 69 -28.56 5.89 -24.95
CA GLU D 69 -28.48 7.11 -25.76
C GLU D 69 -29.86 7.50 -26.26
N ALA D 70 -30.65 6.51 -26.72
CA ALA D 70 -31.97 6.77 -27.27
C ALA D 70 -32.93 7.48 -26.32
N ILE D 71 -33.06 6.93 -25.11
CA ILE D 71 -34.00 7.48 -24.13
C ILE D 71 -33.40 8.62 -23.33
N TRP D 72 -34.24 9.55 -22.92
CA TRP D 72 -33.83 10.48 -21.88
C TRP D 72 -33.81 9.72 -20.60
N ILE D 73 -32.72 9.84 -19.87
CA ILE D 73 -32.56 9.11 -18.61
C ILE D 73 -32.02 10.00 -17.52
N PRO D 74 -32.64 9.96 -16.32
CA PRO D 74 -32.37 10.94 -15.27
C PRO D 74 -31.07 10.66 -14.54
N GLU D 75 -30.20 11.66 -14.44
CA GLU D 75 -28.92 11.49 -13.78
C GLU D 75 -29.15 11.31 -12.30
N ILE D 76 -28.92 10.09 -11.83
CA ILE D 76 -28.95 9.81 -10.40
C ILE D 76 -27.50 9.69 -9.95
N ARG D 77 -27.00 10.72 -9.29
CA ARG D 77 -25.65 10.67 -8.80
C ARG D 77 -25.77 10.14 -7.36
N PHE D 78 -24.71 9.51 -6.83
CA PHE D 78 -24.68 9.18 -5.41
C PHE D 78 -24.05 10.34 -4.71
N VAL D 79 -24.34 10.52 -3.42
CA VAL D 79 -23.77 11.67 -2.75
C VAL D 79 -22.45 11.38 -2.05
N ASN D 80 -22.41 10.47 -1.16
CA ASN D 80 -21.21 10.16 -0.38
C ASN D 80 -20.38 9.09 -1.04
N VAL D 81 -19.60 9.50 -2.02
CA VAL D 81 -18.85 8.56 -2.83
C VAL D 81 -17.49 9.24 -2.94
N GLU D 82 -16.44 8.46 -3.13
CA GLU D 82 -15.11 8.99 -3.40
C GLU D 82 -15.07 9.58 -4.82
N ASN D 83 -15.07 8.70 -5.81
CA ASN D 83 -15.19 9.12 -7.20
C ASN D 83 -16.64 8.89 -7.59
N ALA D 84 -17.02 9.19 -8.84
CA ALA D 84 -18.33 8.79 -9.32
C ALA D 84 -18.31 7.27 -9.43
N ARG D 85 -19.47 6.62 -9.32
CA ARG D 85 -19.52 5.16 -9.30
C ARG D 85 -19.33 4.49 -10.65
N ASP D 86 -18.77 3.29 -10.66
CA ASP D 86 -18.62 2.51 -11.88
C ASP D 86 -19.85 1.65 -12.10
N ALA D 87 -20.66 2.00 -13.10
CA ALA D 87 -21.92 1.30 -13.37
C ALA D 87 -22.02 0.83 -14.81
N ASP D 88 -22.43 -0.43 -14.99
CA ASP D 88 -22.76 -1.01 -16.29
C ASP D 88 -24.27 -1.18 -16.39
N VAL D 89 -24.86 -0.68 -17.46
CA VAL D 89 -26.30 -0.75 -17.67
C VAL D 89 -26.74 -2.16 -18.02
N VAL D 90 -27.58 -2.74 -17.18
CA VAL D 90 -28.01 -4.11 -17.39
C VAL D 90 -29.19 -4.26 -18.37
N ASP D 91 -30.12 -3.30 -18.40
CA ASP D 91 -31.31 -3.39 -19.26
C ASP D 91 -32.20 -2.14 -19.20
N ILE D 92 -32.87 -1.85 -20.32
CA ILE D 92 -33.90 -0.82 -20.37
C ILE D 92 -35.18 -1.35 -21.05
N SER D 93 -36.35 -1.04 -20.50
CA SER D 93 -37.58 -1.67 -20.92
C SER D 93 -38.78 -0.73 -20.86
N VAL D 94 -38.99 0.05 -21.91
CA VAL D 94 -40.16 0.92 -22.00
C VAL D 94 -41.47 0.14 -22.17
N SER D 95 -42.40 0.38 -21.26
CA SER D 95 -43.74 -0.18 -21.31
C SER D 95 -44.55 0.60 -22.34
N PRO D 96 -45.79 0.17 -22.57
CA PRO D 96 -46.47 0.83 -23.67
C PRO D 96 -47.05 2.19 -23.31
N ASP D 97 -47.31 2.45 -22.04
CA ASP D 97 -47.84 3.73 -21.60
C ASP D 97 -46.73 4.74 -21.53
N GLY D 98 -45.51 4.28 -21.77
CA GLY D 98 -44.34 5.14 -21.66
C GLY D 98 -43.67 4.99 -20.31
N THR D 99 -43.83 3.82 -19.70
CA THR D 99 -43.17 3.51 -18.42
C THR D 99 -41.83 2.83 -18.66
N VAL D 100 -40.76 3.40 -18.12
CA VAL D 100 -39.42 2.89 -18.39
C VAL D 100 -38.82 2.10 -17.21
N GLN D 101 -38.27 0.92 -17.52
CA GLN D 101 -37.56 0.07 -16.54
C GLN D 101 -36.05 0.11 -16.75
N TYR D 102 -35.37 0.87 -15.92
CA TYR D 102 -33.91 0.97 -16.00
C TYR D 102 -33.28 0.13 -14.91
N LEU D 103 -32.23 -0.61 -15.26
CA LEU D 103 -31.49 -1.41 -14.27
C LEU D 103 -29.99 -1.42 -14.53
N GLU D 104 -29.21 -0.79 -13.65
CA GLU D 104 -27.76 -0.85 -13.77
C GLU D 104 -27.14 -1.72 -12.66
N ARG D 105 -25.84 -1.99 -12.79
CA ARG D 105 -25.15 -2.70 -11.74
C ARG D 105 -23.90 -1.95 -11.38
N PHE D 106 -24.04 -1.03 -10.44
CA PHE D 106 -22.96 -0.15 -10.04
C PHE D 106 -22.08 -0.79 -8.98
N SER D 107 -20.94 -0.15 -8.76
CA SER D 107 -19.91 -0.64 -7.90
C SER D 107 -19.20 0.63 -7.39
N ALA D 108 -19.60 1.06 -6.20
CA ALA D 108 -19.05 2.31 -5.65
C ALA D 108 -18.34 2.16 -4.30
N ARG D 109 -17.43 3.09 -4.02
CA ARG D 109 -16.82 3.14 -2.70
C ARG D 109 -17.47 4.25 -1.88
N VAL D 110 -18.12 3.84 -0.80
CA VAL D 110 -19.04 4.74 -0.10
C VAL D 110 -18.40 5.32 1.15
N LEU D 111 -18.70 6.59 1.42
CA LEU D 111 -18.06 7.30 2.52
C LEU D 111 -19.11 7.63 3.58
N SER D 112 -19.39 6.65 4.44
CA SER D 112 -20.24 6.83 5.60
C SER D 112 -19.41 6.75 6.87
N PRO D 113 -19.72 7.61 7.87
CA PRO D 113 -19.02 7.76 9.14
C PRO D 113 -19.48 6.72 10.17
N LEU D 114 -18.69 6.56 11.24
CA LEU D 114 -18.94 5.53 12.23
C LEU D 114 -18.77 6.05 13.68
N ASP D 115 -19.47 5.44 14.62
CA ASP D 115 -19.44 5.82 16.03
C ASP D 115 -18.63 4.84 16.90
N PHE D 116 -17.35 5.12 17.05
CA PHE D 116 -16.45 4.22 17.73
C PHE D 116 -16.57 4.30 19.25
N ARG D 117 -17.65 4.94 19.70
CA ARG D 117 -17.91 5.14 21.12
C ARG D 117 -17.84 3.85 21.95
N ARG D 118 -18.47 2.78 21.47
CA ARG D 118 -18.39 1.49 22.16
C ARG D 118 -17.42 0.54 21.45
N TYR D 119 -16.47 1.13 20.72
CA TYR D 119 -15.64 0.46 19.71
C TYR D 119 -15.81 -1.04 19.51
N PRO D 120 -15.24 -1.85 20.40
CA PRO D 120 -15.26 -3.25 19.97
C PRO D 120 -16.68 -3.77 19.94
N PHE D 121 -17.56 -3.13 20.71
CA PHE D 121 -18.93 -3.59 20.83
C PHE D 121 -19.90 -2.60 20.20
N ASP D 122 -19.43 -1.94 19.15
CA ASP D 122 -20.19 -0.89 18.47
C ASP D 122 -21.10 -1.44 17.40
N SER D 123 -22.22 -0.76 17.22
CA SER D 123 -23.07 -1.01 16.06
C SER D 123 -23.16 0.19 15.13
N GLN D 124 -22.90 -0.05 13.85
CA GLN D 124 -22.85 1.01 12.88
C GLN D 124 -24.05 0.99 11.93
N THR D 125 -24.37 2.17 11.40
CA THR D 125 -25.33 2.30 10.31
C THR D 125 -24.78 3.07 9.09
N LEU D 126 -24.62 2.35 7.98
CA LEU D 126 -24.03 2.91 6.78
C LEU D 126 -25.10 3.53 5.87
N HIS D 127 -24.68 4.44 5.00
CA HIS D 127 -25.61 5.17 4.13
C HIS D 127 -25.23 5.24 2.66
N ILE D 128 -26.23 5.33 1.82
CA ILE D 128 -26.05 5.55 0.40
C ILE D 128 -27.10 6.58 0.03
N TYR D 129 -26.77 7.54 -0.82
CA TYR D 129 -27.68 8.68 -0.97
C TYR D 129 -28.49 8.95 -2.24
N LEU D 130 -27.89 8.91 -3.42
CA LEU D 130 -28.70 9.24 -4.58
C LEU D 130 -29.46 10.57 -4.61
N ILE D 131 -28.77 11.67 -4.90
CA ILE D 131 -29.50 12.85 -5.30
C ILE D 131 -30.05 12.73 -6.70
N VAL D 132 -30.95 13.66 -7.07
CA VAL D 132 -31.32 13.87 -8.46
C VAL D 132 -31.62 15.34 -8.66
N ARG D 133 -30.93 15.95 -9.61
CA ARG D 133 -31.03 17.39 -9.81
C ARG D 133 -32.14 17.69 -10.83
N SER D 134 -33.05 18.57 -10.43
CA SER D 134 -34.18 18.91 -11.29
C SER D 134 -33.80 19.85 -12.45
N VAL D 135 -34.74 20.05 -13.37
CA VAL D 135 -34.55 20.95 -14.51
C VAL D 135 -35.61 21.94 -14.95
N ASP D 136 -36.63 21.45 -15.63
CA ASP D 136 -37.75 22.30 -16.09
C ASP D 136 -39.03 21.51 -15.75
N THR D 137 -38.89 20.19 -15.50
CA THR D 137 -39.82 19.42 -14.67
C THR D 137 -39.05 19.20 -13.36
N ARG D 138 -39.79 19.24 -12.25
CA ARG D 138 -39.14 18.89 -11.00
C ARG D 138 -39.00 17.38 -10.95
N ASN D 139 -37.87 16.90 -10.45
CA ASN D 139 -37.69 15.45 -10.26
C ASN D 139 -37.69 15.09 -8.79
N ILE D 140 -38.63 14.21 -8.44
CA ILE D 140 -38.67 13.71 -7.08
C ILE D 140 -38.30 12.22 -7.16
N VAL D 141 -37.32 11.80 -6.38
CA VAL D 141 -37.01 10.39 -6.28
C VAL D 141 -38.05 9.76 -5.34
N LEU D 142 -38.15 8.43 -5.37
CA LEU D 142 -38.88 7.67 -4.34
C LEU D 142 -38.60 6.16 -4.44
N ALA D 143 -38.73 5.44 -3.33
CA ALA D 143 -38.29 4.04 -3.28
C ALA D 143 -39.38 3.06 -3.78
N VAL D 144 -39.00 2.07 -4.59
CA VAL D 144 -39.87 0.92 -4.90
C VAL D 144 -39.36 -0.35 -4.21
N ASP D 145 -40.02 -0.68 -3.10
CA ASP D 145 -39.52 -1.67 -2.16
C ASP D 145 -39.41 -3.09 -2.69
N LEU D 146 -39.79 -3.29 -3.94
CA LEU D 146 -39.65 -4.60 -4.56
C LEU D 146 -38.25 -4.77 -5.19
N GLU D 147 -37.62 -3.65 -5.47
CA GLU D 147 -36.24 -3.67 -5.95
C GLU D 147 -35.29 -3.11 -4.89
N LYS D 148 -35.78 -3.01 -3.65
CA LYS D 148 -35.01 -2.52 -2.51
C LYS D 148 -34.81 -3.58 -1.45
N VAL D 149 -35.48 -4.71 -1.60
CA VAL D 149 -35.16 -5.90 -0.80
C VAL D 149 -33.74 -6.26 -1.19
N GLY D 150 -33.10 -5.30 -1.86
CA GLY D 150 -31.73 -5.36 -2.30
C GLY D 150 -31.00 -5.80 -1.07
N LYS D 151 -30.58 -7.04 -1.10
CA LYS D 151 -29.60 -7.55 -0.17
C LYS D 151 -29.71 -9.01 -0.57
N ASN D 152 -28.63 -9.54 -1.11
CA ASN D 152 -28.57 -10.97 -1.34
C ASN D 152 -28.35 -11.68 -0.01
N ASP D 153 -28.60 -12.99 0.01
CA ASP D 153 -28.44 -13.76 1.23
C ASP D 153 -27.00 -14.21 1.44
N ASP D 154 -26.07 -13.53 0.78
CA ASP D 154 -24.67 -13.90 0.86
C ASP D 154 -23.82 -12.66 1.01
N VAL D 155 -24.46 -11.52 1.26
CA VAL D 155 -23.68 -10.31 1.50
C VAL D 155 -22.72 -10.70 2.63
N PHE D 156 -21.48 -10.26 2.50
CA PHE D 156 -20.40 -10.73 3.35
C PHE D 156 -20.10 -9.72 4.44
N LEU D 157 -19.28 -8.73 4.10
CA LEU D 157 -18.75 -7.76 5.06
C LEU D 157 -18.03 -8.31 6.31
N THR D 158 -16.81 -8.80 6.08
CA THR D 158 -16.02 -9.45 7.11
C THR D 158 -15.99 -8.68 8.40
N GLY D 159 -16.08 -9.39 9.52
CA GLY D 159 -15.98 -8.80 10.84
C GLY D 159 -17.19 -7.98 11.20
N TRP D 160 -18.28 -8.17 10.46
CA TRP D 160 -19.55 -7.52 10.77
C TRP D 160 -20.74 -8.42 10.54
N ASP D 161 -21.67 -8.39 11.48
CA ASP D 161 -22.95 -9.04 11.28
C ASP D 161 -23.85 -8.00 10.65
N ILE D 162 -24.51 -8.36 9.55
CA ILE D 162 -25.36 -7.41 8.81
C ILE D 162 -26.80 -7.55 9.26
N GLU D 163 -27.31 -6.51 9.91
CA GLU D 163 -28.64 -6.57 10.50
C GLU D 163 -29.79 -6.36 9.50
N SER D 164 -29.69 -5.33 8.67
CA SER D 164 -30.82 -4.95 7.79
C SER D 164 -30.55 -3.83 6.78
N PHE D 165 -30.83 -4.07 5.51
CA PHE D 165 -30.76 -3.02 4.48
C PHE D 165 -32.17 -2.58 4.20
N THR D 166 -32.42 -1.29 4.38
CA THR D 166 -33.73 -0.67 4.08
C THR D 166 -33.56 0.78 3.60
N ALA D 167 -34.67 1.49 3.36
CA ALA D 167 -34.59 2.87 2.87
C ALA D 167 -35.71 3.77 3.42
N VAL D 168 -35.37 5.04 3.64
CA VAL D 168 -36.35 6.03 4.09
C VAL D 168 -37.19 6.54 2.94
N VAL D 169 -38.45 6.13 2.94
CA VAL D 169 -39.35 6.30 1.81
C VAL D 169 -39.55 7.78 1.41
N LYS D 170 -39.57 8.69 2.38
CA LYS D 170 -39.74 10.13 2.09
C LYS D 170 -38.43 10.77 1.68
N PRO D 171 -38.35 11.28 0.46
CA PRO D 171 -37.13 11.95 0.04
C PRO D 171 -36.99 13.30 0.74
N ALA D 172 -35.76 13.76 0.83
CA ALA D 172 -35.49 15.09 1.31
C ALA D 172 -35.30 15.97 0.10
N ASN D 173 -36.27 16.84 -0.17
CA ASN D 173 -36.16 17.75 -1.30
C ASN D 173 -35.51 19.10 -0.94
N PHE D 174 -34.13 19.14 -1.16
CA PHE D 174 -33.35 20.36 -0.99
C PHE D 174 -33.61 21.28 -2.15
N ALA D 175 -33.19 22.53 -1.99
CA ALA D 175 -32.96 23.41 -3.14
C ALA D 175 -31.47 23.75 -3.11
N LEU D 176 -30.80 23.47 -4.22
CA LEU D 176 -29.36 23.68 -4.29
C LEU D 176 -29.14 24.59 -5.49
N GLU D 177 -28.40 25.67 -5.29
CA GLU D 177 -28.09 26.63 -6.35
C GLU D 177 -29.20 26.83 -7.38
N ASP D 178 -30.44 26.93 -6.93
CA ASP D 178 -31.58 27.14 -7.84
C ASP D 178 -32.08 26.02 -8.78
N ARG D 179 -32.34 24.84 -8.23
CA ARG D 179 -33.00 23.74 -8.94
C ARG D 179 -33.06 22.81 -7.73
N LEU D 180 -34.23 22.25 -7.46
CA LEU D 180 -34.42 21.62 -6.18
C LEU D 180 -33.74 20.27 -6.52
N GLU D 181 -33.16 19.67 -5.51
CA GLU D 181 -32.70 18.32 -5.68
C GLU D 181 -33.54 17.43 -4.79
N SER D 182 -33.55 16.13 -5.08
CA SER D 182 -34.29 15.19 -4.26
C SER D 182 -33.32 14.11 -3.82
N LYS D 183 -33.27 13.88 -2.52
CA LYS D 183 -32.28 12.97 -1.94
C LYS D 183 -32.98 11.84 -1.18
N LEU D 184 -32.47 10.62 -1.32
CA LEU D 184 -33.08 9.45 -0.68
C LEU D 184 -32.08 8.79 0.24
N ASP D 185 -32.57 8.20 1.33
CA ASP D 185 -31.64 7.64 2.29
C ASP D 185 -31.71 6.11 2.36
N TYR D 186 -30.77 5.43 1.72
CA TYR D 186 -30.65 3.99 1.89
C TYR D 186 -29.74 3.64 3.06
N GLN D 187 -30.21 2.74 3.93
CA GLN D 187 -29.57 2.41 5.21
C GLN D 187 -29.14 0.97 5.40
N LEU D 188 -27.88 0.80 5.80
CA LEU D 188 -27.33 -0.52 6.08
C LEU D 188 -26.93 -0.56 7.53
N ARG D 189 -27.58 -1.42 8.32
CA ARG D 189 -27.25 -1.54 9.74
C ARG D 189 -26.39 -2.77 10.09
N ILE D 190 -25.30 -2.54 10.84
CA ILE D 190 -24.35 -3.59 11.10
C ILE D 190 -23.87 -3.61 12.54
N SER D 191 -23.73 -4.81 13.11
CA SER D 191 -23.12 -4.99 14.42
C SER D 191 -21.72 -5.52 14.20
N ARG D 192 -20.76 -5.02 14.98
CA ARG D 192 -19.40 -5.55 14.87
C ARG D 192 -19.28 -6.92 15.49
N GLN D 193 -18.45 -7.75 14.85
CA GLN D 193 -18.10 -9.06 15.38
C GLN D 193 -16.94 -8.87 16.35
N TYR D 194 -17.29 -8.75 17.62
CA TYR D 194 -16.37 -8.38 18.70
C TYR D 194 -15.61 -9.59 19.27
N PHE D 195 -16.11 -10.79 19.02
CA PHE D 195 -15.49 -11.98 19.55
C PHE D 195 -13.98 -11.92 19.51
N SER D 196 -13.42 -11.77 18.31
CA SER D 196 -11.98 -11.95 18.13
C SER D 196 -11.17 -10.97 18.96
N TYR D 197 -11.78 -9.86 19.35
CA TYR D 197 -11.04 -8.86 20.13
C TYR D 197 -10.78 -9.35 21.55
N ILE D 198 -11.42 -10.44 21.93
CA ILE D 198 -11.22 -10.99 23.27
C ILE D 198 -9.91 -11.78 23.41
N PRO D 199 -9.77 -12.88 22.64
CA PRO D 199 -8.56 -13.70 22.73
C PRO D 199 -7.31 -12.94 22.28
N ASN D 200 -7.53 -11.87 21.52
CA ASN D 200 -6.43 -11.23 20.80
C ASN D 200 -6.05 -9.90 21.39
N ILE D 201 -6.99 -9.27 22.09
CA ILE D 201 -6.70 -7.98 22.72
C ILE D 201 -7.05 -7.93 24.19
N ILE D 202 -8.34 -8.08 24.51
CA ILE D 202 -8.79 -7.89 25.89
C ILE D 202 -8.11 -8.83 26.87
N LEU D 203 -8.26 -10.13 26.66
CA LEU D 203 -7.62 -11.09 27.55
C LEU D 203 -6.12 -10.88 27.59
N PRO D 204 -5.42 -10.96 26.43
CA PRO D 204 -3.96 -10.88 26.53
C PRO D 204 -3.57 -9.66 27.33
N MET D 205 -4.39 -8.63 27.21
CA MET D 205 -4.13 -7.37 27.87
C MET D 205 -4.32 -7.46 29.39
N LEU D 206 -5.39 -8.12 29.84
CA LEU D 206 -5.65 -8.32 31.28
C LEU D 206 -4.57 -9.14 31.95
N PHE D 207 -4.18 -10.25 31.32
CA PHE D 207 -3.10 -11.08 31.82
C PHE D 207 -1.84 -10.29 32.20
N ILE D 208 -1.27 -9.56 31.24
CA ILE D 208 -0.07 -8.75 31.52
C ILE D 208 -0.28 -7.79 32.69
N LEU D 209 -1.54 -7.42 32.95
CA LEU D 209 -1.86 -6.51 34.04
C LEU D 209 -1.74 -7.24 35.38
N PHE D 210 -2.21 -8.48 35.39
CA PHE D 210 -2.20 -9.27 36.62
C PHE D 210 -0.78 -9.64 37.00
N ILE D 211 -0.07 -10.29 36.09
CA ILE D 211 1.37 -10.51 36.28
C ILE D 211 2.05 -9.27 36.86
N SER D 212 1.72 -8.10 36.31
CA SER D 212 2.30 -6.84 36.77
C SER D 212 2.33 -6.83 38.26
N TRP D 213 1.22 -7.22 38.87
CA TRP D 213 1.06 -6.93 40.27
C TRP D 213 1.12 -8.16 41.19
N THR D 214 1.76 -9.20 40.67
CA THR D 214 2.33 -10.19 41.56
C THR D 214 3.47 -9.54 42.35
N ALA D 215 3.85 -8.32 41.95
CA ALA D 215 4.87 -7.56 42.67
C ALA D 215 4.36 -7.15 44.05
N PHE D 216 3.10 -7.52 44.30
CA PHE D 216 2.49 -7.31 45.60
C PHE D 216 2.72 -8.50 46.55
N TRP D 217 3.41 -9.52 46.05
CA TRP D 217 3.71 -10.73 46.81
C TRP D 217 5.19 -10.95 46.66
N SER D 218 5.86 -9.94 46.12
CA SER D 218 7.30 -9.96 46.03
C SER D 218 7.80 -8.86 46.94
N THR D 219 9.09 -8.89 47.20
CA THR D 219 9.69 -7.94 48.11
C THR D 219 11.01 -7.44 47.52
N SER D 220 11.40 -8.03 46.39
CA SER D 220 12.58 -7.57 45.67
C SER D 220 12.21 -6.48 44.67
N TYR D 221 12.54 -5.25 45.04
CA TYR D 221 12.44 -4.11 44.17
C TYR D 221 13.04 -4.48 42.81
N ASP D 222 14.22 -5.08 42.82
CA ASP D 222 14.88 -5.41 41.55
C ASP D 222 14.05 -6.29 40.62
N ALA D 223 13.35 -7.27 41.18
CA ALA D 223 12.51 -8.16 40.38
C ALA D 223 11.09 -7.65 40.32
N ASN D 224 10.81 -6.56 41.01
CA ASN D 224 9.49 -5.96 40.95
C ASN D 224 9.49 -4.89 39.90
N VAL D 225 10.65 -4.30 39.62
CA VAL D 225 10.71 -3.39 38.49
C VAL D 225 10.82 -4.23 37.21
N THR D 226 11.79 -5.13 37.16
CA THR D 226 11.95 -5.99 35.99
C THR D 226 10.60 -6.59 35.68
N LEU D 227 9.78 -6.80 36.71
CA LEU D 227 8.42 -7.30 36.53
C LEU D 227 7.45 -6.20 36.08
N VAL D 228 7.02 -5.32 36.98
CA VAL D 228 6.05 -4.27 36.66
C VAL D 228 6.40 -3.46 35.41
N VAL D 229 7.67 -3.12 35.22
CA VAL D 229 8.06 -2.32 34.05
C VAL D 229 7.99 -3.11 32.76
N SER D 230 8.54 -4.32 32.74
CA SER D 230 8.41 -5.16 31.54
C SER D 230 6.95 -5.34 31.09
N THR D 231 6.03 -5.61 32.02
CA THR D 231 4.61 -5.71 31.70
C THR D 231 4.05 -4.41 31.13
N LEU D 232 4.45 -3.26 31.68
CA LEU D 232 3.98 -1.99 31.14
C LEU D 232 4.30 -1.85 29.66
N ILE D 233 5.53 -2.14 29.30
CA ILE D 233 5.93 -2.16 27.90
C ILE D 233 4.91 -2.92 27.01
N ALA D 234 4.68 -4.19 27.31
CA ALA D 234 3.73 -5.00 26.53
C ALA D 234 2.36 -4.36 26.39
N HIS D 235 1.93 -3.61 27.39
CA HIS D 235 0.63 -2.97 27.33
C HIS D 235 0.65 -1.92 26.24
N ILE D 236 1.79 -1.28 26.07
CA ILE D 236 1.95 -0.32 24.99
C ILE D 236 1.89 -1.03 23.65
N ALA D 237 2.49 -2.22 23.57
CA ALA D 237 2.43 -2.98 22.33
C ALA D 237 0.98 -3.20 21.98
N PHE D 238 0.15 -3.40 22.99
CA PHE D 238 -1.26 -3.51 22.74
C PHE D 238 -1.88 -2.15 22.56
N ASN D 239 -1.57 -1.19 23.43
CA ASN D 239 -2.13 0.13 23.26
C ASN D 239 -1.92 0.54 21.83
N ILE D 240 -0.68 0.43 21.35
CA ILE D 240 -0.34 0.84 19.98
C ILE D 240 -1.03 0.01 18.90
N LEU D 241 -0.99 -1.30 19.05
CA LEU D 241 -1.70 -2.19 18.14
C LEU D 241 -3.13 -1.74 17.88
N VAL D 242 -3.87 -1.41 18.93
CA VAL D 242 -5.27 -1.03 18.80
C VAL D 242 -5.41 0.34 18.12
N GLU D 243 -4.64 1.31 18.64
CA GLU D 243 -4.67 2.71 18.25
C GLU D 243 -4.35 2.87 16.76
N THR D 244 -4.02 1.75 16.14
CA THR D 244 -3.80 1.70 14.71
C THR D 244 -5.06 1.54 13.85
N ASN D 245 -5.76 0.42 14.00
CA ASN D 245 -6.99 0.15 13.24
C ASN D 245 -8.15 1.01 13.74
N LEU D 246 -7.90 2.31 13.89
CA LEU D 246 -8.82 3.18 14.60
C LEU D 246 -8.43 4.64 14.42
N PRO D 247 -9.34 5.40 13.77
CA PRO D 247 -9.19 6.83 13.49
C PRO D 247 -9.06 7.74 14.74
N LYS D 248 -8.56 8.95 14.53
CA LYS D 248 -8.46 9.88 15.63
C LYS D 248 -9.85 10.48 15.94
N THR D 249 -10.70 9.67 16.57
CA THR D 249 -11.90 10.19 17.21
C THR D 249 -11.62 11.41 18.09
N PRO D 250 -12.50 12.42 18.01
CA PRO D 250 -12.32 13.62 18.83
C PRO D 250 -12.92 13.34 20.20
N TYR D 251 -13.28 12.09 20.42
CA TYR D 251 -14.05 11.70 21.59
C TYR D 251 -13.46 10.41 22.14
N MET D 252 -13.91 10.00 23.32
CA MET D 252 -13.28 8.87 23.98
C MET D 252 -13.92 7.53 23.63
N THR D 253 -13.12 6.65 23.05
CA THR D 253 -13.58 5.33 22.65
C THR D 253 -13.57 4.42 23.87
N TYR D 254 -14.65 3.68 24.09
CA TYR D 254 -14.73 2.78 25.23
C TYR D 254 -13.46 1.99 25.42
N THR D 255 -13.10 1.18 24.43
CA THR D 255 -11.88 0.38 24.52
C THR D 255 -10.64 1.21 24.90
N GLY D 256 -10.59 2.44 24.43
CA GLY D 256 -9.42 3.25 24.65
C GLY D 256 -9.50 3.85 26.04
N ALA D 257 -10.70 3.78 26.61
CA ALA D 257 -10.92 4.21 27.99
C ALA D 257 -10.22 3.24 28.89
N ILE D 258 -10.69 2.00 28.86
CA ILE D 258 -10.11 0.96 29.69
C ILE D 258 -8.65 0.71 29.33
N ILE D 259 -8.29 0.89 28.06
CA ILE D 259 -6.89 0.75 27.68
C ILE D 259 -6.03 1.84 28.27
N PHE D 260 -6.68 2.90 28.76
CA PHE D 260 -5.96 4.02 29.31
C PHE D 260 -6.12 4.04 30.83
N MET D 261 -7.30 3.65 31.31
CA MET D 261 -7.50 3.46 32.75
C MET D 261 -6.33 2.62 33.23
N ILE D 262 -6.05 1.57 32.47
CA ILE D 262 -4.96 0.65 32.80
C ILE D 262 -3.67 1.36 33.17
N TYR D 263 -3.20 2.26 32.29
CA TYR D 263 -1.91 2.89 32.55
C TYR D 263 -1.80 3.35 33.99
N LEU D 264 -2.92 3.75 34.59
CA LEU D 264 -2.90 4.26 35.96
C LEU D 264 -2.58 3.15 36.96
N PHE D 265 -3.16 1.98 36.71
CA PHE D 265 -2.92 0.81 37.55
C PHE D 265 -1.47 0.29 37.45
N TYR D 266 -0.78 0.70 36.39
CA TYR D 266 0.64 0.40 36.23
C TYR D 266 1.44 1.47 36.97
N PHE D 267 0.89 2.66 37.02
CA PHE D 267 1.59 3.77 37.59
C PHE D 267 1.59 3.62 39.10
N VAL D 268 0.41 3.55 39.71
CA VAL D 268 0.35 3.41 41.16
C VAL D 268 1.05 2.11 41.58
N ALA D 269 0.85 1.04 40.82
CA ALA D 269 1.61 -0.18 41.03
C ALA D 269 3.08 0.14 41.26
N VAL D 270 3.70 0.80 40.29
CA VAL D 270 5.09 1.23 40.47
C VAL D 270 5.22 2.04 41.75
N ILE D 271 4.41 3.08 41.89
CA ILE D 271 4.42 3.89 43.11
C ILE D 271 4.56 3.01 44.35
N GLU D 272 3.60 2.09 44.54
CA GLU D 272 3.67 1.14 45.62
C GLU D 272 5.03 0.42 45.65
N VAL D 273 5.40 -0.34 44.62
CA VAL D 273 6.66 -1.11 44.75
C VAL D 273 7.77 -0.16 45.19
N THR D 274 7.75 1.06 44.64
CA THR D 274 8.72 2.09 44.98
C THR D 274 8.64 2.49 46.45
N VAL D 275 7.41 2.59 46.94
CA VAL D 275 7.16 2.95 48.34
C VAL D 275 7.43 1.80 49.31
N GLN D 276 6.81 0.65 49.06
CA GLN D 276 7.12 -0.57 49.80
C GLN D 276 8.62 -0.83 49.76
N HIS D 277 9.37 0.04 49.10
CA HIS D 277 10.82 -0.02 49.15
C HIS D 277 11.45 1.09 49.94
N TYR D 278 11.02 2.36 49.71
CA TYR D 278 11.55 3.45 50.54
C TYR D 278 11.17 3.21 51.99
N LEU D 279 10.01 2.59 52.21
CA LEU D 279 9.59 2.22 53.56
C LEU D 279 10.44 1.09 54.11
N LYS D 280 10.47 0.00 53.35
CA LYS D 280 11.21 -1.17 53.77
C LYS D 280 12.69 -0.88 54.05
N VAL D 281 13.20 0.24 53.55
CA VAL D 281 14.60 0.60 53.80
C VAL D 281 14.72 1.69 54.82
N GLU D 282 13.64 2.47 55.01
CA GLU D 282 13.59 3.42 56.13
C GLU D 282 13.27 2.68 57.44
N SER D 283 13.76 1.45 57.55
CA SER D 283 13.51 0.57 58.68
C SER D 283 12.11 0.74 59.27
N GLN D 284 11.09 0.56 58.41
CA GLN D 284 9.71 0.65 58.85
C GLN D 284 8.90 -0.36 58.06
N PRO D 285 9.34 -1.63 58.05
CA PRO D 285 8.64 -2.68 57.31
C PRO D 285 7.29 -2.91 57.96
N ALA D 286 7.17 -2.48 59.21
CA ALA D 286 5.88 -2.39 59.88
C ALA D 286 4.83 -1.88 58.88
N ARG D 287 5.18 -0.81 58.18
CA ARG D 287 4.27 -0.15 57.24
C ARG D 287 4.33 -0.80 55.86
N ALA D 288 5.54 -0.89 55.31
CA ALA D 288 5.74 -1.43 53.97
C ALA D 288 4.94 -2.69 53.70
N ALA D 289 5.12 -3.71 54.53
CA ALA D 289 4.40 -4.97 54.36
C ALA D 289 2.97 -4.86 54.89
N SER D 290 2.58 -3.64 55.24
CA SER D 290 1.18 -3.35 55.48
C SER D 290 0.58 -2.83 54.18
N ILE D 291 1.31 -1.95 53.51
CA ILE D 291 0.94 -1.46 52.18
C ILE D 291 0.84 -2.61 51.18
N THR D 292 1.98 -3.18 50.78
CA THR D 292 1.97 -4.37 49.92
C THR D 292 0.86 -5.33 50.33
N ARG D 293 0.66 -5.49 51.64
CA ARG D 293 -0.42 -6.32 52.16
C ARG D 293 -1.79 -5.90 51.58
N ALA D 294 -2.04 -4.60 51.52
CA ALA D 294 -3.33 -4.07 51.08
C ALA D 294 -3.36 -3.88 49.57
N SER D 295 -2.28 -3.34 49.02
CA SER D 295 -2.16 -3.18 47.58
C SER D 295 -2.72 -4.41 46.90
N ARG D 296 -2.35 -5.58 47.42
CA ARG D 296 -2.74 -6.85 46.80
C ARG D 296 -4.24 -7.12 46.89
N ILE D 297 -4.97 -6.18 47.51
CA ILE D 297 -6.43 -6.23 47.54
C ILE D 297 -7.07 -5.03 46.84
N ALA D 298 -6.55 -3.84 47.15
CA ALA D 298 -7.11 -2.60 46.61
C ALA D 298 -7.14 -2.59 45.08
N PHE D 299 -6.02 -2.91 44.45
CA PHE D 299 -5.92 -2.79 43.01
C PHE D 299 -6.97 -3.61 42.27
N PRO D 300 -7.02 -4.92 42.55
CA PRO D 300 -8.00 -5.76 41.84
C PRO D 300 -9.41 -5.24 42.04
N VAL D 301 -9.73 -4.83 43.25
CA VAL D 301 -11.04 -4.23 43.49
C VAL D 301 -11.24 -2.93 42.72
N VAL D 302 -10.50 -1.89 43.08
CA VAL D 302 -10.64 -0.60 42.43
C VAL D 302 -10.66 -0.70 40.89
N PHE D 303 -9.99 -1.72 40.36
CA PHE D 303 -10.04 -2.02 38.93
C PHE D 303 -11.40 -2.54 38.51
N LEU D 304 -11.71 -3.76 38.94
CA LEU D 304 -13.02 -4.34 38.71
C LEU D 304 -14.15 -3.38 39.07
N LEU D 305 -13.86 -2.45 40.04
CA LEU D 305 -14.83 -1.44 40.39
C LEU D 305 -14.94 -0.39 39.30
N ALA D 306 -13.80 0.21 38.98
CA ALA D 306 -13.72 1.20 37.91
C ALA D 306 -14.26 0.67 36.59
N ASN D 307 -14.03 -0.60 36.29
CA ASN D 307 -14.53 -1.19 35.06
C ASN D 307 -16.04 -1.32 35.02
N ILE D 308 -16.65 -1.59 36.16
CA ILE D 308 -18.10 -1.54 36.28
C ILE D 308 -18.53 -0.11 36.08
N ILE D 309 -17.89 0.80 36.79
CA ILE D 309 -18.12 2.22 36.57
C ILE D 309 -17.98 2.59 35.08
N LEU D 310 -16.85 2.24 34.49
CA LEU D 310 -16.58 2.55 33.10
C LEU D 310 -17.59 1.84 32.24
N ALA D 311 -17.52 0.52 32.19
CA ALA D 311 -18.45 -0.28 31.41
C ALA D 311 -19.86 0.34 31.48
N PHE D 312 -20.32 0.60 32.69
CA PHE D 312 -21.63 1.16 32.84
C PHE D 312 -21.69 2.53 32.16
N LEU D 313 -20.76 3.39 32.53
CA LEU D 313 -20.70 4.74 31.97
C LEU D 313 -20.90 4.80 30.44
N PHE D 314 -20.45 3.75 29.75
CA PHE D 314 -20.49 3.71 28.29
C PHE D 314 -21.76 3.02 27.75
N PHE D 315 -21.85 1.71 27.96
CA PHE D 315 -22.98 0.93 27.49
C PHE D 315 -24.25 1.17 28.30
N GLY D 316 -24.12 1.34 29.61
CA GLY D 316 -25.28 1.49 30.46
C GLY D 316 -25.95 2.85 30.35
N PHE D 317 -25.42 3.73 29.51
CA PHE D 317 -25.97 5.07 29.31
C PHE D 317 -26.29 5.35 27.83
N PRO E 8 -30.47 -6.45 -30.16
CA PRO E 8 -31.14 -7.37 -31.10
C PRO E 8 -30.97 -8.87 -30.78
N PRO E 9 -31.66 -9.42 -29.74
CA PRO E 9 -31.45 -10.80 -29.27
C PRO E 9 -31.94 -11.88 -30.23
N PRO E 10 -31.32 -13.06 -30.20
CA PRO E 10 -31.65 -14.15 -31.12
C PRO E 10 -32.98 -14.80 -30.76
N ILE E 11 -33.94 -14.68 -31.67
CA ILE E 11 -35.28 -15.20 -31.45
C ILE E 11 -35.27 -16.72 -31.32
N ALA E 12 -35.00 -17.21 -30.11
CA ALA E 12 -35.00 -18.64 -29.84
C ALA E 12 -36.44 -19.17 -29.95
N ASP E 13 -36.67 -20.43 -29.55
CA ASP E 13 -38.04 -20.96 -29.48
C ASP E 13 -38.35 -21.30 -28.03
N GLU E 14 -37.30 -21.33 -27.21
CA GLU E 14 -37.42 -21.50 -25.77
C GLU E 14 -36.27 -20.76 -25.05
N PRO E 15 -36.04 -21.09 -23.76
CA PRO E 15 -34.85 -20.55 -23.11
C PRO E 15 -33.59 -20.80 -23.94
N LEU E 16 -32.92 -19.70 -24.27
CA LEU E 16 -31.66 -19.73 -25.00
C LEU E 16 -30.52 -20.11 -24.09
N THR E 17 -29.95 -21.27 -24.35
CA THR E 17 -28.82 -21.70 -23.58
C THR E 17 -27.58 -21.01 -24.10
N VAL E 18 -26.78 -20.48 -23.18
CA VAL E 18 -25.48 -19.90 -23.51
C VAL E 18 -24.37 -20.67 -22.83
N ASN E 19 -23.39 -21.11 -23.62
CA ASN E 19 -22.42 -22.09 -23.17
C ASN E 19 -21.05 -21.56 -22.75
N THR E 20 -20.89 -21.47 -21.43
CA THR E 20 -19.75 -20.82 -20.80
C THR E 20 -18.56 -21.74 -20.62
N GLY E 21 -17.43 -21.16 -20.20
CA GLY E 21 -16.20 -21.89 -19.96
C GLY E 21 -14.99 -21.00 -19.68
N ILE E 22 -14.36 -21.20 -18.53
CA ILE E 22 -13.20 -20.39 -18.12
C ILE E 22 -11.89 -21.15 -18.20
N TYR E 23 -10.85 -20.52 -18.77
CA TYR E 23 -9.53 -21.12 -18.82
C TYR E 23 -8.51 -20.26 -18.10
N LEU E 24 -8.30 -20.54 -16.81
CA LEU E 24 -7.30 -19.84 -15.99
C LEU E 24 -5.96 -19.82 -16.70
N ILE E 25 -5.42 -18.64 -16.88
CA ILE E 25 -4.14 -18.51 -17.55
C ILE E 25 -3.12 -18.06 -16.51
N GLU E 26 -3.51 -17.07 -15.72
CA GLU E 26 -2.71 -16.59 -14.63
C GLU E 26 -3.56 -16.60 -13.37
N CYS E 27 -2.94 -16.82 -12.22
CA CYS E 27 -3.66 -16.83 -10.95
C CYS E 27 -2.73 -16.30 -9.88
N TYR E 28 -3.16 -15.30 -9.11
CA TYR E 28 -2.22 -14.58 -8.27
C TYR E 28 -2.86 -13.70 -7.18
N SER E 29 -2.01 -13.00 -6.44
CA SER E 29 -2.44 -12.10 -5.38
C SER E 29 -3.63 -12.59 -4.55
N LEU E 30 -3.56 -13.83 -4.06
CA LEU E 30 -4.48 -14.26 -3.02
C LEU E 30 -4.17 -13.49 -1.72
N ASP E 31 -5.19 -12.84 -1.18
CA ASP E 31 -5.04 -11.88 -0.12
C ASP E 31 -5.88 -12.34 1.06
N ASP E 32 -5.24 -13.07 1.97
CA ASP E 32 -5.94 -13.60 3.13
C ASP E 32 -6.68 -12.48 3.90
N LYS E 33 -6.05 -11.32 4.05
CA LYS E 33 -6.66 -10.23 4.80
C LYS E 33 -7.97 -9.79 4.16
N ALA E 34 -7.94 -9.53 2.84
CA ALA E 34 -9.06 -8.94 2.10
C ALA E 34 -10.03 -9.99 1.61
N GLU E 35 -9.56 -11.25 1.64
CA GLU E 35 -10.31 -12.37 1.14
C GLU E 35 -10.62 -12.16 -0.33
N THR E 36 -9.57 -12.02 -1.13
CA THR E 36 -9.72 -11.81 -2.57
C THR E 36 -8.60 -12.51 -3.31
N PHE E 37 -8.76 -12.60 -4.63
CA PHE E 37 -7.65 -13.03 -5.46
C PHE E 37 -7.80 -12.53 -6.89
N LYS E 38 -6.66 -12.41 -7.55
CA LYS E 38 -6.61 -11.88 -8.89
C LYS E 38 -6.64 -13.09 -9.81
N VAL E 39 -7.29 -12.97 -10.95
CA VAL E 39 -7.29 -14.05 -11.93
C VAL E 39 -7.29 -13.50 -13.35
N ASN E 40 -6.65 -14.26 -14.25
CA ASN E 40 -6.56 -13.84 -15.62
C ASN E 40 -6.78 -15.04 -16.50
N ALA E 41 -7.97 -15.14 -17.08
CA ALA E 41 -8.34 -16.34 -17.82
C ALA E 41 -9.07 -16.03 -19.10
N PHE E 42 -9.41 -17.09 -19.82
CA PHE E 42 -10.27 -17.01 -21.00
C PHE E 42 -11.71 -17.15 -20.55
N LEU E 43 -12.60 -16.37 -21.17
CA LEU E 43 -14.03 -16.64 -21.06
C LEU E 43 -14.51 -17.04 -22.43
N SER E 44 -15.24 -18.15 -22.50
CA SER E 44 -15.75 -18.66 -23.75
C SER E 44 -17.27 -18.78 -23.65
N LEU E 45 -17.96 -18.38 -24.72
CA LEU E 45 -19.43 -18.41 -24.77
C LEU E 45 -19.94 -18.94 -26.11
N SER E 46 -21.06 -19.67 -26.08
CA SER E 46 -21.68 -20.17 -27.32
C SER E 46 -23.21 -20.11 -27.29
N TRP E 47 -23.81 -19.81 -28.42
CA TRP E 47 -25.27 -19.83 -28.51
C TRP E 47 -25.71 -19.89 -29.96
N LYS E 48 -26.88 -20.45 -30.18
CA LYS E 48 -27.41 -20.42 -31.54
C LYS E 48 -28.24 -19.15 -31.74
N ASP E 49 -27.76 -18.34 -32.68
CA ASP E 49 -28.49 -17.18 -33.17
C ASP E 49 -28.90 -17.44 -34.63
N ARG E 50 -29.97 -18.20 -34.82
CA ARG E 50 -30.38 -18.67 -36.17
C ARG E 50 -30.28 -17.62 -37.27
N ARG E 51 -30.39 -16.35 -36.88
CA ARG E 51 -30.28 -15.24 -37.81
C ARG E 51 -28.94 -15.23 -38.53
N LEU E 52 -27.90 -15.44 -37.80
CA LEU E 52 -26.52 -15.41 -38.30
C LEU E 52 -26.21 -16.55 -39.28
N ALA E 53 -27.15 -17.50 -39.40
CA ALA E 53 -27.00 -18.64 -40.29
C ALA E 53 -26.72 -18.23 -41.76
N PHE E 54 -25.91 -19.04 -42.44
CA PHE E 54 -25.47 -18.66 -43.77
C PHE E 54 -25.05 -19.89 -44.56
N ASP E 55 -25.74 -20.07 -45.68
CA ASP E 55 -25.29 -20.87 -46.80
C ASP E 55 -23.77 -20.76 -46.82
N PRO E 56 -23.07 -21.89 -46.62
CA PRO E 56 -21.60 -21.85 -46.66
C PRO E 56 -21.25 -21.79 -48.14
N VAL E 57 -21.85 -22.64 -48.91
CA VAL E 57 -21.57 -22.76 -50.34
C VAL E 57 -21.75 -21.43 -51.11
N ARG E 58 -22.88 -20.76 -50.89
CA ARG E 58 -23.16 -19.48 -51.53
C ARG E 58 -22.27 -18.35 -50.98
N SER E 59 -21.78 -18.54 -49.78
CA SER E 59 -20.90 -17.54 -49.16
C SER E 59 -19.46 -18.04 -49.07
N GLY E 60 -18.67 -17.37 -48.25
CA GLY E 60 -17.25 -17.67 -48.12
C GLY E 60 -16.71 -19.01 -47.65
N VAL E 61 -16.86 -19.32 -46.37
CA VAL E 61 -16.26 -20.54 -45.84
C VAL E 61 -17.04 -21.13 -44.67
N ARG E 62 -16.37 -21.99 -43.92
CA ARG E 62 -16.99 -22.67 -42.78
C ARG E 62 -17.70 -21.67 -41.90
N VAL E 63 -16.92 -20.72 -41.39
CA VAL E 63 -17.40 -19.71 -40.48
C VAL E 63 -16.95 -18.32 -40.90
N LYS E 64 -17.76 -17.34 -40.53
CA LYS E 64 -17.46 -15.93 -40.75
C LYS E 64 -17.21 -15.30 -39.38
N THR E 65 -16.30 -14.33 -39.34
CA THR E 65 -16.00 -13.66 -38.07
C THR E 65 -16.56 -12.23 -38.01
N TYR E 66 -17.10 -11.86 -36.86
CA TYR E 66 -17.71 -10.55 -36.67
C TYR E 66 -17.02 -9.77 -35.58
N GLU E 67 -17.15 -8.45 -35.64
CA GLU E 67 -16.84 -7.62 -34.51
C GLU E 67 -18.03 -7.70 -33.54
N PRO E 68 -17.78 -7.48 -32.25
CA PRO E 68 -18.80 -7.51 -31.19
C PRO E 68 -20.04 -6.62 -31.45
N GLU E 69 -19.83 -5.48 -32.08
CA GLU E 69 -20.92 -4.55 -32.35
C GLU E 69 -21.96 -5.20 -33.26
N ALA E 70 -21.49 -5.92 -34.28
CA ALA E 70 -22.38 -6.54 -35.28
C ALA E 70 -23.39 -7.54 -34.72
N ILE E 71 -22.87 -8.48 -33.94
CA ILE E 71 -23.69 -9.55 -33.38
C ILE E 71 -24.35 -9.12 -32.08
N TRP E 72 -25.54 -9.66 -31.83
CA TRP E 72 -26.07 -9.61 -30.48
C TRP E 72 -25.25 -10.55 -29.60
N ILE E 73 -24.80 -10.05 -28.46
CA ILE E 73 -23.99 -10.87 -27.57
C ILE E 73 -24.48 -10.70 -26.12
N PRO E 74 -24.66 -11.82 -25.42
CA PRO E 74 -25.28 -11.81 -24.09
C PRO E 74 -24.35 -11.27 -23.02
N GLU E 75 -24.85 -10.33 -22.24
CA GLU E 75 -24.07 -9.77 -21.14
C GLU E 75 -23.88 -10.81 -20.05
N ILE E 76 -22.64 -11.30 -19.93
CA ILE E 76 -22.26 -12.17 -18.82
C ILE E 76 -21.45 -11.37 -17.82
N ARG E 77 -22.09 -11.00 -16.72
CA ARG E 77 -21.41 -10.23 -15.71
C ARG E 77 -20.90 -11.27 -14.72
N PHE E 78 -19.82 -10.95 -13.99
CA PHE E 78 -19.38 -11.81 -12.88
C PHE E 78 -20.07 -11.27 -11.66
N VAL E 79 -20.27 -12.11 -10.66
CA VAL E 79 -20.97 -11.63 -9.48
C VAL E 79 -20.06 -11.12 -8.39
N ASN E 80 -19.10 -11.90 -7.94
CA ASN E 80 -18.22 -11.50 -6.84
C ASN E 80 -16.94 -10.86 -7.34
N VAL E 81 -17.04 -9.59 -7.69
CA VAL E 81 -15.93 -8.90 -8.32
C VAL E 81 -15.92 -7.57 -7.61
N GLU E 82 -14.76 -6.93 -7.53
CA GLU E 82 -14.65 -5.58 -7.00
C GLU E 82 -15.27 -4.58 -7.99
N ASN E 83 -14.58 -4.35 -9.10
CA ASN E 83 -15.12 -3.55 -10.18
C ASN E 83 -15.61 -4.55 -11.23
N ALA E 84 -16.18 -4.10 -12.34
CA ALA E 84 -16.47 -4.99 -13.46
C ALA E 84 -15.12 -5.45 -13.99
N ARG E 85 -15.07 -6.61 -14.65
CA ARG E 85 -13.78 -7.16 -15.09
C ARG E 85 -13.20 -6.53 -16.35
N ASP E 86 -11.87 -6.53 -16.48
CA ASP E 86 -11.20 -6.00 -17.67
C ASP E 86 -11.03 -7.13 -18.67
N ALA E 87 -11.79 -7.08 -19.76
CA ALA E 87 -11.79 -8.14 -20.79
C ALA E 87 -11.54 -7.65 -22.22
N ASP E 88 -10.64 -8.32 -22.92
CA ASP E 88 -10.34 -8.03 -24.33
C ASP E 88 -10.87 -9.19 -25.15
N VAL E 89 -11.66 -8.89 -26.18
CA VAL E 89 -12.30 -9.92 -27.03
C VAL E 89 -11.32 -10.58 -28.00
N VAL E 90 -11.09 -11.87 -27.82
CA VAL E 90 -10.07 -12.54 -28.61
C VAL E 90 -10.54 -12.99 -29.99
N ASP E 91 -11.83 -13.35 -30.12
CA ASP E 91 -12.37 -13.83 -31.39
C ASP E 91 -13.87 -14.15 -31.37
N ILE E 92 -14.53 -13.96 -32.51
CA ILE E 92 -15.94 -14.34 -32.70
C ILE E 92 -16.07 -15.11 -34.01
N SER E 93 -16.82 -16.22 -33.99
CA SER E 93 -16.87 -17.15 -35.12
C SER E 93 -18.26 -17.80 -35.31
N VAL E 94 -19.12 -17.13 -36.07
CA VAL E 94 -20.46 -17.66 -36.35
C VAL E 94 -20.37 -18.84 -37.30
N SER E 95 -20.95 -19.96 -36.87
CA SER E 95 -21.04 -21.16 -37.68
C SER E 95 -22.18 -20.99 -38.66
N PRO E 96 -22.38 -21.97 -39.55
CA PRO E 96 -23.36 -21.67 -40.58
C PRO E 96 -24.80 -21.82 -40.09
N ASP E 97 -25.02 -22.63 -39.05
CA ASP E 97 -26.38 -22.83 -38.54
C ASP E 97 -26.79 -21.65 -37.68
N GLY E 98 -25.84 -20.75 -37.46
CA GLY E 98 -26.07 -19.61 -36.58
C GLY E 98 -25.52 -19.87 -35.20
N THR E 99 -24.50 -20.72 -35.12
CA THR E 99 -23.82 -21.00 -33.86
C THR E 99 -22.61 -20.10 -33.66
N VAL E 100 -22.59 -19.37 -32.55
CA VAL E 100 -21.56 -18.37 -32.34
C VAL E 100 -20.48 -18.81 -31.34
N GLN E 101 -19.21 -18.59 -31.72
CA GLN E 101 -18.06 -18.87 -30.85
C GLN E 101 -17.44 -17.58 -30.35
N TYR E 102 -17.73 -17.24 -29.10
CA TYR E 102 -17.16 -16.05 -28.49
C TYR E 102 -16.02 -16.46 -27.57
N LEU E 103 -14.92 -15.71 -27.61
CA LEU E 103 -13.80 -15.93 -26.71
C LEU E 103 -13.14 -14.63 -26.27
N GLU E 104 -13.23 -14.31 -24.99
CA GLU E 104 -12.54 -13.14 -24.45
C GLU E 104 -11.41 -13.60 -23.56
N ARG E 105 -10.57 -12.65 -23.11
CA ARG E 105 -9.54 -12.92 -22.11
C ARG E 105 -9.59 -11.90 -20.99
N PHE E 106 -10.40 -12.20 -19.98
CA PHE E 106 -10.67 -11.25 -18.92
C PHE E 106 -9.60 -11.35 -17.86
N SER E 107 -9.62 -10.36 -16.96
CA SER E 107 -8.65 -10.24 -15.90
C SER E 107 -9.44 -9.56 -14.80
N ALA E 108 -9.90 -10.35 -13.82
CA ALA E 108 -10.72 -9.80 -12.74
C ALA E 108 -10.14 -9.98 -11.33
N ARG E 109 -10.54 -9.13 -10.39
CA ARG E 109 -10.21 -9.34 -8.99
C ARG E 109 -11.43 -9.87 -8.27
N VAL E 110 -11.28 -11.08 -7.75
CA VAL E 110 -12.41 -11.86 -7.28
C VAL E 110 -12.55 -11.84 -5.76
N LEU E 111 -13.79 -11.75 -5.30
CA LEU E 111 -14.06 -11.62 -3.88
C LEU E 111 -14.73 -12.86 -3.35
N SER E 112 -13.90 -13.87 -3.06
CA SER E 112 -14.35 -15.09 -2.39
C SER E 112 -13.79 -15.15 -0.96
N PRO E 113 -14.62 -15.59 0.00
CA PRO E 113 -14.30 -15.70 1.42
C PRO E 113 -13.49 -16.96 1.75
N LEU E 114 -12.93 -17.00 2.95
CA LEU E 114 -12.05 -18.10 3.33
C LEU E 114 -12.34 -18.56 4.78
N ASP E 115 -11.99 -19.82 5.09
CA ASP E 115 -12.22 -20.41 6.41
C ASP E 115 -10.91 -20.60 7.18
N PHE E 116 -10.56 -19.61 7.98
CA PHE E 116 -9.29 -19.60 8.69
C PHE E 116 -9.27 -20.48 9.94
N ARG E 117 -10.29 -21.32 10.06
CA ARG E 117 -10.48 -22.20 11.19
C ARG E 117 -9.23 -23.02 11.50
N ARG E 118 -8.63 -23.61 10.47
CA ARG E 118 -7.42 -24.39 10.67
C ARG E 118 -6.18 -23.60 10.24
N TYR E 119 -6.35 -22.27 10.23
CA TYR E 119 -5.43 -21.32 9.56
C TYR E 119 -4.19 -21.87 8.84
N PRO E 120 -3.11 -22.15 9.59
CA PRO E 120 -1.92 -22.44 8.80
C PRO E 120 -2.12 -23.70 7.96
N PHE E 121 -3.02 -24.58 8.39
CA PHE E 121 -3.23 -25.86 7.73
C PHE E 121 -4.58 -25.92 7.04
N ASP E 122 -5.05 -24.76 6.61
CA ASP E 122 -6.39 -24.61 6.04
C ASP E 122 -6.41 -24.91 4.55
N SER E 123 -7.54 -25.41 4.09
CA SER E 123 -7.74 -25.55 2.66
C SER E 123 -8.93 -24.71 2.23
N GLN E 124 -8.73 -23.94 1.17
CA GLN E 124 -9.74 -23.01 0.71
C GLN E 124 -10.37 -23.43 -0.62
N THR E 125 -11.60 -22.99 -0.83
CA THR E 125 -12.22 -23.13 -2.13
C THR E 125 -12.70 -21.76 -2.65
N LEU E 126 -12.12 -21.32 -3.77
CA LEU E 126 -12.45 -20.02 -4.34
C LEU E 126 -13.56 -20.12 -5.39
N HIS E 127 -14.27 -19.01 -5.62
CA HIS E 127 -15.42 -18.99 -6.52
C HIS E 127 -15.41 -17.88 -7.58
N ILE E 128 -16.05 -18.20 -8.72
CA ILE E 128 -16.27 -17.23 -9.77
C ILE E 128 -17.70 -17.48 -10.22
N TYR E 129 -18.47 -16.44 -10.49
CA TYR E 129 -19.90 -16.67 -10.67
C TYR E 129 -20.62 -16.50 -12.03
N LEU E 130 -20.41 -15.43 -12.76
CA LEU E 130 -21.16 -15.32 -14.00
C LEU E 130 -22.68 -15.42 -13.96
N ILE E 131 -23.38 -14.35 -13.55
CA ILE E 131 -24.79 -14.30 -13.85
C ILE E 131 -25.05 -14.01 -15.31
N VAL E 132 -26.35 -14.18 -15.70
CA VAL E 132 -26.80 -13.64 -16.96
C VAL E 132 -28.27 -13.28 -16.82
N ARG E 133 -28.57 -12.02 -17.11
CA ARG E 133 -29.91 -11.49 -16.89
C ARG E 133 -30.78 -11.67 -18.14
N SER E 134 -31.90 -12.29 -17.98
CA SER E 134 -32.79 -12.58 -19.11
C SER E 134 -33.54 -11.35 -19.61
N VAL E 135 -34.22 -11.50 -20.75
CA VAL E 135 -35.02 -10.43 -21.34
C VAL E 135 -36.42 -10.67 -21.87
N ASP E 136 -36.52 -11.26 -23.07
CA ASP E 136 -37.81 -11.58 -23.69
C ASP E 136 -37.66 -13.03 -24.21
N THR E 137 -36.41 -13.50 -24.36
CA THR E 137 -36.08 -14.94 -24.30
C THR E 137 -35.43 -15.12 -22.93
N ARG E 138 -35.71 -16.25 -22.27
CA ARG E 138 -34.99 -16.54 -21.05
C ARG E 138 -33.58 -16.97 -21.41
N ASN E 139 -32.60 -16.54 -20.61
CA ASN E 139 -31.21 -16.98 -20.77
C ASN E 139 -30.79 -17.90 -19.65
N ILE E 140 -30.43 -19.13 -20.03
CA ILE E 140 -29.87 -20.05 -19.08
C ILE E 140 -28.40 -20.19 -19.51
N VAL E 141 -27.50 -20.03 -18.56
CA VAL E 141 -26.09 -20.38 -18.77
C VAL E 141 -25.88 -21.88 -18.57
N LEU E 142 -24.75 -22.40 -19.05
CA LEU E 142 -24.35 -23.77 -18.75
C LEU E 142 -22.90 -24.01 -19.19
N ALA E 143 -22.22 -24.97 -18.55
CA ALA E 143 -20.78 -25.14 -18.76
C ALA E 143 -20.45 -26.05 -19.94
N VAL E 144 -19.48 -25.65 -20.78
CA VAL E 144 -18.88 -26.56 -21.79
C VAL E 144 -17.48 -26.97 -21.37
N ASP E 145 -17.37 -28.17 -20.81
CA ASP E 145 -16.19 -28.65 -20.11
C ASP E 145 -14.92 -28.79 -20.97
N LEU E 146 -15.01 -28.44 -22.26
CA LEU E 146 -13.84 -28.51 -23.14
C LEU E 146 -13.11 -27.18 -23.13
N GLU E 147 -13.87 -26.15 -22.71
CA GLU E 147 -13.27 -24.84 -22.50
C GLU E 147 -13.24 -24.49 -21.02
N LYS E 148 -13.45 -25.50 -20.17
CA LYS E 148 -13.45 -25.34 -18.70
C LYS E 148 -12.33 -26.13 -18.05
N VAL E 149 -11.64 -26.95 -18.84
CA VAL E 149 -10.38 -27.55 -18.38
C VAL E 149 -9.43 -26.37 -18.18
N GLY E 150 -10.05 -25.20 -18.16
CA GLY E 150 -9.41 -23.92 -17.94
C GLY E 150 -8.59 -24.16 -16.71
N LYS E 151 -7.30 -24.26 -16.93
CA LYS E 151 -6.33 -24.18 -15.87
C LYS E 151 -5.12 -24.55 -16.70
N ASN E 152 -4.20 -23.62 -16.85
CA ASN E 152 -2.93 -23.94 -17.46
C ASN E 152 -2.08 -24.74 -16.45
N ASP E 153 -1.04 -25.38 -16.95
CA ASP E 153 -0.18 -26.19 -16.09
C ASP E 153 0.89 -25.35 -15.42
N ASP E 154 0.65 -24.05 -15.34
CA ASP E 154 1.63 -23.14 -14.76
C ASP E 154 0.94 -22.13 -13.86
N VAL E 155 -0.34 -22.36 -13.58
CA VAL E 155 -1.05 -21.47 -12.67
C VAL E 155 -0.17 -21.48 -11.41
N PHE E 156 0.00 -20.29 -10.83
CA PHE E 156 0.97 -20.09 -9.79
C PHE E 156 0.30 -20.10 -8.42
N LEU E 157 -0.23 -18.94 -8.03
CA LEU E 157 -0.77 -18.71 -6.68
C LEU E 157 0.15 -19.02 -5.49
N THR E 158 1.12 -18.13 -5.29
CA THR E 158 2.15 -18.29 -4.28
C THR E 158 1.58 -18.69 -2.93
N GLY E 159 2.28 -19.67 -2.31
CA GLY E 159 1.97 -20.09 -0.96
C GLY E 159 0.71 -20.91 -0.95
N TRP E 160 0.32 -21.38 -2.13
CA TRP E 160 -0.81 -22.28 -2.22
C TRP E 160 -0.56 -23.38 -3.24
N ASP E 161 -0.94 -24.61 -2.87
CA ASP E 161 -0.99 -25.70 -3.81
C ASP E 161 -2.39 -25.68 -4.42
N ILE E 162 -2.46 -25.76 -5.74
CA ILE E 162 -3.73 -25.69 -6.43
C ILE E 162 -4.26 -27.06 -6.77
N GLU E 163 -5.34 -27.46 -6.11
CA GLU E 163 -5.86 -28.82 -6.21
C GLU E 163 -6.65 -29.09 -7.51
N SER E 164 -7.59 -28.19 -7.84
CA SER E 164 -8.49 -28.46 -8.97
C SER E 164 -9.42 -27.31 -9.32
N PHE E 165 -9.45 -26.92 -10.60
CA PHE E 165 -10.45 -25.98 -11.13
C PHE E 165 -11.53 -26.73 -11.90
N THR E 166 -12.77 -26.56 -11.48
CA THR E 166 -13.93 -27.23 -12.09
C THR E 166 -15.17 -26.32 -11.97
N ALA E 167 -16.32 -26.79 -12.47
CA ALA E 167 -17.55 -25.98 -12.37
C ALA E 167 -18.82 -26.81 -12.10
N VAL E 168 -19.79 -26.19 -11.41
CA VAL E 168 -21.06 -26.88 -11.15
C VAL E 168 -21.98 -26.78 -12.36
N VAL E 169 -22.20 -27.92 -13.00
CA VAL E 169 -22.84 -27.93 -14.28
C VAL E 169 -24.26 -27.34 -14.23
N LYS E 170 -24.98 -27.54 -13.12
CA LYS E 170 -26.35 -27.04 -13.02
C LYS E 170 -26.39 -25.58 -12.57
N PRO E 171 -26.87 -24.68 -13.45
CA PRO E 171 -27.00 -23.28 -13.06
C PRO E 171 -28.08 -23.08 -12.00
N ALA E 172 -27.90 -22.05 -11.18
CA ALA E 172 -28.94 -21.62 -10.26
C ALA E 172 -29.74 -20.53 -10.91
N ASN E 173 -30.97 -20.84 -11.32
CA ASN E 173 -31.84 -19.85 -11.94
C ASN E 173 -32.71 -19.08 -10.93
N PHE E 174 -32.14 -17.90 -10.50
CA PHE E 174 -32.85 -16.98 -9.64
C PHE E 174 -33.88 -16.24 -10.43
N ALA E 175 -34.78 -15.57 -9.73
CA ALA E 175 -35.55 -14.47 -10.32
C ALA E 175 -35.16 -13.22 -9.53
N LEU E 176 -34.70 -12.20 -10.25
CA LEU E 176 -34.23 -10.99 -9.60
C LEU E 176 -35.05 -9.86 -10.24
N GLU E 177 -35.65 -9.02 -9.39
CA GLU E 177 -36.45 -7.89 -9.86
C GLU E 177 -37.21 -8.11 -11.16
N ASP E 178 -37.84 -9.28 -11.30
CA ASP E 178 -38.62 -9.59 -12.51
C ASP E 178 -37.92 -9.85 -13.87
N ARG E 179 -36.95 -10.77 -13.88
CA ARG E 179 -36.34 -11.26 -15.11
C ARG E 179 -35.44 -12.28 -14.42
N LEU E 180 -35.45 -13.53 -14.88
CA LEU E 180 -34.86 -14.57 -14.08
C LEU E 180 -33.40 -14.34 -14.48
N GLU E 181 -32.52 -14.60 -13.50
CA GLU E 181 -31.13 -14.64 -13.87
C GLU E 181 -30.63 -16.08 -13.77
N SER E 182 -29.52 -16.37 -14.44
CA SER E 182 -28.95 -17.71 -14.42
C SER E 182 -27.52 -17.54 -13.93
N LYS E 183 -27.18 -18.27 -12.88
CA LYS E 183 -25.86 -18.16 -12.25
C LYS E 183 -25.12 -19.50 -12.28
N LEU E 184 -23.83 -19.46 -12.58
CA LEU E 184 -23.00 -20.67 -12.65
C LEU E 184 -21.89 -20.61 -11.61
N ASP E 185 -21.50 -21.76 -11.08
CA ASP E 185 -20.50 -21.78 -10.02
C ASP E 185 -19.16 -22.42 -10.44
N TYR E 186 -18.19 -21.58 -10.76
CA TYR E 186 -16.82 -22.07 -11.05
C TYR E 186 -15.99 -22.13 -9.77
N GLN E 187 -15.34 -23.26 -9.54
CA GLN E 187 -14.67 -23.53 -8.26
C GLN E 187 -13.18 -23.80 -8.39
N LEU E 188 -12.42 -23.11 -7.54
CA LEU E 188 -10.99 -23.32 -7.45
C LEU E 188 -10.61 -23.80 -6.05
N ARG E 189 -10.07 -25.01 -5.94
CA ARG E 189 -9.76 -25.58 -4.63
C ARG E 189 -8.24 -25.51 -4.36
N ILE E 190 -7.89 -25.03 -3.17
CA ILE E 190 -6.49 -24.79 -2.84
C ILE E 190 -6.11 -25.16 -1.41
N SER E 191 -4.95 -25.80 -1.25
CA SER E 191 -4.40 -26.12 0.05
C SER E 191 -3.33 -25.11 0.33
N ARG E 192 -3.28 -24.58 1.55
CA ARG E 192 -2.19 -23.69 1.89
C ARG E 192 -0.86 -24.43 2.02
N GLN E 193 0.21 -23.74 1.64
CA GLN E 193 1.57 -24.22 1.84
C GLN E 193 2.02 -23.81 3.22
N TYR E 194 1.88 -24.74 4.16
CA TYR E 194 2.01 -24.45 5.59
C TYR E 194 3.45 -24.56 6.04
N PHE E 195 4.28 -25.22 5.23
CA PHE E 195 5.68 -25.42 5.56
C PHE E 195 6.37 -24.22 6.23
N SER E 196 6.44 -23.11 5.51
CA SER E 196 7.19 -21.96 5.98
C SER E 196 6.74 -21.48 7.38
N TYR E 197 5.49 -21.74 7.77
CA TYR E 197 4.99 -21.25 9.04
C TYR E 197 5.68 -21.96 10.20
N ILE E 198 6.40 -23.03 9.89
CA ILE E 198 7.07 -23.82 10.92
C ILE E 198 8.38 -23.18 11.40
N PRO E 199 9.37 -23.01 10.49
CA PRO E 199 10.66 -22.42 10.83
C PRO E 199 10.52 -20.95 11.20
N ASN E 200 9.40 -20.35 10.81
CA ASN E 200 9.24 -18.92 10.94
C ASN E 200 8.27 -18.47 12.01
N ILE E 201 7.33 -19.34 12.37
CA ILE E 201 6.37 -19.01 13.43
C ILE E 201 6.29 -20.06 14.53
N ILE E 202 5.87 -21.27 14.18
CA ILE E 202 5.63 -22.31 15.18
C ILE E 202 6.87 -22.61 16.02
N LEU E 203 7.94 -23.02 15.35
CA LEU E 203 9.16 -23.36 16.09
C LEU E 203 9.67 -22.18 16.89
N PRO E 204 10.00 -21.07 16.21
CA PRO E 204 10.55 -19.95 16.99
C PRO E 204 9.68 -19.71 18.21
N MET E 205 8.39 -19.87 18.04
CA MET E 205 7.43 -19.60 19.09
C MET E 205 7.59 -20.57 20.26
N LEU E 206 7.69 -21.86 19.95
CA LEU E 206 7.86 -22.89 20.97
C LEU E 206 9.14 -22.71 21.79
N PHE E 207 10.24 -22.46 21.10
CA PHE E 207 11.52 -22.17 21.75
C PHE E 207 11.40 -21.14 22.87
N ILE E 208 10.95 -19.94 22.54
CA ILE E 208 10.79 -18.91 23.56
C ILE E 208 9.93 -19.38 24.73
N LEU E 209 9.08 -20.36 24.50
CA LEU E 209 8.20 -20.87 25.56
C LEU E 209 9.01 -21.72 26.51
N PHE E 210 9.92 -22.51 25.93
CA PHE E 210 10.73 -23.44 26.72
C PHE E 210 11.74 -22.69 27.59
N ILE E 211 12.60 -21.90 26.96
CA ILE E 211 13.43 -20.97 27.68
C ILE E 211 12.66 -20.33 28.84
N SER E 212 11.41 -19.93 28.59
CA SER E 212 10.61 -19.26 29.60
C SER E 212 10.73 -20.02 30.90
N TRP E 213 10.61 -21.33 30.79
CA TRP E 213 10.42 -22.11 31.99
C TRP E 213 11.62 -22.98 32.40
N THR E 214 12.80 -22.59 31.94
CA THR E 214 14.01 -22.97 32.63
C THR E 214 13.99 -22.31 34.03
N ALA E 215 13.09 -21.33 34.22
CA ALA E 215 12.90 -20.68 35.51
C ALA E 215 12.45 -21.68 36.58
N PHE E 216 12.25 -22.91 36.14
CA PHE E 216 11.87 -23.98 37.02
C PHE E 216 13.10 -24.73 37.51
N TRP E 217 14.27 -24.31 37.06
CA TRP E 217 15.55 -24.88 37.48
C TRP E 217 16.43 -23.73 37.97
N SER E 218 15.79 -22.58 38.15
CA SER E 218 16.45 -21.43 38.70
C SER E 218 15.75 -21.16 40.00
N THR E 219 16.38 -20.31 40.80
CA THR E 219 15.88 -20.04 42.13
C THR E 219 16.00 -18.54 42.37
N SER E 220 16.58 -17.85 41.41
CA SER E 220 16.66 -16.40 41.46
C SER E 220 15.45 -15.77 40.81
N TYR E 221 14.53 -15.30 41.65
CA TYR E 221 13.41 -14.50 41.23
C TYR E 221 13.90 -13.43 40.22
N ASP E 222 14.98 -12.71 40.56
CA ASP E 222 15.45 -11.63 39.70
C ASP E 222 15.80 -12.10 38.29
N ALA E 223 16.37 -13.30 38.18
CA ALA E 223 16.74 -13.82 36.88
C ALA E 223 15.66 -14.70 36.34
N ASN E 224 14.61 -14.89 37.13
CA ASN E 224 13.46 -15.65 36.66
C ASN E 224 12.40 -14.73 36.10
N VAL E 225 12.33 -13.49 36.58
CA VAL E 225 11.47 -12.54 35.90
C VAL E 225 12.20 -12.10 34.62
N THR E 226 13.44 -11.60 34.76
CA THR E 226 14.22 -11.17 33.60
C THR E 226 14.10 -12.25 32.55
N LEU E 227 13.97 -13.48 32.99
CA LEU E 227 13.79 -14.59 32.07
C LEU E 227 12.34 -14.71 31.57
N VAL E 228 11.43 -15.22 32.40
CA VAL E 228 10.02 -15.42 32.02
C VAL E 228 9.34 -14.20 31.39
N VAL E 229 9.57 -13.02 31.95
CA VAL E 229 8.97 -11.82 31.37
C VAL E 229 9.55 -11.50 29.99
N SER E 230 10.87 -11.47 29.85
CA SER E 230 11.49 -11.23 28.55
C SER E 230 10.92 -12.15 27.46
N THR E 231 10.77 -13.43 27.76
CA THR E 231 10.23 -14.38 26.78
C THR E 231 8.78 -14.05 26.42
N LEU E 232 7.98 -13.67 27.40
CA LEU E 232 6.58 -13.28 27.16
C LEU E 232 6.48 -12.18 26.09
N ILE E 233 7.27 -11.13 26.26
CA ILE E 233 7.38 -10.09 25.27
C ILE E 233 7.51 -10.69 23.85
N ALA E 234 8.54 -11.51 23.62
CA ALA E 234 8.79 -12.08 22.30
C ALA E 234 7.59 -12.83 21.73
N HIS E 235 6.81 -13.43 22.61
CA HIS E 235 5.64 -14.15 22.17
C HIS E 235 4.63 -13.19 21.58
N ILE E 236 4.52 -12.01 22.18
CA ILE E 236 3.67 -10.99 21.60
C ILE E 236 4.18 -10.59 20.22
N ALA E 237 5.50 -10.55 20.06
CA ALA E 237 6.06 -10.11 18.78
C ALA E 237 5.57 -11.10 17.78
N PHE E 238 5.42 -12.33 18.22
CA PHE E 238 4.87 -13.36 17.33
C PHE E 238 3.35 -13.31 17.27
N ASN E 239 2.71 -13.21 18.42
CA ASN E 239 1.26 -13.04 18.45
C ASN E 239 0.86 -11.95 17.46
N ILE E 240 1.46 -10.76 17.60
CA ILE E 240 1.17 -9.62 16.74
C ILE E 240 1.51 -9.88 15.28
N LEU E 241 2.72 -10.39 15.03
CA LEU E 241 3.12 -10.77 13.68
C LEU E 241 2.07 -11.58 12.94
N VAL E 242 1.49 -12.55 13.61
CA VAL E 242 0.52 -13.42 12.97
C VAL E 242 -0.81 -12.69 12.74
N GLU E 243 -1.26 -12.03 13.83
CA GLU E 243 -2.55 -11.35 13.91
C GLU E 243 -2.66 -10.25 12.85
N THR E 244 -1.58 -10.05 12.14
CA THR E 244 -1.54 -9.12 11.02
C THR E 244 -2.04 -9.68 9.68
N ASN E 245 -1.36 -10.70 9.15
CA ASN E 245 -1.74 -11.33 7.88
C ASN E 245 -3.00 -12.18 8.04
N LEU E 246 -4.02 -11.63 8.69
CA LEU E 246 -5.16 -12.41 9.14
C LEU E 246 -6.29 -11.51 9.61
N PRO E 247 -7.46 -11.64 8.95
CA PRO E 247 -8.68 -10.84 9.19
C PRO E 247 -9.33 -11.09 10.56
N LYS E 248 -10.22 -10.20 10.97
CA LYS E 248 -10.90 -10.39 12.25
C LYS E 248 -12.04 -11.39 12.08
N THR E 249 -11.67 -12.65 11.96
CA THR E 249 -12.61 -13.76 12.12
C THR E 249 -13.47 -13.60 13.37
N PRO E 250 -14.77 -13.88 13.26
CA PRO E 250 -15.68 -13.77 14.41
C PRO E 250 -15.61 -15.06 15.20
N TYR E 251 -14.64 -15.89 14.84
CA TYR E 251 -14.54 -17.26 15.33
C TYR E 251 -13.09 -17.53 15.69
N MET E 252 -12.81 -18.65 16.34
CA MET E 252 -11.45 -18.89 16.79
C MET E 252 -10.59 -19.66 15.80
N THR E 253 -9.49 -19.04 15.41
CA THR E 253 -8.58 -19.64 14.46
C THR E 253 -7.66 -20.62 15.18
N TYR E 254 -7.46 -21.81 14.64
CA TYR E 254 -6.61 -22.81 15.30
C TYR E 254 -5.31 -22.20 15.77
N THR E 255 -4.51 -21.68 14.84
CA THR E 255 -3.24 -21.08 15.22
C THR E 255 -3.39 -20.05 16.33
N GLY E 256 -4.51 -19.34 16.36
CA GLY E 256 -4.68 -18.29 17.34
C GLY E 256 -5.16 -18.85 18.66
N ALA E 257 -5.58 -20.10 18.61
CA ALA E 257 -5.95 -20.84 19.80
C ALA E 257 -4.68 -21.13 20.56
N ILE E 258 -3.81 -21.92 19.93
CA ILE E 258 -2.55 -22.28 20.54
C ILE E 258 -1.70 -21.04 20.82
N ILE E 259 -1.81 -20.02 19.99
CA ILE E 259 -1.07 -18.78 20.24
C ILE E 259 -1.57 -18.08 21.49
N PHE E 260 -2.75 -18.48 21.93
CA PHE E 260 -3.38 -17.84 23.06
C PHE E 260 -3.34 -18.77 24.26
N MET E 261 -3.49 -20.07 24.00
CA MET E 261 -3.32 -21.06 25.06
C MET E 261 -2.00 -20.71 25.72
N ILE E 262 -0.99 -20.43 24.88
CA ILE E 262 0.33 -20.10 25.38
C ILE E 262 0.33 -19.05 26.47
N TYR E 263 -0.37 -17.94 26.27
CA TYR E 263 -0.33 -16.85 27.24
C TYR E 263 -0.54 -17.37 28.66
N LEU E 264 -1.40 -18.37 28.81
CA LEU E 264 -1.67 -18.95 30.13
C LEU E 264 -0.42 -19.61 30.75
N PHE E 265 0.31 -20.36 29.94
CA PHE E 265 1.52 -21.02 30.37
C PHE E 265 2.62 -20.04 30.74
N TYR E 266 2.46 -18.80 30.29
CA TYR E 266 3.38 -17.74 30.67
C TYR E 266 2.88 -17.15 31.98
N PHE E 267 1.56 -17.19 32.13
CA PHE E 267 0.94 -16.59 33.29
C PHE E 267 1.19 -17.41 34.54
N VAL E 268 0.75 -18.65 34.52
CA VAL E 268 0.98 -19.52 35.67
C VAL E 268 2.48 -19.67 35.92
N ALA E 269 3.28 -19.78 34.85
CA ALA E 269 4.73 -19.76 34.98
C ALA E 269 5.13 -18.63 35.91
N VAL E 270 4.77 -17.40 35.56
CA VAL E 270 4.99 -16.28 36.46
C VAL E 270 4.45 -16.62 37.85
N ILE E 271 3.17 -16.95 37.95
CA ILE E 271 2.59 -17.31 39.26
C ILE E 271 3.53 -18.18 40.10
N GLU E 272 3.91 -19.33 39.54
CA GLU E 272 4.89 -20.18 40.20
C GLU E 272 6.14 -19.38 40.59
N VAL E 273 6.89 -18.81 39.63
CA VAL E 273 8.17 -18.20 40.06
C VAL E 273 7.88 -17.26 41.21
N THR E 274 6.75 -16.54 41.11
CA THR E 274 6.32 -15.62 42.15
C THR E 274 6.03 -16.33 43.47
N VAL E 275 5.43 -17.51 43.37
CA VAL E 275 5.11 -18.33 44.54
C VAL E 275 6.34 -19.03 45.11
N GLN E 276 7.05 -19.78 44.28
CA GLN E 276 8.34 -20.36 44.66
C GLN E 276 9.25 -19.27 45.22
N HIS E 277 8.76 -18.03 45.27
CA HIS E 277 9.48 -16.98 45.94
C HIS E 277 8.84 -16.52 47.24
N TYR E 278 7.51 -16.35 47.25
CA TYR E 278 6.84 -15.98 48.51
C TYR E 278 7.01 -17.12 49.50
N LEU E 279 7.05 -18.35 49.00
CA LEU E 279 7.30 -19.52 49.86
C LEU E 279 8.72 -19.56 50.33
N LYS E 280 9.64 -19.52 49.37
CA LYS E 280 11.07 -19.57 49.67
C LYS E 280 11.48 -18.48 50.65
N VAL E 281 10.69 -17.41 50.79
CA VAL E 281 11.04 -16.35 51.73
C VAL E 281 10.20 -16.43 52.98
N GLU E 282 9.04 -17.09 52.89
CA GLU E 282 8.27 -17.40 54.10
C GLU E 282 8.89 -18.62 54.82
N SER E 283 10.22 -18.71 54.76
CA SER E 283 10.96 -19.82 55.33
C SER E 283 10.23 -21.15 55.26
N GLN E 284 9.85 -21.57 54.05
CA GLN E 284 9.19 -22.84 53.84
C GLN E 284 9.64 -23.38 52.49
N PRO E 285 10.97 -23.46 52.28
CA PRO E 285 11.51 -23.96 51.01
C PRO E 285 11.16 -25.42 50.89
N ALA E 286 10.80 -26.02 52.01
CA ALA E 286 10.19 -27.33 52.03
C ALA E 286 9.18 -27.44 50.88
N ARG E 287 8.33 -26.43 50.78
CA ARG E 287 7.27 -26.39 49.78
C ARG E 287 7.78 -25.83 48.46
N ALA E 288 8.37 -24.65 48.51
CA ALA E 288 8.85 -23.96 47.32
C ALA E 288 9.56 -24.88 46.33
N ALA E 289 10.62 -25.54 46.78
CA ALA E 289 11.39 -26.42 45.91
C ALA E 289 10.68 -27.75 45.73
N SER E 290 9.44 -27.81 46.22
CA SER E 290 8.56 -28.92 45.91
C SER E 290 7.74 -28.50 44.69
N ILE E 291 7.23 -27.28 44.75
CA ILE E 291 6.52 -26.69 43.63
C ILE E 291 7.40 -26.62 42.39
N THR E 292 8.39 -25.72 42.38
CA THR E 292 9.38 -25.68 41.29
C THR E 292 9.74 -27.10 40.84
N ARG E 293 9.91 -28.01 41.80
CA ARG E 293 10.19 -29.40 41.50
C ARG E 293 9.15 -29.98 40.53
N ALA E 294 7.88 -29.68 40.77
CA ALA E 294 6.77 -30.25 39.99
C ALA E 294 6.46 -29.42 38.77
N SER E 295 6.42 -28.11 38.95
CA SER E 295 6.23 -27.18 37.84
C SER E 295 7.01 -27.69 36.63
N ARG E 296 8.27 -28.04 36.86
CA ARG E 296 9.15 -28.46 35.77
C ARG E 296 8.71 -29.75 35.08
N ILE E 297 7.59 -30.31 35.55
CA ILE E 297 7.00 -31.50 34.93
C ILE E 297 5.59 -31.19 34.44
N ALA E 298 4.81 -30.52 35.29
CA ALA E 298 3.40 -30.26 34.99
C ALA E 298 3.23 -29.48 33.69
N PHE E 299 3.93 -28.36 33.58
CA PHE E 299 3.79 -27.49 32.45
C PHE E 299 3.98 -28.18 31.10
N PRO E 300 5.16 -28.76 30.86
CA PRO E 300 5.38 -29.44 29.59
C PRO E 300 4.28 -30.46 29.30
N VAL E 301 3.88 -31.21 30.31
CA VAL E 301 2.78 -32.16 30.14
C VAL E 301 1.48 -31.46 29.78
N VAL E 302 0.93 -30.76 30.73
CA VAL E 302 -0.34 -30.07 30.52
C VAL E 302 -0.39 -29.30 29.18
N PHE E 303 0.78 -28.86 28.72
CA PHE E 303 0.90 -28.22 27.42
C PHE E 303 0.71 -29.23 26.29
N LEU E 304 1.68 -30.11 26.14
CA LEU E 304 1.59 -31.21 25.17
C LEU E 304 0.24 -31.93 25.27
N LEU E 305 -0.37 -31.82 26.47
CA LEU E 305 -1.66 -32.44 26.67
C LEU E 305 -2.71 -31.58 26.03
N ALA E 306 -2.74 -30.31 26.44
CA ALA E 306 -3.68 -29.33 25.91
C ALA E 306 -3.60 -29.20 24.38
N ASN E 307 -2.39 -29.32 23.83
CA ASN E 307 -2.21 -29.28 22.38
C ASN E 307 -2.79 -30.47 21.63
N ILE E 308 -2.68 -31.64 22.23
CA ILE E 308 -3.37 -32.79 21.70
C ILE E 308 -4.86 -32.48 21.80
N ILE E 309 -5.28 -31.99 22.95
CA ILE E 309 -6.67 -31.62 23.13
C ILE E 309 -7.09 -30.62 22.08
N LEU E 310 -6.30 -29.57 21.95
CA LEU E 310 -6.58 -28.52 20.99
C LEU E 310 -6.49 -29.04 19.56
N ALA E 311 -5.29 -29.42 19.15
CA ALA E 311 -5.09 -30.00 17.83
C ALA E 311 -6.28 -30.89 17.46
N PHE E 312 -6.61 -31.82 18.35
CA PHE E 312 -7.71 -32.73 18.09
C PHE E 312 -9.00 -31.92 17.90
N LEU E 313 -9.31 -31.12 18.90
CA LEU E 313 -10.51 -30.31 18.89
C LEU E 313 -10.77 -29.59 17.55
N PHE E 314 -9.71 -29.26 16.81
CA PHE E 314 -9.82 -28.53 15.55
C PHE E 314 -9.83 -29.43 14.32
N PHE E 315 -8.70 -30.07 14.04
CA PHE E 315 -8.58 -30.97 12.90
C PHE E 315 -9.31 -32.29 13.07
N GLY E 316 -9.29 -32.83 14.29
CA GLY E 316 -9.86 -34.15 14.56
C GLY E 316 -11.38 -34.16 14.58
N PHE E 317 -11.99 -32.99 14.40
CA PHE E 317 -13.44 -32.86 14.39
C PHE E 317 -13.96 -32.21 13.10
AS ARS F . 14.79 -6.16 28.93
#